data_1ZDX
#
_entry.id   1ZDX
#
_entity_poly.entity_id   1
_entity_poly.type   'polypeptide(L)'
_entity_poly.pdbx_seq_one_letter_code
;GQELPPGTYRVDIYLNNGYMATRDVTFNTGDSEQGIVPCLTRAQLASMGLNTASVAGMNLLADDACVPLTTMVQDATAHL
DVGQQRLNLTIPQAFMSNRAR
;
_entity_poly.pdbx_strand_id   A
#
# COMPACT_ATOMS: atom_id res chain seq x y z
N GLY A 1 7.49 -13.77 10.41
CA GLY A 1 8.22 -14.15 9.19
C GLY A 1 7.22 -14.34 8.08
N GLN A 2 7.33 -15.44 7.31
CA GLN A 2 6.21 -15.85 6.47
C GLN A 2 5.18 -16.47 7.40
N GLU A 3 4.01 -15.84 7.48
CA GLU A 3 2.90 -16.35 8.27
C GLU A 3 1.55 -16.17 7.57
N LEU A 4 1.58 -15.87 6.28
CA LEU A 4 0.42 -15.80 5.39
C LEU A 4 0.87 -16.04 3.95
N PRO A 5 0.59 -17.20 3.34
CA PRO A 5 0.96 -17.48 1.95
C PRO A 5 0.16 -16.58 0.99
N PRO A 6 0.61 -16.36 -0.27
CA PRO A 6 0.12 -15.27 -1.13
C PRO A 6 -1.33 -15.47 -1.63
N GLY A 7 -1.89 -14.52 -2.41
CA GLY A 7 -3.30 -14.52 -2.85
C GLY A 7 -3.88 -13.11 -3.07
N THR A 8 -5.20 -12.94 -2.92
CA THR A 8 -5.90 -11.65 -2.80
C THR A 8 -6.91 -11.68 -1.66
N TYR A 9 -7.12 -10.55 -0.94
CA TYR A 9 -8.00 -10.44 0.23
C TYR A 9 -8.91 -9.23 0.08
N ARG A 10 -10.23 -9.40 0.30
CA ARG A 10 -11.24 -8.35 0.33
C ARG A 10 -11.16 -7.65 1.69
N VAL A 11 -10.79 -6.37 1.70
CA VAL A 11 -10.47 -5.59 2.90
C VAL A 11 -10.70 -4.09 2.64
N ASP A 12 -10.52 -3.27 3.67
CA ASP A 12 -10.67 -1.82 3.61
C ASP A 12 -9.29 -1.20 3.79
N ILE A 13 -8.76 -0.50 2.79
CA ILE A 13 -7.51 0.26 2.86
C ILE A 13 -7.71 1.37 3.89
N TYR A 14 -6.85 1.44 4.92
CA TYR A 14 -6.88 2.46 5.97
C TYR A 14 -5.55 3.17 6.00
N LEU A 15 -5.36 4.22 5.20
CA LEU A 15 -4.15 5.01 5.20
C LEU A 15 -4.19 5.98 6.34
N ASN A 16 -3.13 6.03 7.16
CA ASN A 16 -2.97 6.97 8.27
C ASN A 16 -4.24 6.97 9.12
N ASN A 17 -4.73 5.76 9.41
CA ASN A 17 -5.95 5.48 10.15
C ASN A 17 -7.18 6.15 9.55
N GLY A 18 -7.28 6.21 8.23
CA GLY A 18 -8.36 6.82 7.47
C GLY A 18 -8.71 5.86 6.33
N TYR A 19 -9.94 5.36 6.36
CA TYR A 19 -10.52 4.55 5.29
C TYR A 19 -10.38 5.28 3.95
N MET A 20 -9.84 4.59 2.94
CA MET A 20 -9.66 5.07 1.57
C MET A 20 -10.63 4.34 0.63
N ALA A 21 -10.49 3.01 0.50
CA ALA A 21 -11.27 2.22 -0.45
C ALA A 21 -11.51 0.82 0.09
N THR A 22 -12.52 0.15 -0.45
CA THR A 22 -12.88 -1.23 -0.14
C THR A 22 -12.75 -2.00 -1.44
N ARG A 23 -11.98 -3.08 -1.45
CA ARG A 23 -11.77 -3.91 -2.63
C ARG A 23 -11.01 -5.15 -2.22
N ASP A 24 -10.83 -6.05 -3.17
CA ASP A 24 -9.78 -7.04 -3.08
C ASP A 24 -8.45 -6.37 -3.42
N VAL A 25 -7.38 -6.86 -2.80
CA VAL A 25 -6.05 -6.33 -2.90
C VAL A 25 -5.17 -7.59 -3.02
N THR A 26 -4.69 -7.87 -4.22
CA THR A 26 -3.75 -8.96 -4.43
C THR A 26 -2.48 -8.61 -3.65
N PHE A 27 -1.82 -9.57 -3.02
CA PHE A 27 -0.51 -9.48 -2.42
C PHE A 27 0.52 -10.36 -3.16
N ASN A 28 1.82 -10.08 -3.00
CA ASN A 28 2.94 -10.92 -3.42
C ASN A 28 3.85 -11.13 -2.21
N THR A 29 4.65 -12.21 -2.23
CA THR A 29 5.51 -12.58 -1.12
C THR A 29 6.56 -11.48 -0.91
N GLY A 30 7.03 -11.30 0.33
CA GLY A 30 7.78 -10.12 0.71
C GLY A 30 8.37 -10.25 2.09
N ASP A 31 8.79 -9.11 2.64
CA ASP A 31 9.49 -8.97 3.90
C ASP A 31 8.72 -7.91 4.67
N SER A 32 8.12 -8.27 5.81
CA SER A 32 7.35 -7.51 6.79
C SER A 32 6.58 -8.52 7.65
N GLU A 33 5.81 -8.05 8.64
CA GLU A 33 4.98 -8.79 9.59
C GLU A 33 4.50 -10.15 9.07
N GLN A 34 3.67 -10.12 8.02
CA GLN A 34 2.96 -11.27 7.45
C GLN A 34 3.81 -12.10 6.47
N GLY A 35 4.88 -11.51 5.95
CA GLY A 35 5.73 -12.12 4.92
C GLY A 35 5.19 -11.93 3.49
N ILE A 36 4.21 -11.06 3.30
CA ILE A 36 3.54 -10.72 2.05
C ILE A 36 3.20 -9.22 2.05
N VAL A 37 3.05 -8.57 0.89
CA VAL A 37 2.58 -7.16 0.78
C VAL A 37 1.61 -6.99 -0.42
N PRO A 38 0.64 -6.05 -0.36
CA PRO A 38 -0.33 -5.77 -1.42
C PRO A 38 0.30 -5.15 -2.69
N CYS A 39 -0.34 -5.44 -3.83
CA CYS A 39 -0.01 -5.08 -5.21
C CYS A 39 -0.60 -3.70 -5.51
N LEU A 40 -0.12 -2.69 -4.80
CA LEU A 40 -0.68 -1.34 -4.90
C LEU A 40 -0.05 -0.68 -6.12
N THR A 41 -0.85 0.02 -6.92
CA THR A 41 -0.44 0.49 -8.22
C THR A 41 -0.20 2.00 -8.19
N ARG A 42 0.29 2.61 -9.29
CA ARG A 42 0.40 4.06 -9.29
C ARG A 42 -0.92 4.74 -9.00
N ALA A 43 -1.98 4.33 -9.71
CA ALA A 43 -3.30 4.91 -9.51
C ALA A 43 -3.75 4.75 -8.07
N GLN A 44 -3.72 3.52 -7.54
CA GLN A 44 -4.24 3.17 -6.23
C GLN A 44 -3.55 4.00 -5.15
N LEU A 45 -2.22 4.12 -5.25
CA LEU A 45 -1.42 4.86 -4.30
C LEU A 45 -1.72 6.34 -4.43
N ALA A 46 -1.56 6.88 -5.64
CA ALA A 46 -1.81 8.29 -5.88
C ALA A 46 -3.26 8.68 -5.55
N SER A 47 -4.17 7.71 -5.47
CA SER A 47 -5.56 7.97 -5.11
C SER A 47 -5.62 8.44 -3.66
N MET A 48 -4.89 7.78 -2.74
CA MET A 48 -4.79 8.20 -1.34
C MET A 48 -4.00 9.51 -1.20
N GLY A 49 -3.51 10.10 -2.29
CA GLY A 49 -2.64 11.26 -2.24
C GLY A 49 -1.17 10.86 -2.07
N LEU A 50 -0.77 9.59 -2.29
CA LEU A 50 0.65 9.23 -2.29
C LEU A 50 1.36 10.07 -3.36
N ASN A 51 2.42 10.75 -2.96
CA ASN A 51 3.18 11.65 -3.83
C ASN A 51 4.24 10.87 -4.60
N THR A 52 3.91 10.39 -5.79
CA THR A 52 4.85 9.66 -6.63
C THR A 52 6.04 10.53 -7.02
N ALA A 53 5.87 11.86 -7.11
CA ALA A 53 6.97 12.75 -7.45
C ALA A 53 7.96 12.91 -6.29
N SER A 54 7.62 12.51 -5.06
CA SER A 54 8.59 12.54 -3.96
C SER A 54 9.61 11.39 -4.08
N VAL A 55 9.45 10.45 -5.01
CA VAL A 55 10.21 9.23 -5.06
C VAL A 55 10.59 9.00 -6.52
N ALA A 56 11.75 9.54 -6.91
CA ALA A 56 12.27 9.54 -8.27
C ALA A 56 12.53 8.10 -8.71
N GLY A 57 11.57 7.53 -9.43
CA GLY A 57 11.52 6.10 -9.72
C GLY A 57 10.12 5.51 -9.49
N MET A 58 9.18 6.25 -8.94
CA MET A 58 7.78 5.84 -8.81
C MET A 58 6.93 6.45 -9.91
N ASN A 59 7.25 7.68 -10.29
CA ASN A 59 6.43 8.50 -11.15
C ASN A 59 6.53 8.17 -12.65
N LEU A 60 7.07 7.00 -12.99
CA LEU A 60 7.33 6.50 -14.33
C LEU A 60 6.79 5.09 -14.57
N LEU A 61 6.26 4.40 -13.55
CA LEU A 61 5.84 3.00 -13.65
C LEU A 61 4.34 2.85 -13.85
N ALA A 62 3.90 1.60 -14.07
CA ALA A 62 2.58 1.36 -14.58
C ALA A 62 1.49 1.70 -13.56
N ASP A 63 0.32 2.10 -14.05
CA ASP A 63 -0.87 2.36 -13.24
C ASP A 63 -1.53 1.08 -12.75
N ASP A 64 -1.01 -0.09 -13.14
CA ASP A 64 -1.33 -1.38 -12.54
C ASP A 64 0.00 -2.14 -12.30
N ALA A 65 1.07 -1.46 -11.90
CA ALA A 65 2.30 -2.11 -11.42
C ALA A 65 2.07 -2.66 -10.02
N CYS A 66 2.84 -3.66 -9.60
CA CYS A 66 2.97 -4.00 -8.19
C CYS A 66 4.05 -3.07 -7.63
N VAL A 67 3.70 -1.82 -7.32
CA VAL A 67 4.68 -0.82 -6.93
C VAL A 67 5.32 -1.28 -5.61
N PRO A 68 6.65 -1.17 -5.47
CA PRO A 68 7.34 -1.38 -4.21
C PRO A 68 7.11 -0.19 -3.29
N LEU A 69 5.88 0.05 -2.88
CA LEU A 69 5.53 1.13 -1.98
C LEU A 69 6.42 1.06 -0.75
N THR A 70 6.53 -0.07 -0.06
CA THR A 70 7.22 -0.08 1.23
C THR A 70 8.68 -0.52 1.07
N THR A 71 9.24 -0.48 -0.15
CA THR A 71 10.66 -0.74 -0.40
C THR A 71 11.29 0.43 -1.17
N MET A 72 10.51 1.27 -1.86
CA MET A 72 10.97 2.52 -2.45
C MET A 72 10.61 3.71 -1.57
N VAL A 73 9.55 3.59 -0.75
CA VAL A 73 9.23 4.52 0.29
C VAL A 73 9.63 3.88 1.61
N GLN A 74 10.14 4.69 2.53
CA GLN A 74 10.44 4.31 3.89
C GLN A 74 9.25 4.72 4.76
N ASP A 75 9.14 4.15 5.97
CA ASP A 75 8.23 4.51 7.06
C ASP A 75 6.76 4.12 6.80
N ALA A 76 6.36 4.08 5.52
CA ALA A 76 5.10 3.50 5.11
C ALA A 76 5.10 2.00 5.37
N THR A 77 3.91 1.42 5.39
CA THR A 77 3.68 0.01 5.60
C THR A 77 2.31 -0.33 4.99
N ALA A 78 1.97 -1.61 4.82
CA ALA A 78 0.65 -2.09 4.42
C ALA A 78 0.34 -3.41 5.17
N HIS A 79 0.00 -3.28 6.44
CA HIS A 79 -0.42 -4.34 7.36
C HIS A 79 -1.84 -4.77 6.98
N LEU A 80 -1.99 -5.98 6.44
CA LEU A 80 -3.31 -6.58 6.25
C LEU A 80 -3.68 -7.09 7.63
N ASP A 81 -4.64 -6.45 8.27
CA ASP A 81 -5.38 -7.04 9.38
C ASP A 81 -6.43 -7.94 8.75
N VAL A 82 -6.22 -9.25 8.66
CA VAL A 82 -7.28 -10.16 8.26
C VAL A 82 -8.41 -10.16 9.28
N GLY A 83 -8.09 -10.28 10.57
CA GLY A 83 -9.04 -10.38 11.67
C GLY A 83 -10.11 -9.29 11.63
N GLN A 84 -9.74 -8.06 11.27
CA GLN A 84 -10.66 -6.95 11.12
C GLN A 84 -10.86 -6.52 9.65
N GLN A 85 -10.29 -7.25 8.69
CA GLN A 85 -10.34 -6.97 7.26
C GLN A 85 -9.95 -5.51 6.95
N ARG A 86 -8.93 -5.04 7.66
CA ARG A 86 -8.53 -3.64 7.65
C ARG A 86 -7.08 -3.54 7.25
N LEU A 87 -6.85 -3.15 6.00
CA LEU A 87 -5.54 -3.05 5.42
C LEU A 87 -4.94 -1.74 5.92
N ASN A 88 -4.46 -1.82 7.17
CA ASN A 88 -3.75 -0.82 7.95
C ASN A 88 -2.59 -0.35 7.12
N LEU A 89 -2.57 0.94 6.84
CA LEU A 89 -1.61 1.53 5.94
C LEU A 89 -1.08 2.80 6.58
N THR A 90 0.15 3.14 6.23
CA THR A 90 0.76 4.40 6.61
C THR A 90 1.52 4.91 5.40
N ILE A 91 1.66 6.23 5.28
CA ILE A 91 2.64 6.89 4.46
C ILE A 91 3.18 8.08 5.26
N PRO A 92 4.51 8.32 5.27
CA PRO A 92 5.13 9.51 5.84
C PRO A 92 4.65 10.75 5.07
N GLN A 93 4.41 11.85 5.78
CA GLN A 93 3.92 13.11 5.18
C GLN A 93 4.75 13.58 3.99
N ALA A 94 6.06 13.31 4.01
CA ALA A 94 6.97 13.55 2.90
C ALA A 94 6.42 13.00 1.58
N PHE A 95 5.92 11.76 1.57
CA PHE A 95 5.42 11.12 0.36
C PHE A 95 3.89 11.34 0.26
N MET A 96 3.37 12.51 0.64
CA MET A 96 1.95 12.85 0.50
C MET A 96 1.85 14.15 -0.29
N SER A 97 0.83 14.24 -1.14
CA SER A 97 0.72 15.34 -2.09
C SER A 97 0.40 16.64 -1.35
N ASN A 98 -0.60 16.59 -0.46
CA ASN A 98 -1.07 17.65 0.43
C ASN A 98 -2.34 17.22 1.16
N ARG A 99 -3.11 16.31 0.54
CA ARG A 99 -4.41 15.84 1.01
C ARG A 99 -4.46 14.33 0.81
N ALA A 100 -4.78 13.59 1.87
CA ALA A 100 -5.13 12.19 1.79
C ALA A 100 -6.61 12.07 2.13
N ARG A 101 -7.47 12.05 1.11
CA ARG A 101 -8.92 12.19 1.30
C ARG A 101 -9.59 10.84 1.16
N GLY A 1 11.21 -13.23 6.96
CA GLY A 1 9.98 -13.19 7.74
C GLY A 1 8.80 -13.54 6.85
N GLN A 2 8.04 -14.57 7.20
CA GLN A 2 7.03 -15.18 6.34
C GLN A 2 6.11 -16.04 7.22
N GLU A 3 4.83 -15.68 7.36
CA GLU A 3 3.86 -16.44 8.15
C GLU A 3 2.45 -16.51 7.53
N LEU A 4 2.31 -16.14 6.27
CA LEU A 4 1.05 -16.04 5.54
C LEU A 4 1.33 -16.09 4.02
N PRO A 5 0.87 -17.13 3.29
CA PRO A 5 1.21 -17.32 1.88
C PRO A 5 0.39 -16.41 0.95
N PRO A 6 0.96 -16.00 -0.22
CA PRO A 6 0.40 -14.97 -1.10
C PRO A 6 -0.96 -15.34 -1.73
N GLY A 7 -1.61 -14.37 -2.39
CA GLY A 7 -3.03 -14.51 -2.74
C GLY A 7 -3.73 -13.18 -3.04
N THR A 8 -5.01 -13.05 -2.67
CA THR A 8 -5.72 -11.78 -2.64
C THR A 8 -6.69 -11.82 -1.46
N TYR A 9 -6.81 -10.71 -0.71
CA TYR A 9 -7.70 -10.59 0.43
C TYR A 9 -8.57 -9.35 0.23
N ARG A 10 -9.83 -9.39 0.67
CA ARG A 10 -10.79 -8.29 0.49
C ARG A 10 -10.87 -7.53 1.79
N VAL A 11 -10.51 -6.25 1.77
CA VAL A 11 -10.34 -5.41 2.95
C VAL A 11 -10.44 -3.94 2.57
N ASP A 12 -10.38 -3.06 3.57
CA ASP A 12 -10.41 -1.62 3.41
C ASP A 12 -8.99 -1.09 3.62
N ILE A 13 -8.46 -0.35 2.66
CA ILE A 13 -7.12 0.24 2.64
C ILE A 13 -7.15 1.51 3.48
N TYR A 14 -6.58 1.50 4.69
CA TYR A 14 -6.71 2.55 5.68
C TYR A 14 -5.38 3.28 5.74
N LEU A 15 -5.22 4.40 5.03
CA LEU A 15 -4.02 5.20 5.18
C LEU A 15 -4.15 6.08 6.41
N ASN A 16 -3.11 6.19 7.24
CA ASN A 16 -3.02 7.20 8.30
C ASN A 16 -4.34 7.24 9.11
N ASN A 17 -4.82 6.04 9.46
CA ASN A 17 -6.00 5.78 10.30
C ASN A 17 -7.32 6.11 9.60
N GLY A 18 -7.37 6.23 8.26
CA GLY A 18 -8.57 6.64 7.52
C GLY A 18 -8.71 5.88 6.19
N TYR A 19 -9.95 5.60 5.80
CA TYR A 19 -10.27 4.77 4.64
C TYR A 19 -9.95 5.49 3.33
N MET A 20 -9.41 4.75 2.36
CA MET A 20 -9.03 5.23 1.02
C MET A 20 -9.70 4.40 -0.09
N ALA A 21 -10.10 3.14 0.15
CA ALA A 21 -10.80 2.24 -0.76
C ALA A 21 -11.11 0.92 -0.03
N THR A 22 -12.04 0.12 -0.56
CA THR A 22 -12.36 -1.24 -0.12
C THR A 22 -12.44 -2.12 -1.35
N ARG A 23 -11.59 -3.14 -1.43
CA ARG A 23 -11.58 -4.10 -2.52
C ARG A 23 -10.73 -5.31 -2.14
N ASP A 24 -10.70 -6.27 -3.04
CA ASP A 24 -9.66 -7.28 -3.12
C ASP A 24 -8.33 -6.59 -3.40
N VAL A 25 -7.28 -7.10 -2.76
CA VAL A 25 -5.93 -6.57 -2.82
C VAL A 25 -5.03 -7.78 -3.03
N THR A 26 -4.63 -8.04 -4.27
CA THR A 26 -3.79 -9.16 -4.64
C THR A 26 -2.39 -8.94 -4.08
N PHE A 27 -2.08 -9.55 -2.93
CA PHE A 27 -0.78 -9.55 -2.36
C PHE A 27 0.15 -10.61 -2.97
N ASN A 28 1.43 -10.27 -2.89
CA ASN A 28 2.61 -10.95 -3.39
C ASN A 28 3.49 -11.16 -2.17
N THR A 29 4.48 -12.05 -2.27
CA THR A 29 5.52 -12.13 -1.26
C THR A 29 6.31 -10.80 -1.27
N GLY A 30 6.91 -10.40 -0.15
CA GLY A 30 7.63 -9.14 -0.05
C GLY A 30 8.58 -9.03 1.13
N ASP A 31 8.44 -9.92 2.12
CA ASP A 31 9.20 -9.94 3.38
C ASP A 31 8.83 -8.73 4.24
N SER A 32 7.83 -8.93 5.09
CA SER A 32 7.32 -7.95 6.04
C SER A 32 6.89 -8.73 7.29
N GLU A 33 5.95 -8.21 8.10
CA GLU A 33 5.33 -8.96 9.19
C GLU A 33 4.83 -10.31 8.67
N GLN A 34 3.83 -10.32 7.78
CA GLN A 34 3.20 -11.58 7.40
C GLN A 34 3.97 -12.30 6.28
N GLY A 35 4.98 -11.63 5.71
CA GLY A 35 5.82 -12.09 4.61
C GLY A 35 5.41 -11.57 3.24
N ILE A 36 4.25 -10.93 3.16
CA ILE A 36 3.53 -10.61 1.95
C ILE A 36 3.24 -9.12 1.97
N VAL A 37 3.15 -8.52 0.78
CA VAL A 37 2.75 -7.13 0.62
C VAL A 37 1.67 -7.07 -0.46
N PRO A 38 0.69 -6.15 -0.33
CA PRO A 38 -0.35 -5.99 -1.34
C PRO A 38 0.22 -5.46 -2.65
N CYS A 39 -0.46 -5.74 -3.76
CA CYS A 39 -0.30 -4.97 -4.98
C CYS A 39 -0.94 -3.61 -4.70
N LEU A 40 -0.19 -2.55 -4.93
CA LEU A 40 -0.59 -1.16 -4.86
C LEU A 40 0.00 -0.56 -6.13
N THR A 41 -0.80 0.15 -6.92
CA THR A 41 -0.42 0.58 -8.26
C THR A 41 -0.23 2.10 -8.27
N ARG A 42 0.29 2.70 -9.34
CA ARG A 42 0.41 4.17 -9.37
C ARG A 42 -0.94 4.81 -9.12
N ALA A 43 -2.00 4.29 -9.75
CA ALA A 43 -3.33 4.81 -9.55
C ALA A 43 -3.78 4.69 -8.10
N GLN A 44 -3.71 3.50 -7.50
CA GLN A 44 -4.22 3.23 -6.16
C GLN A 44 -3.52 4.12 -5.14
N LEU A 45 -2.21 4.37 -5.35
CA LEU A 45 -1.40 5.20 -4.47
C LEU A 45 -1.76 6.68 -4.68
N ALA A 46 -1.76 7.16 -5.92
CA ALA A 46 -2.18 8.51 -6.19
C ALA A 46 -3.64 8.74 -5.73
N SER A 47 -4.46 7.68 -5.63
CA SER A 47 -5.83 7.75 -5.13
C SER A 47 -5.81 8.16 -3.66
N MET A 48 -5.05 7.44 -2.81
CA MET A 48 -4.81 7.78 -1.40
C MET A 48 -3.95 9.06 -1.22
N GLY A 49 -3.65 9.84 -2.28
CA GLY A 49 -2.98 11.14 -2.15
C GLY A 49 -1.46 11.00 -2.00
N LEU A 50 -0.89 9.83 -2.31
CA LEU A 50 0.56 9.65 -2.38
C LEU A 50 1.06 10.54 -3.50
N ASN A 51 2.15 11.22 -3.22
CA ASN A 51 2.84 12.09 -4.17
C ASN A 51 3.94 11.26 -4.83
N THR A 52 3.70 10.73 -6.02
CA THR A 52 4.69 9.98 -6.79
C THR A 52 6.02 10.75 -6.90
N ALA A 53 6.00 12.09 -7.02
CA ALA A 53 7.23 12.85 -7.26
C ALA A 53 8.19 12.86 -6.07
N SER A 54 7.71 12.64 -4.85
CA SER A 54 8.59 12.50 -3.69
C SER A 54 9.48 11.25 -3.83
N VAL A 55 9.02 10.22 -4.54
CA VAL A 55 9.67 8.95 -4.66
C VAL A 55 10.54 8.97 -5.92
N ALA A 56 11.84 8.75 -5.74
CA ALA A 56 12.78 8.60 -6.82
C ALA A 56 12.52 7.27 -7.53
N GLY A 57 11.80 7.32 -8.65
CA GLY A 57 11.49 6.18 -9.49
C GLY A 57 10.05 5.71 -9.28
N MET A 58 9.06 6.60 -9.37
CA MET A 58 7.64 6.20 -9.26
C MET A 58 6.80 6.54 -10.50
N ASN A 59 7.04 7.70 -11.13
CA ASN A 59 6.44 8.16 -12.39
C ASN A 59 6.80 7.33 -13.62
N LEU A 60 7.30 6.11 -13.45
CA LEU A 60 7.70 5.19 -14.51
C LEU A 60 7.07 3.80 -14.34
N LEU A 61 6.47 3.48 -13.20
CA LEU A 61 5.79 2.20 -12.98
C LEU A 61 4.38 2.26 -13.55
N ALA A 62 3.81 1.14 -13.95
CA ALA A 62 2.48 1.11 -14.55
C ALA A 62 1.42 1.58 -13.55
N ASP A 63 0.27 2.01 -14.10
CA ASP A 63 -0.93 2.32 -13.33
C ASP A 63 -1.63 1.06 -12.83
N ASP A 64 -1.11 -0.10 -13.24
CA ASP A 64 -1.45 -1.45 -12.82
C ASP A 64 -0.13 -2.22 -12.82
N ALA A 65 0.76 -1.89 -11.91
CA ALA A 65 1.90 -2.72 -11.57
C ALA A 65 2.00 -2.75 -10.05
N CYS A 66 2.55 -3.82 -9.48
CA CYS A 66 2.90 -3.84 -8.07
C CYS A 66 4.05 -2.83 -7.85
N VAL A 67 3.73 -1.65 -7.34
CA VAL A 67 4.70 -0.66 -6.89
C VAL A 67 5.20 -1.13 -5.52
N PRO A 68 6.51 -1.13 -5.25
CA PRO A 68 7.06 -1.50 -3.95
C PRO A 68 6.93 -0.31 -2.99
N LEU A 69 5.69 0.11 -2.68
CA LEU A 69 5.42 1.24 -1.81
C LEU A 69 6.27 1.10 -0.55
N THR A 70 6.15 -0.05 0.08
CA THR A 70 6.66 -0.41 1.40
C THR A 70 8.19 -0.44 1.45
N THR A 71 8.90 -0.38 0.32
CA THR A 71 10.35 -0.31 0.26
C THR A 71 10.76 1.11 -0.18
N MET A 72 10.24 1.60 -1.31
CA MET A 72 10.64 2.87 -1.89
C MET A 72 10.27 4.02 -0.96
N VAL A 73 9.03 4.03 -0.50
CA VAL A 73 8.59 4.90 0.58
C VAL A 73 8.97 4.14 1.85
N GLN A 74 10.09 4.55 2.45
CA GLN A 74 10.39 4.09 3.79
C GLN A 74 9.28 4.58 4.73
N ASP A 75 9.11 3.94 5.89
CA ASP A 75 8.04 4.22 6.87
C ASP A 75 6.63 3.98 6.32
N ALA A 76 6.50 3.55 5.06
CA ALA A 76 5.25 3.02 4.56
C ALA A 76 5.19 1.54 4.87
N THR A 77 4.02 1.09 5.29
CA THR A 77 3.78 -0.28 5.74
C THR A 77 2.36 -0.65 5.36
N ALA A 78 2.09 -1.93 5.14
CA ALA A 78 0.79 -2.43 4.71
C ALA A 78 0.45 -3.71 5.48
N HIS A 79 -0.28 -3.59 6.58
CA HIS A 79 -0.66 -4.67 7.50
C HIS A 79 -2.12 -5.04 7.23
N LEU A 80 -2.38 -6.26 6.76
CA LEU A 80 -3.71 -6.82 6.60
C LEU A 80 -4.20 -7.31 7.96
N ASP A 81 -5.35 -6.80 8.40
CA ASP A 81 -6.16 -7.31 9.50
C ASP A 81 -7.38 -8.02 8.90
N VAL A 82 -7.36 -9.33 8.68
CA VAL A 82 -8.58 -10.07 8.28
C VAL A 82 -9.68 -9.97 9.34
N GLY A 83 -9.34 -9.87 10.63
CA GLY A 83 -10.32 -9.85 11.71
C GLY A 83 -11.21 -8.60 11.68
N GLN A 84 -10.71 -7.50 11.12
CA GLN A 84 -11.46 -6.25 10.93
C GLN A 84 -11.65 -5.89 9.45
N GLN A 85 -11.17 -6.78 8.58
CA GLN A 85 -11.03 -6.57 7.15
C GLN A 85 -10.39 -5.22 6.83
N ARG A 86 -9.26 -4.94 7.48
CA ARG A 86 -8.63 -3.63 7.50
C ARG A 86 -7.18 -3.76 7.09
N LEU A 87 -6.87 -3.37 5.86
CA LEU A 87 -5.52 -3.24 5.40
C LEU A 87 -5.00 -1.91 5.92
N ASN A 88 -4.52 -1.94 7.17
CA ASN A 88 -3.83 -0.85 7.85
C ASN A 88 -2.65 -0.43 7.00
N LEU A 89 -2.57 0.86 6.70
CA LEU A 89 -1.57 1.39 5.81
C LEU A 89 -1.04 2.69 6.38
N THR A 90 0.25 2.92 6.17
CA THR A 90 0.89 4.16 6.55
C THR A 90 1.71 4.62 5.35
N ILE A 91 1.83 5.94 5.21
CA ILE A 91 2.83 6.63 4.43
C ILE A 91 3.26 7.82 5.28
N PRO A 92 4.58 8.06 5.42
CA PRO A 92 5.10 9.25 6.05
C PRO A 92 4.59 10.48 5.30
N GLN A 93 4.16 11.49 6.05
CA GLN A 93 3.55 12.73 5.60
C GLN A 93 4.37 13.41 4.49
N ALA A 94 5.69 13.22 4.48
CA ALA A 94 6.56 13.72 3.43
C ALA A 94 6.07 13.33 2.03
N PHE A 95 5.58 12.10 1.82
CA PHE A 95 5.24 11.60 0.50
C PHE A 95 3.73 11.69 0.30
N MET A 96 3.08 12.74 0.81
CA MET A 96 1.65 12.93 0.76
C MET A 96 1.39 14.34 0.29
N SER A 97 0.64 14.45 -0.80
CA SER A 97 0.52 15.69 -1.55
C SER A 97 -0.08 16.78 -0.68
N ASN A 98 -1.35 16.66 -0.29
CA ASN A 98 -2.03 17.60 0.62
C ASN A 98 -3.45 17.15 0.95
N ARG A 99 -4.14 16.54 -0.02
CA ARG A 99 -5.49 16.01 0.14
C ARG A 99 -5.51 14.62 -0.49
N ALA A 100 -5.90 13.61 0.29
CA ALA A 100 -6.32 12.31 -0.21
C ALA A 100 -7.84 12.41 -0.44
N ARG A 101 -8.32 12.11 -1.64
CA ARG A 101 -9.67 12.48 -2.06
C ARG A 101 -10.31 11.32 -2.79
N GLY A 1 10.11 -13.51 8.04
CA GLY A 1 9.51 -14.76 8.52
C GLY A 1 8.75 -15.41 7.39
N GLN A 2 7.60 -15.99 7.71
CA GLN A 2 6.45 -16.27 6.84
C GLN A 2 5.43 -16.92 7.78
N GLU A 3 4.13 -16.69 7.56
CA GLU A 3 3.06 -17.35 8.28
C GLU A 3 1.72 -17.24 7.58
N LEU A 4 1.73 -16.84 6.30
CA LEU A 4 0.51 -16.54 5.56
C LEU A 4 0.78 -16.72 4.06
N PRO A 5 0.14 -17.69 3.37
CA PRO A 5 0.31 -17.87 1.93
C PRO A 5 -0.02 -16.59 1.15
N PRO A 6 0.46 -16.41 -0.10
CA PRO A 6 0.08 -15.34 -1.03
C PRO A 6 -1.37 -15.49 -1.57
N GLY A 7 -1.89 -14.55 -2.39
CA GLY A 7 -3.31 -14.54 -2.78
C GLY A 7 -3.88 -13.14 -3.07
N THR A 8 -5.17 -12.91 -2.81
CA THR A 8 -5.82 -11.59 -2.78
C THR A 8 -6.78 -11.49 -1.60
N TYR A 9 -6.81 -10.35 -0.89
CA TYR A 9 -7.59 -10.18 0.35
C TYR A 9 -8.51 -8.99 0.23
N ARG A 10 -9.78 -9.15 0.60
CA ARG A 10 -10.79 -8.10 0.49
C ARG A 10 -10.80 -7.33 1.78
N VAL A 11 -10.41 -6.06 1.76
CA VAL A 11 -10.24 -5.26 2.98
C VAL A 11 -10.41 -3.78 2.67
N ASP A 12 -10.42 -2.96 3.70
CA ASP A 12 -10.48 -1.53 3.59
C ASP A 12 -9.04 -1.04 3.67
N ILE A 13 -8.55 -0.44 2.59
CA ILE A 13 -7.30 0.29 2.55
C ILE A 13 -7.49 1.49 3.49
N TYR A 14 -6.88 1.45 4.66
CA TYR A 14 -6.74 2.60 5.54
C TYR A 14 -5.34 3.09 5.32
N LEU A 15 -5.17 4.29 4.78
CA LEU A 15 -3.90 4.96 4.71
C LEU A 15 -3.77 5.91 5.86
N ASN A 16 -2.64 5.76 6.56
CA ASN A 16 -2.20 6.62 7.63
C ASN A 16 -3.35 7.01 8.55
N ASN A 17 -4.02 5.96 9.03
CA ASN A 17 -5.09 5.88 10.02
C ASN A 17 -6.46 6.24 9.46
N GLY A 18 -6.64 6.42 8.14
CA GLY A 18 -7.94 6.77 7.57
C GLY A 18 -8.26 5.97 6.31
N TYR A 19 -9.52 5.53 6.16
CA TYR A 19 -10.05 4.84 4.98
C TYR A 19 -9.71 5.60 3.70
N MET A 20 -9.47 4.87 2.61
CA MET A 20 -9.27 5.41 1.27
C MET A 20 -10.12 4.65 0.25
N ALA A 21 -10.10 3.30 0.27
CA ALA A 21 -10.86 2.45 -0.64
C ALA A 21 -11.12 1.09 0.00
N THR A 22 -12.03 0.29 -0.58
CA THR A 22 -12.31 -1.08 -0.15
C THR A 22 -12.49 -1.95 -1.38
N ARG A 23 -11.78 -3.07 -1.47
CA ARG A 23 -11.68 -3.95 -2.64
C ARG A 23 -10.79 -5.14 -2.30
N ASP A 24 -10.64 -6.06 -3.26
CA ASP A 24 -9.61 -7.09 -3.23
C ASP A 24 -8.28 -6.38 -3.46
N VAL A 25 -7.26 -6.73 -2.67
CA VAL A 25 -5.89 -6.27 -2.83
C VAL A 25 -5.07 -7.53 -3.02
N THR A 26 -4.66 -7.82 -4.26
CA THR A 26 -3.84 -8.98 -4.57
C THR A 26 -2.44 -8.77 -4.00
N PHE A 27 -1.92 -9.68 -3.18
CA PHE A 27 -0.60 -9.64 -2.59
C PHE A 27 0.30 -10.73 -3.19
N ASN A 28 1.61 -10.51 -3.09
CA ASN A 28 2.68 -11.38 -3.60
C ASN A 28 3.81 -11.40 -2.55
N THR A 29 4.66 -12.42 -2.59
CA THR A 29 5.42 -12.87 -1.44
C THR A 29 6.69 -12.03 -1.24
N GLY A 30 6.76 -11.28 -0.15
CA GLY A 30 7.83 -10.32 0.12
C GLY A 30 8.26 -10.44 1.56
N ASP A 31 8.16 -9.33 2.30
CA ASP A 31 8.40 -9.34 3.73
C ASP A 31 7.50 -8.35 4.43
N SER A 32 6.87 -8.86 5.47
CA SER A 32 6.24 -8.14 6.55
C SER A 32 6.19 -9.12 7.73
N GLU A 33 5.49 -8.78 8.80
CA GLU A 33 5.22 -9.67 9.93
C GLU A 33 4.69 -11.00 9.40
N GLN A 34 3.66 -10.97 8.54
CA GLN A 34 2.99 -12.16 8.01
C GLN A 34 3.69 -12.72 6.75
N GLY A 35 4.38 -11.86 6.01
CA GLY A 35 5.30 -12.28 4.95
C GLY A 35 4.87 -11.84 3.54
N ILE A 36 3.74 -11.14 3.42
CA ILE A 36 3.03 -10.94 2.16
C ILE A 36 2.76 -9.44 1.94
N VAL A 37 2.89 -8.95 0.70
CA VAL A 37 2.78 -7.52 0.41
C VAL A 37 1.83 -7.23 -0.77
N PRO A 38 0.94 -6.21 -0.67
CA PRO A 38 -0.12 -5.92 -1.64
C PRO A 38 0.41 -5.30 -2.93
N CYS A 39 -0.34 -5.52 -4.01
CA CYS A 39 -0.13 -4.94 -5.33
C CYS A 39 -0.73 -3.54 -5.32
N LEU A 40 -0.05 -2.61 -4.67
CA LEU A 40 -0.43 -1.21 -4.72
C LEU A 40 0.12 -0.69 -6.04
N THR A 41 -0.72 -0.07 -6.86
CA THR A 41 -0.36 0.44 -8.18
C THR A 41 -0.10 1.94 -8.04
N ARG A 42 0.39 2.61 -9.10
CA ARG A 42 0.41 4.06 -9.10
C ARG A 42 -0.98 4.63 -8.87
N ALA A 43 -2.00 4.09 -9.55
CA ALA A 43 -3.36 4.55 -9.37
C ALA A 43 -3.84 4.34 -7.94
N GLN A 44 -3.69 3.14 -7.37
CA GLN A 44 -4.13 2.84 -6.01
C GLN A 44 -3.59 3.91 -5.06
N LEU A 45 -2.28 4.15 -5.16
CA LEU A 45 -1.60 5.06 -4.25
C LEU A 45 -2.02 6.50 -4.49
N ALA A 46 -1.99 6.97 -5.73
CA ALA A 46 -2.43 8.32 -6.04
C ALA A 46 -3.92 8.52 -5.73
N SER A 47 -4.71 7.44 -5.66
CA SER A 47 -6.12 7.47 -5.25
C SER A 47 -6.26 7.74 -3.75
N MET A 48 -5.14 7.74 -3.01
CA MET A 48 -5.05 8.17 -1.62
C MET A 48 -4.39 9.54 -1.54
N GLY A 49 -3.90 10.09 -2.66
CA GLY A 49 -3.13 11.31 -2.72
C GLY A 49 -1.64 11.07 -2.49
N LEU A 50 -1.16 9.81 -2.52
CA LEU A 50 0.26 9.51 -2.45
C LEU A 50 0.98 10.33 -3.52
N ASN A 51 2.02 11.03 -3.09
CA ASN A 51 2.75 12.00 -3.89
C ASN A 51 3.88 11.28 -4.62
N THR A 52 3.62 10.74 -5.80
CA THR A 52 4.60 9.99 -6.57
C THR A 52 5.82 10.85 -6.91
N ALA A 53 5.66 12.17 -7.04
CA ALA A 53 6.76 13.08 -7.29
C ALA A 53 7.73 13.22 -6.11
N SER A 54 7.33 12.85 -4.88
CA SER A 54 8.23 12.90 -3.74
C SER A 54 9.19 11.70 -3.68
N VAL A 55 9.15 10.76 -4.64
CA VAL A 55 9.94 9.55 -4.54
C VAL A 55 10.50 9.19 -5.91
N ALA A 56 11.76 8.70 -5.89
CA ALA A 56 12.65 8.46 -7.02
C ALA A 56 11.96 7.72 -8.19
N GLY A 57 12.05 6.40 -8.21
CA GLY A 57 11.52 5.58 -9.29
C GLY A 57 10.02 5.36 -9.16
N MET A 58 9.24 6.42 -8.93
CA MET A 58 7.79 6.31 -8.80
C MET A 58 7.00 7.04 -9.88
N ASN A 59 7.32 8.30 -10.19
CA ASN A 59 6.48 9.09 -11.12
C ASN A 59 6.38 8.46 -12.52
N LEU A 60 7.25 7.49 -12.80
CA LEU A 60 7.39 6.72 -14.02
C LEU A 60 6.66 5.37 -13.97
N LEU A 61 6.08 4.95 -12.84
CA LEU A 61 5.66 3.54 -12.67
C LEU A 61 4.33 3.30 -13.38
N ALA A 62 4.01 2.02 -13.63
CA ALA A 62 2.75 1.64 -14.23
C ALA A 62 1.60 1.86 -13.24
N ASP A 63 0.44 2.17 -13.81
CA ASP A 63 -0.79 2.47 -13.11
C ASP A 63 -1.53 1.21 -12.67
N ASP A 64 -1.01 0.05 -13.09
CA ASP A 64 -1.36 -1.28 -12.63
C ASP A 64 -0.06 -2.01 -12.25
N ALA A 65 0.91 -1.31 -11.64
CA ALA A 65 2.19 -1.88 -11.17
C ALA A 65 2.00 -2.65 -9.86
N CYS A 66 2.96 -3.51 -9.51
CA CYS A 66 3.22 -3.83 -8.10
C CYS A 66 4.27 -2.85 -7.60
N VAL A 67 3.87 -1.63 -7.24
CA VAL A 67 4.77 -0.63 -6.67
C VAL A 67 5.43 -1.22 -5.42
N PRO A 68 6.75 -1.06 -5.20
CA PRO A 68 7.40 -1.41 -3.94
C PRO A 68 7.12 -0.32 -2.92
N LEU A 69 5.85 -0.18 -2.54
CA LEU A 69 5.40 0.92 -1.72
C LEU A 69 6.18 0.92 -0.42
N THR A 70 6.33 -0.25 0.20
CA THR A 70 6.96 -0.35 1.52
C THR A 70 8.49 -0.25 1.46
N THR A 71 9.10 -0.13 0.28
CA THR A 71 10.55 -0.06 0.14
C THR A 71 10.94 1.33 -0.34
N MET A 72 10.47 1.78 -1.51
CA MET A 72 10.82 3.10 -2.01
C MET A 72 10.37 4.18 -1.04
N VAL A 73 9.25 3.95 -0.35
CA VAL A 73 8.76 4.80 0.70
C VAL A 73 9.20 4.12 2.00
N GLN A 74 10.25 4.67 2.61
CA GLN A 74 10.57 4.38 4.00
C GLN A 74 9.42 4.90 4.86
N ASP A 75 9.33 4.47 6.13
CA ASP A 75 8.29 4.84 7.11
C ASP A 75 6.93 4.21 6.82
N ALA A 76 6.67 3.88 5.55
CA ALA A 76 5.47 3.20 5.11
C ALA A 76 5.45 1.74 5.54
N THR A 77 4.24 1.17 5.60
CA THR A 77 3.98 -0.24 5.92
C THR A 77 2.72 -0.73 5.21
N ALA A 78 2.56 -2.05 5.04
CA ALA A 78 1.39 -2.75 4.55
C ALA A 78 1.12 -4.01 5.38
N HIS A 79 0.22 -3.90 6.36
CA HIS A 79 -0.12 -4.87 7.39
C HIS A 79 -1.61 -5.18 7.23
N LEU A 80 -1.92 -6.34 6.67
CA LEU A 80 -3.29 -6.80 6.45
C LEU A 80 -3.86 -7.37 7.76
N ASP A 81 -4.74 -6.63 8.44
CA ASP A 81 -5.60 -7.09 9.53
C ASP A 81 -6.78 -7.84 8.91
N VAL A 82 -6.59 -9.12 8.56
CA VAL A 82 -7.68 -9.92 8.01
C VAL A 82 -8.87 -10.00 8.98
N GLY A 83 -8.62 -9.87 10.28
CA GLY A 83 -9.64 -9.99 11.29
C GLY A 83 -10.63 -8.84 11.18
N GLN A 84 -10.14 -7.61 11.10
CA GLN A 84 -10.96 -6.40 10.93
C GLN A 84 -11.34 -6.14 9.47
N GLN A 85 -10.82 -6.96 8.55
CA GLN A 85 -10.73 -6.64 7.14
C GLN A 85 -10.14 -5.24 6.92
N ARG A 86 -9.09 -4.88 7.67
CA ARG A 86 -8.39 -3.61 7.51
C ARG A 86 -7.03 -3.86 6.88
N LEU A 87 -6.75 -3.33 5.70
CA LEU A 87 -5.36 -3.18 5.28
C LEU A 87 -4.84 -1.94 5.97
N ASN A 88 -4.13 -2.11 7.09
CA ASN A 88 -3.35 -1.04 7.69
C ASN A 88 -2.26 -0.71 6.68
N LEU A 89 -2.29 0.52 6.20
CA LEU A 89 -1.40 1.06 5.20
C LEU A 89 -0.93 2.38 5.80
N THR A 90 0.35 2.72 5.70
CA THR A 90 0.90 3.95 6.25
C THR A 90 1.90 4.48 5.25
N ILE A 91 2.07 5.80 5.21
CA ILE A 91 3.00 6.56 4.38
C ILE A 91 3.35 7.82 5.19
N PRO A 92 4.60 8.29 5.14
CA PRO A 92 5.00 9.58 5.69
C PRO A 92 4.41 10.74 4.87
N GLN A 93 4.04 11.84 5.52
CA GLN A 93 3.40 12.99 4.89
C GLN A 93 4.27 13.67 3.83
N ALA A 94 5.59 13.45 3.81
CA ALA A 94 6.43 13.90 2.71
C ALA A 94 5.99 13.28 1.37
N PHE A 95 5.42 12.08 1.38
CA PHE A 95 5.00 11.38 0.18
C PHE A 95 3.46 11.47 0.12
N MET A 96 2.88 12.58 0.54
CA MET A 96 1.44 12.83 0.49
C MET A 96 1.27 14.21 -0.11
N SER A 97 0.44 14.34 -1.15
CA SER A 97 0.12 15.66 -1.64
C SER A 97 -0.67 16.40 -0.58
N ASN A 98 -0.95 17.66 -0.89
CA ASN A 98 -1.54 18.62 0.03
C ASN A 98 -2.78 18.09 0.72
N ARG A 99 -3.59 17.31 0.02
CA ARG A 99 -4.66 16.50 0.59
C ARG A 99 -4.68 15.14 -0.07
N ALA A 100 -5.15 14.16 0.70
CA ALA A 100 -5.65 12.91 0.18
C ALA A 100 -6.94 13.23 -0.57
N ARG A 101 -7.01 12.88 -1.86
CA ARG A 101 -8.19 13.14 -2.67
C ARG A 101 -8.55 11.85 -3.39
N GLY A 1 6.92 -12.98 10.16
CA GLY A 1 7.86 -13.43 9.12
C GLY A 1 7.09 -13.97 7.94
N GLN A 2 7.58 -15.02 7.26
CA GLN A 2 6.76 -15.70 6.27
C GLN A 2 5.72 -16.54 7.01
N GLU A 3 4.46 -16.10 7.02
CA GLU A 3 3.40 -16.80 7.73
C GLU A 3 2.01 -16.62 7.12
N LEU A 4 1.96 -16.11 5.89
CA LEU A 4 0.78 -16.04 5.04
C LEU A 4 1.21 -16.27 3.59
N PRO A 5 0.74 -17.33 2.92
CA PRO A 5 1.03 -17.57 1.51
C PRO A 5 0.14 -16.67 0.63
N PRO A 6 0.60 -16.24 -0.56
CA PRO A 6 -0.05 -15.21 -1.38
C PRO A 6 -1.45 -15.59 -1.89
N GLY A 7 -2.18 -14.62 -2.44
CA GLY A 7 -3.61 -14.71 -2.72
C GLY A 7 -4.23 -13.34 -3.03
N THR A 8 -5.53 -13.17 -2.77
CA THR A 8 -6.19 -11.86 -2.73
C THR A 8 -7.15 -11.78 -1.52
N TYR A 9 -7.11 -10.68 -0.78
CA TYR A 9 -7.89 -10.46 0.45
C TYR A 9 -8.74 -9.21 0.27
N ARG A 10 -10.06 -9.32 0.39
CA ARG A 10 -10.92 -8.14 0.41
C ARG A 10 -10.69 -7.44 1.73
N VAL A 11 -10.23 -6.19 1.71
CA VAL A 11 -10.13 -5.35 2.90
C VAL A 11 -10.31 -3.90 2.50
N ASP A 12 -10.35 -3.02 3.51
CA ASP A 12 -10.51 -1.59 3.35
C ASP A 12 -9.13 -1.02 3.60
N ILE A 13 -8.57 -0.40 2.57
CA ILE A 13 -7.27 0.26 2.56
C ILE A 13 -7.41 1.47 3.48
N TYR A 14 -6.61 1.56 4.54
CA TYR A 14 -6.69 2.55 5.60
C TYR A 14 -5.33 3.23 5.69
N LEU A 15 -5.19 4.34 4.97
CA LEU A 15 -3.97 5.13 4.98
C LEU A 15 -4.03 6.10 6.15
N ASN A 16 -2.96 6.16 6.95
CA ASN A 16 -2.86 7.01 8.14
C ASN A 16 -4.11 6.89 9.00
N ASN A 17 -4.52 5.64 9.28
CA ASN A 17 -5.66 5.32 10.12
C ASN A 17 -6.99 5.78 9.51
N GLY A 18 -7.08 6.02 8.19
CA GLY A 18 -8.28 6.52 7.54
C GLY A 18 -8.54 5.77 6.24
N TYR A 19 -9.73 5.22 6.08
CA TYR A 19 -10.16 4.43 4.92
C TYR A 19 -10.09 5.27 3.62
N MET A 20 -9.54 4.69 2.54
CA MET A 20 -9.33 5.32 1.24
C MET A 20 -9.91 4.49 0.07
N ALA A 21 -10.03 3.17 0.19
CA ALA A 21 -10.59 2.26 -0.81
C ALA A 21 -10.98 0.95 -0.12
N THR A 22 -11.70 0.09 -0.82
CA THR A 22 -12.25 -1.17 -0.34
C THR A 22 -12.32 -2.05 -1.58
N ARG A 23 -11.62 -3.18 -1.58
CA ARG A 23 -11.60 -4.14 -2.70
C ARG A 23 -10.74 -5.33 -2.31
N ASP A 24 -10.81 -6.37 -3.13
CA ASP A 24 -9.92 -7.53 -3.14
C ASP A 24 -8.52 -7.05 -3.47
N VAL A 25 -7.67 -6.83 -2.47
CA VAL A 25 -6.28 -6.47 -2.65
C VAL A 25 -5.51 -7.77 -2.84
N THR A 26 -5.10 -8.01 -4.08
CA THR A 26 -4.20 -9.09 -4.43
C THR A 26 -2.85 -8.78 -3.78
N PHE A 27 -2.20 -9.75 -3.14
CA PHE A 27 -0.89 -9.65 -2.55
C PHE A 27 0.04 -10.70 -3.16
N ASN A 28 1.30 -10.31 -3.33
CA ASN A 28 2.39 -11.13 -3.85
C ASN A 28 3.21 -11.63 -2.66
N THR A 29 4.06 -12.63 -2.90
CA THR A 29 5.12 -13.04 -1.98
C THR A 29 5.97 -11.80 -1.65
N GLY A 30 6.49 -11.69 -0.43
CA GLY A 30 7.15 -10.48 0.05
C GLY A 30 8.00 -10.83 1.26
N ASP A 31 8.33 -9.80 2.05
CA ASP A 31 8.87 -9.98 3.38
C ASP A 31 8.27 -8.88 4.24
N SER A 32 7.73 -9.21 5.41
CA SER A 32 7.18 -8.30 6.41
C SER A 32 6.80 -9.15 7.63
N GLU A 33 6.01 -8.62 8.58
CA GLU A 33 5.42 -9.42 9.66
C GLU A 33 4.55 -10.55 9.09
N GLN A 34 3.87 -10.34 7.95
CA GLN A 34 3.07 -11.39 7.30
C GLN A 34 3.77 -12.14 6.15
N GLY A 35 4.84 -11.59 5.56
CA GLY A 35 5.63 -12.32 4.56
C GLY A 35 5.12 -12.20 3.12
N ILE A 36 4.22 -11.27 2.87
CA ILE A 36 3.51 -11.01 1.63
C ILE A 36 3.26 -9.51 1.60
N VAL A 37 3.01 -8.94 0.42
CA VAL A 37 2.76 -7.51 0.27
C VAL A 37 1.65 -7.27 -0.78
N PRO A 38 0.74 -6.31 -0.57
CA PRO A 38 -0.29 -5.95 -1.54
C PRO A 38 0.30 -5.48 -2.87
N CYS A 39 -0.51 -5.61 -3.91
CA CYS A 39 -0.28 -5.11 -5.25
C CYS A 39 -0.85 -3.69 -5.33
N LEU A 40 -0.20 -2.73 -4.66
CA LEU A 40 -0.57 -1.32 -4.75
C LEU A 40 0.04 -0.80 -6.05
N THR A 41 -0.73 -0.09 -6.87
CA THR A 41 -0.28 0.45 -8.16
C THR A 41 -0.01 1.95 -8.02
N ARG A 42 0.58 2.60 -9.03
CA ARG A 42 0.68 4.04 -9.07
C ARG A 42 -0.68 4.70 -8.81
N ALA A 43 -1.71 4.27 -9.55
CA ALA A 43 -3.01 4.92 -9.48
C ALA A 43 -3.61 4.73 -8.10
N GLN A 44 -3.52 3.53 -7.53
CA GLN A 44 -3.99 3.22 -6.18
C GLN A 44 -3.42 4.21 -5.19
N LEU A 45 -2.10 4.39 -5.21
CA LEU A 45 -1.44 5.22 -4.23
C LEU A 45 -1.78 6.70 -4.46
N ALA A 46 -1.82 7.15 -5.71
CA ALA A 46 -2.25 8.52 -6.00
C ALA A 46 -3.74 8.72 -5.66
N SER A 47 -4.54 7.65 -5.55
CA SER A 47 -5.97 7.66 -5.24
C SER A 47 -6.22 7.81 -3.74
N MET A 48 -5.19 7.63 -2.91
CA MET A 48 -5.20 7.89 -1.47
C MET A 48 -4.41 9.18 -1.17
N GLY A 49 -3.67 9.73 -2.13
CA GLY A 49 -3.03 11.04 -2.04
C GLY A 49 -1.51 10.96 -1.91
N LEU A 50 -0.92 9.80 -2.14
CA LEU A 50 0.53 9.70 -2.27
C LEU A 50 0.97 10.63 -3.38
N ASN A 51 2.01 11.40 -3.08
CA ASN A 51 2.75 12.17 -4.07
C ASN A 51 3.73 11.26 -4.80
N THR A 52 3.31 10.75 -5.96
CA THR A 52 4.13 9.89 -6.83
C THR A 52 5.42 10.60 -7.26
N ALA A 53 5.48 11.93 -7.28
CA ALA A 53 6.71 12.64 -7.62
C ALA A 53 7.71 12.65 -6.47
N SER A 54 7.26 12.69 -5.21
CA SER A 54 8.16 12.64 -4.05
C SER A 54 8.91 11.31 -3.99
N VAL A 55 8.36 10.23 -4.55
CA VAL A 55 9.00 8.95 -4.67
C VAL A 55 9.66 8.93 -6.05
N ALA A 56 10.93 9.32 -6.11
CA ALA A 56 11.71 9.15 -7.33
C ALA A 56 11.68 7.66 -7.68
N GLY A 57 11.35 7.32 -8.92
CA GLY A 57 11.21 5.92 -9.32
C GLY A 57 9.81 5.35 -9.07
N MET A 58 8.85 6.17 -8.62
CA MET A 58 7.43 5.87 -8.71
C MET A 58 6.82 6.49 -9.94
N ASN A 59 7.17 7.75 -10.21
CA ASN A 59 6.63 8.70 -11.20
C ASN A 59 6.72 8.23 -12.66
N LEU A 60 7.01 6.94 -12.91
CA LEU A 60 7.21 6.25 -14.17
C LEU A 60 6.50 4.89 -14.21
N LEU A 61 5.94 4.38 -13.10
CA LEU A 61 5.45 3.00 -13.01
C LEU A 61 4.10 2.89 -13.71
N ALA A 62 3.70 1.69 -14.10
CA ALA A 62 2.38 1.46 -14.66
C ALA A 62 1.27 1.75 -13.63
N ASP A 63 0.07 2.00 -14.14
CA ASP A 63 -1.18 2.08 -13.35
C ASP A 63 -1.65 0.68 -12.92
N ASP A 64 -0.90 -0.35 -13.29
CA ASP A 64 -0.99 -1.73 -12.83
C ASP A 64 0.41 -2.35 -12.87
N ALA A 65 1.31 -1.83 -12.04
CA ALA A 65 2.52 -2.50 -11.61
C ALA A 65 2.53 -2.43 -10.10
N CYS A 66 2.87 -3.53 -9.43
CA CYS A 66 3.05 -3.55 -7.99
C CYS A 66 4.24 -2.67 -7.63
N VAL A 67 3.96 -1.52 -7.05
CA VAL A 67 4.94 -0.64 -6.44
C VAL A 67 5.46 -1.34 -5.18
N PRO A 68 6.76 -1.33 -4.87
CA PRO A 68 7.25 -1.70 -3.55
C PRO A 68 7.10 -0.46 -2.67
N LEU A 69 5.87 -0.19 -2.25
CA LEU A 69 5.52 0.99 -1.47
C LEU A 69 6.43 1.05 -0.25
N THR A 70 6.46 -0.06 0.49
CA THR A 70 7.12 -0.25 1.76
C THR A 70 8.65 -0.25 1.68
N THR A 71 9.23 -0.21 0.47
CA THR A 71 10.67 0.00 0.32
C THR A 71 10.92 1.40 -0.21
N MET A 72 10.20 1.84 -1.26
CA MET A 72 10.47 3.12 -1.88
C MET A 72 10.17 4.27 -0.93
N VAL A 73 8.99 4.25 -0.30
CA VAL A 73 8.62 5.15 0.76
C VAL A 73 9.18 4.53 2.03
N GLN A 74 10.12 5.21 2.68
CA GLN A 74 10.58 4.81 4.00
C GLN A 74 9.42 4.95 5.00
N ASP A 75 9.50 4.26 6.14
CA ASP A 75 8.60 4.33 7.30
C ASP A 75 7.25 3.65 7.06
N ALA A 76 6.80 3.66 5.82
CA ALA A 76 5.55 3.11 5.35
C ALA A 76 5.52 1.60 5.48
N THR A 77 4.31 1.11 5.74
CA THR A 77 4.04 -0.28 6.10
C THR A 77 2.72 -0.70 5.46
N ALA A 78 2.59 -1.96 5.04
CA ALA A 78 1.40 -2.52 4.42
C ALA A 78 0.97 -3.72 5.25
N HIS A 79 0.24 -3.47 6.33
CA HIS A 79 -0.20 -4.49 7.26
C HIS A 79 -1.66 -4.83 6.94
N LEU A 80 -1.90 -6.03 6.42
CA LEU A 80 -3.25 -6.55 6.25
C LEU A 80 -3.67 -7.03 7.62
N ASP A 81 -4.77 -6.47 8.12
CA ASP A 81 -5.48 -6.88 9.31
C ASP A 81 -6.77 -7.57 8.86
N VAL A 82 -6.77 -8.88 8.59
CA VAL A 82 -8.07 -9.55 8.40
C VAL A 82 -8.92 -9.39 9.66
N GLY A 83 -8.28 -9.23 10.82
CA GLY A 83 -8.93 -9.01 12.09
C GLY A 83 -9.67 -7.67 12.22
N GLN A 84 -9.66 -6.82 11.19
CA GLN A 84 -10.64 -5.75 11.02
C GLN A 84 -10.99 -5.53 9.54
N GLN A 85 -10.70 -6.52 8.68
CA GLN A 85 -10.59 -6.41 7.23
C GLN A 85 -10.02 -5.04 6.82
N ARG A 86 -8.84 -4.70 7.34
CA ARG A 86 -8.21 -3.39 7.26
C ARG A 86 -6.83 -3.54 6.66
N LEU A 87 -6.62 -3.14 5.41
CA LEU A 87 -5.25 -3.01 4.91
C LEU A 87 -4.72 -1.69 5.44
N ASN A 88 -4.10 -1.74 6.60
CA ASN A 88 -3.37 -0.60 7.16
C ASN A 88 -2.27 -0.24 6.17
N LEU A 89 -2.10 1.06 5.93
CA LEU A 89 -1.22 1.54 4.89
C LEU A 89 -0.60 2.85 5.36
N THR A 90 0.43 2.79 6.20
CA THR A 90 0.94 4.01 6.80
C THR A 90 1.94 4.60 5.82
N ILE A 91 2.08 5.93 5.83
CA ILE A 91 3.02 6.68 5.01
C ILE A 91 3.44 7.90 5.84
N PRO A 92 4.68 8.38 5.69
CA PRO A 92 5.09 9.69 6.16
C PRO A 92 4.46 10.81 5.32
N GLN A 93 3.86 11.84 5.93
CA GLN A 93 3.23 12.98 5.25
C GLN A 93 4.19 13.75 4.34
N ALA A 94 5.51 13.54 4.45
CA ALA A 94 6.49 14.02 3.49
C ALA A 94 6.19 13.54 2.06
N PHE A 95 5.52 12.39 1.89
CA PHE A 95 5.18 11.82 0.58
C PHE A 95 3.67 11.85 0.37
N MET A 96 3.02 12.92 0.83
CA MET A 96 1.61 13.16 0.67
C MET A 96 1.50 14.54 0.07
N SER A 97 0.73 14.65 -1.01
CA SER A 97 0.50 15.91 -1.73
C SER A 97 -0.48 16.82 -0.95
N ASN A 98 -0.30 16.90 0.36
CA ASN A 98 -0.96 17.75 1.35
C ASN A 98 -2.49 17.74 1.23
N ARG A 99 -3.07 16.60 0.88
CA ARG A 99 -4.51 16.37 0.83
C ARG A 99 -4.88 15.11 1.60
N ALA A 100 -4.14 14.03 1.36
CA ALA A 100 -4.60 12.67 1.53
C ALA A 100 -5.97 12.48 0.89
N ARG A 101 -6.04 12.85 -0.39
CA ARG A 101 -7.14 12.59 -1.30
C ARG A 101 -6.49 12.22 -2.60
N GLY A 1 9.27 -12.68 9.33
CA GLY A 1 9.48 -13.95 8.61
C GLY A 1 8.34 -14.21 7.64
N GLN A 2 7.80 -15.43 7.60
CA GLN A 2 6.80 -15.81 6.61
C GLN A 2 5.75 -16.73 7.24
N GLU A 3 4.47 -16.39 7.07
CA GLU A 3 3.37 -17.05 7.77
C GLU A 3 2.00 -16.74 7.15
N LEU A 4 1.96 -16.34 5.88
CA LEU A 4 0.76 -16.39 5.05
C LEU A 4 1.14 -16.65 3.59
N PRO A 5 0.62 -17.70 2.93
CA PRO A 5 0.88 -17.94 1.51
C PRO A 5 0.11 -16.91 0.67
N PRO A 6 0.64 -16.51 -0.51
CA PRO A 6 0.14 -15.37 -1.29
C PRO A 6 -1.27 -15.61 -1.87
N GLY A 7 -1.91 -14.57 -2.42
CA GLY A 7 -3.35 -14.62 -2.71
C GLY A 7 -3.94 -13.23 -2.95
N THR A 8 -5.25 -13.06 -2.78
CA THR A 8 -5.88 -11.74 -2.62
C THR A 8 -6.75 -11.78 -1.37
N TYR A 9 -6.92 -10.64 -0.70
CA TYR A 9 -7.77 -10.51 0.47
C TYR A 9 -8.64 -9.28 0.31
N ARG A 10 -9.92 -9.39 0.67
CA ARG A 10 -10.90 -8.32 0.61
C ARG A 10 -10.80 -7.50 1.88
N VAL A 11 -10.48 -6.21 1.75
CA VAL A 11 -10.19 -5.34 2.87
C VAL A 11 -10.42 -3.87 2.50
N ASP A 12 -10.31 -3.04 3.52
CA ASP A 12 -10.38 -1.60 3.47
C ASP A 12 -8.99 -1.04 3.74
N ILE A 13 -8.45 -0.35 2.72
CA ILE A 13 -7.19 0.39 2.74
C ILE A 13 -7.39 1.57 3.68
N TYR A 14 -6.75 1.52 4.85
CA TYR A 14 -6.84 2.54 5.88
C TYR A 14 -5.50 3.23 5.97
N LEU A 15 -5.28 4.20 5.08
CA LEU A 15 -4.04 4.97 5.03
C LEU A 15 -4.06 6.02 6.11
N ASN A 16 -2.99 6.09 6.90
CA ASN A 16 -2.76 7.05 7.96
C ASN A 16 -3.99 7.17 8.86
N ASN A 17 -4.61 6.01 9.10
CA ASN A 17 -5.84 5.81 9.85
C ASN A 17 -6.95 6.74 9.35
N GLY A 18 -7.17 6.74 8.03
CA GLY A 18 -8.21 7.50 7.36
C GLY A 18 -8.50 6.90 5.99
N TYR A 19 -9.00 5.66 5.96
CA TYR A 19 -9.88 5.05 4.94
C TYR A 19 -9.84 5.68 3.55
N MET A 20 -9.22 4.98 2.60
CA MET A 20 -9.02 5.42 1.21
C MET A 20 -9.85 4.63 0.20
N ALA A 21 -9.90 3.30 0.33
CA ALA A 21 -10.44 2.40 -0.68
C ALA A 21 -10.87 1.10 -0.02
N THR A 22 -11.79 0.36 -0.65
CA THR A 22 -12.30 -0.91 -0.14
C THR A 22 -12.47 -1.86 -1.33
N ARG A 23 -11.66 -2.92 -1.37
CA ARG A 23 -11.59 -3.85 -2.49
C ARG A 23 -10.82 -5.09 -2.09
N ASP A 24 -10.68 -6.04 -3.01
CA ASP A 24 -9.65 -7.05 -2.92
C ASP A 24 -8.29 -6.42 -3.23
N VAL A 25 -7.23 -6.98 -2.66
CA VAL A 25 -5.87 -6.48 -2.74
C VAL A 25 -4.96 -7.70 -2.89
N THR A 26 -4.62 -8.03 -4.12
CA THR A 26 -3.78 -9.17 -4.45
C THR A 26 -2.36 -8.95 -3.93
N PHE A 27 -2.04 -9.57 -2.80
CA PHE A 27 -0.71 -9.63 -2.28
C PHE A 27 0.10 -10.71 -3.00
N ASN A 28 1.41 -10.55 -2.93
CA ASN A 28 2.38 -11.40 -3.59
C ASN A 28 3.37 -11.87 -2.55
N THR A 29 4.20 -12.85 -2.91
CA THR A 29 5.32 -13.28 -2.10
C THR A 29 6.19 -12.05 -1.83
N GLY A 30 6.47 -11.76 -0.55
CA GLY A 30 7.06 -10.49 -0.14
C GLY A 30 8.07 -10.73 0.97
N ASP A 31 8.18 -9.76 1.86
CA ASP A 31 8.73 -9.89 3.20
C ASP A 31 8.04 -8.82 4.02
N SER A 32 7.66 -9.10 5.27
CA SER A 32 7.06 -8.22 6.28
C SER A 32 6.75 -9.12 7.49
N GLU A 33 5.96 -8.65 8.47
CA GLU A 33 5.48 -9.47 9.58
C GLU A 33 4.89 -10.78 9.06
N GLN A 34 3.93 -10.69 8.14
CA GLN A 34 3.25 -11.85 7.55
C GLN A 34 4.10 -12.54 6.46
N GLY A 35 5.15 -11.88 5.98
CA GLY A 35 5.97 -12.34 4.85
C GLY A 35 5.40 -12.01 3.47
N ILE A 36 4.21 -11.43 3.36
CA ILE A 36 3.53 -11.09 2.10
C ILE A 36 3.32 -9.59 2.09
N VAL A 37 3.17 -9.01 0.89
CA VAL A 37 2.84 -7.60 0.75
C VAL A 37 1.80 -7.42 -0.37
N PRO A 38 0.85 -6.47 -0.23
CA PRO A 38 -0.19 -6.16 -1.22
C PRO A 38 0.39 -5.57 -2.51
N CYS A 39 -0.30 -5.76 -3.63
CA CYS A 39 -0.08 -4.97 -4.85
C CYS A 39 -0.74 -3.60 -4.62
N LEU A 40 0.03 -2.52 -4.74
CA LEU A 40 -0.47 -1.16 -4.85
C LEU A 40 0.24 -0.55 -6.07
N THR A 41 -0.41 0.38 -6.77
CA THR A 41 -0.29 0.70 -8.19
C THR A 41 -0.26 2.22 -8.37
N ARG A 42 0.41 2.80 -9.36
CA ARG A 42 0.47 4.27 -9.41
C ARG A 42 -0.89 4.95 -9.35
N ALA A 43 -1.89 4.30 -9.92
CA ALA A 43 -3.27 4.75 -9.79
C ALA A 43 -3.75 4.64 -8.34
N GLN A 44 -3.73 3.45 -7.75
CA GLN A 44 -4.23 3.15 -6.40
C GLN A 44 -3.60 4.11 -5.40
N LEU A 45 -2.32 4.38 -5.62
CA LEU A 45 -1.51 5.34 -4.90
C LEU A 45 -1.95 6.77 -5.11
N ALA A 46 -1.82 7.31 -6.32
CA ALA A 46 -2.19 8.69 -6.59
C ALA A 46 -3.69 8.92 -6.37
N SER A 47 -4.46 7.86 -6.13
CA SER A 47 -5.83 7.94 -5.69
C SER A 47 -5.83 8.42 -4.25
N MET A 48 -5.04 7.78 -3.37
CA MET A 48 -4.91 8.14 -1.95
C MET A 48 -4.41 9.58 -1.75
N GLY A 49 -3.89 10.21 -2.80
CA GLY A 49 -3.16 11.47 -2.69
C GLY A 49 -1.69 11.17 -2.42
N LEU A 50 -1.22 9.97 -2.78
CA LEU A 50 0.20 9.65 -2.74
C LEU A 50 0.92 10.60 -3.69
N ASN A 51 2.09 11.08 -3.28
CA ASN A 51 2.91 11.99 -4.08
C ASN A 51 3.87 11.21 -4.97
N THR A 52 3.46 10.72 -6.14
CA THR A 52 4.34 9.94 -7.00
C THR A 52 5.59 10.71 -7.41
N ALA A 53 5.58 12.04 -7.28
CA ALA A 53 6.69 12.89 -7.63
C ALA A 53 7.63 13.18 -6.46
N SER A 54 7.23 12.92 -5.21
CA SER A 54 8.15 13.01 -4.09
C SER A 54 9.18 11.89 -4.17
N VAL A 55 8.85 10.73 -4.74
CA VAL A 55 9.73 9.57 -4.72
C VAL A 55 10.56 9.63 -5.99
N ALA A 56 11.88 9.72 -5.84
CA ALA A 56 12.79 9.42 -6.93
C ALA A 56 12.56 7.97 -7.36
N GLY A 57 11.88 7.80 -8.50
CA GLY A 57 11.61 6.50 -9.07
C GLY A 57 10.25 5.93 -8.69
N MET A 58 9.17 6.73 -8.72
CA MET A 58 7.81 6.16 -8.71
C MET A 58 7.02 6.54 -9.95
N ASN A 59 7.23 7.75 -10.45
CA ASN A 59 6.64 8.33 -11.65
C ASN A 59 7.02 7.63 -12.97
N LEU A 60 7.61 6.44 -12.89
CA LEU A 60 8.06 5.60 -14.00
C LEU A 60 7.54 4.15 -13.88
N LEU A 61 6.74 3.82 -12.85
CA LEU A 61 6.04 2.54 -12.74
C LEU A 61 4.64 2.68 -13.33
N ALA A 62 3.99 1.55 -13.63
CA ALA A 62 2.62 1.53 -14.11
C ALA A 62 1.61 1.85 -13.00
N ASP A 63 0.41 2.19 -13.46
CA ASP A 63 -0.82 2.34 -12.70
C ASP A 63 -1.55 1.03 -12.44
N ASP A 64 -0.98 -0.06 -12.93
CA ASP A 64 -1.28 -1.44 -12.59
C ASP A 64 0.06 -2.16 -12.65
N ALA A 65 0.93 -1.83 -11.70
CA ALA A 65 2.12 -2.58 -11.33
C ALA A 65 2.08 -2.74 -9.82
N CYS A 66 2.77 -3.75 -9.31
CA CYS A 66 3.19 -3.78 -7.92
C CYS A 66 4.30 -2.72 -7.77
N VAL A 67 3.92 -1.53 -7.35
CA VAL A 67 4.82 -0.53 -6.80
C VAL A 67 5.29 -1.07 -5.44
N PRO A 68 6.60 -1.14 -5.17
CA PRO A 68 7.11 -1.49 -3.84
C PRO A 68 7.00 -0.25 -2.95
N LEU A 69 5.78 0.19 -2.66
CA LEU A 69 5.52 1.41 -1.91
C LEU A 69 6.28 1.33 -0.59
N THR A 70 6.19 0.22 0.13
CA THR A 70 6.78 0.10 1.45
C THR A 70 8.32 0.08 1.43
N THR A 71 8.96 -0.06 0.26
CA THR A 71 10.41 0.05 0.10
C THR A 71 10.77 1.46 -0.38
N MET A 72 9.98 1.99 -1.32
CA MET A 72 10.24 3.27 -1.97
C MET A 72 9.86 4.46 -1.09
N VAL A 73 8.87 4.30 -0.21
CA VAL A 73 8.47 5.23 0.81
C VAL A 73 8.88 4.58 2.14
N GLN A 74 9.97 5.03 2.74
CA GLN A 74 10.35 4.53 4.06
C GLN A 74 9.28 4.94 5.09
N ASP A 75 9.01 4.11 6.10
CA ASP A 75 7.97 4.20 7.15
C ASP A 75 6.64 3.64 6.65
N ALA A 76 6.44 3.63 5.33
CA ALA A 76 5.20 3.13 4.79
C ALA A 76 5.14 1.64 5.00
N THR A 77 3.96 1.18 5.40
CA THR A 77 3.73 -0.18 5.85
C THR A 77 2.35 -0.63 5.39
N ALA A 78 2.16 -1.94 5.19
CA ALA A 78 0.91 -2.57 4.76
C ALA A 78 0.61 -3.85 5.54
N HIS A 79 0.09 -3.73 6.76
CA HIS A 79 -0.34 -4.85 7.61
C HIS A 79 -1.78 -5.21 7.22
N LEU A 80 -2.02 -6.43 6.73
CA LEU A 80 -3.37 -6.95 6.55
C LEU A 80 -3.87 -7.41 7.89
N ASP A 81 -4.90 -6.73 8.38
CA ASP A 81 -5.70 -7.13 9.53
C ASP A 81 -6.88 -7.95 9.03
N VAL A 82 -6.74 -9.27 8.94
CA VAL A 82 -7.87 -10.17 8.70
C VAL A 82 -8.81 -10.27 9.92
N GLY A 83 -8.46 -9.67 11.06
CA GLY A 83 -9.42 -9.50 12.13
C GLY A 83 -10.54 -8.56 11.66
N GLN A 84 -10.17 -7.36 11.21
CA GLN A 84 -11.09 -6.27 10.88
C GLN A 84 -11.34 -6.14 9.37
N GLN A 85 -10.62 -6.90 8.54
CA GLN A 85 -10.50 -6.69 7.11
C GLN A 85 -9.96 -5.29 6.81
N ARG A 86 -8.97 -4.85 7.60
CA ARG A 86 -8.37 -3.53 7.47
C ARG A 86 -6.95 -3.68 6.96
N LEU A 87 -6.69 -3.23 5.74
CA LEU A 87 -5.32 -3.13 5.27
C LEU A 87 -4.75 -1.84 5.86
N ASN A 88 -4.13 -2.00 7.02
CA ASN A 88 -3.52 -0.93 7.79
C ASN A 88 -2.38 -0.39 6.94
N LEU A 89 -2.45 0.88 6.56
CA LEU A 89 -1.54 1.52 5.63
C LEU A 89 -0.98 2.77 6.31
N THR A 90 0.31 3.04 6.18
CA THR A 90 0.91 4.31 6.60
C THR A 90 1.70 4.86 5.42
N ILE A 91 1.79 6.18 5.32
CA ILE A 91 2.75 6.94 4.50
C ILE A 91 3.10 8.21 5.29
N PRO A 92 4.38 8.56 5.42
CA PRO A 92 4.81 9.83 6.01
C PRO A 92 4.36 11.02 5.16
N GLN A 93 4.05 12.16 5.80
CA GLN A 93 3.44 13.33 5.15
C GLN A 93 4.21 13.83 3.93
N ALA A 94 5.54 13.75 3.96
CA ALA A 94 6.44 14.11 2.87
C ALA A 94 6.08 13.44 1.53
N PHE A 95 5.43 12.28 1.59
CA PHE A 95 5.13 11.46 0.43
C PHE A 95 3.62 11.54 0.18
N MET A 96 3.01 12.71 0.36
CA MET A 96 1.59 12.96 0.12
C MET A 96 1.43 14.27 -0.65
N SER A 97 0.37 14.41 -1.43
CA SER A 97 0.18 15.57 -2.29
C SER A 97 -0.37 16.73 -1.46
N ASN A 98 -1.40 16.45 -0.66
CA ASN A 98 -2.29 17.27 0.17
C ASN A 98 -3.68 16.62 0.07
N ARG A 99 -4.70 17.09 0.80
CA ARG A 99 -6.12 16.69 0.74
C ARG A 99 -6.36 15.29 1.29
N ALA A 100 -5.86 14.25 0.60
CA ALA A 100 -6.10 12.83 0.84
C ALA A 100 -7.54 12.58 1.29
N ARG A 101 -8.47 12.52 0.33
CA ARG A 101 -9.89 12.33 0.61
C ARG A 101 -10.11 10.95 1.18
N GLY A 1 8.49 -11.86 9.38
CA GLY A 1 8.55 -13.32 9.22
C GLY A 1 7.94 -13.73 7.90
N GLN A 2 7.47 -14.98 7.79
CA GLN A 2 6.74 -15.49 6.65
C GLN A 2 5.78 -16.58 7.13
N GLU A 3 4.51 -16.21 7.23
CA GLU A 3 3.50 -16.93 7.98
C GLU A 3 2.14 -16.90 7.28
N LEU A 4 2.14 -16.53 6.00
CA LEU A 4 0.92 -16.26 5.24
C LEU A 4 1.17 -16.42 3.72
N PRO A 5 0.39 -17.25 3.00
CA PRO A 5 0.53 -17.49 1.57
C PRO A 5 -0.16 -16.37 0.75
N PRO A 6 0.28 -16.10 -0.51
CA PRO A 6 -0.22 -15.00 -1.35
C PRO A 6 -1.64 -15.26 -1.88
N GLY A 7 -2.27 -14.27 -2.54
CA GLY A 7 -3.72 -14.32 -2.82
C GLY A 7 -4.30 -12.93 -3.14
N THR A 8 -5.59 -12.72 -2.88
CA THR A 8 -6.17 -11.40 -2.75
C THR A 8 -7.11 -11.38 -1.53
N TYR A 9 -7.02 -10.31 -0.73
CA TYR A 9 -7.86 -10.10 0.44
C TYR A 9 -8.79 -8.93 0.16
N ARG A 10 -9.91 -8.84 0.88
CA ARG A 10 -10.94 -7.83 0.68
C ARG A 10 -10.94 -6.98 1.94
N VAL A 11 -10.50 -5.73 1.82
CA VAL A 11 -10.19 -4.92 2.99
C VAL A 11 -10.52 -3.47 2.73
N ASP A 12 -10.68 -2.72 3.83
CA ASP A 12 -10.81 -1.27 3.79
C ASP A 12 -9.40 -0.77 3.96
N ILE A 13 -8.84 -0.12 2.95
CA ILE A 13 -7.52 0.47 3.00
C ILE A 13 -7.63 1.70 3.89
N TYR A 14 -7.14 1.59 5.13
CA TYR A 14 -6.99 2.69 6.03
C TYR A 14 -5.56 3.15 5.89
N LEU A 15 -5.32 4.17 5.06
CA LEU A 15 -4.02 4.83 5.07
C LEU A 15 -4.06 5.80 6.25
N ASN A 16 -3.06 5.73 7.11
CA ASN A 16 -2.88 6.64 8.24
C ASN A 16 -4.17 6.78 9.03
N ASN A 17 -4.87 5.66 9.24
CA ASN A 17 -6.09 5.54 10.03
C ASN A 17 -7.28 6.35 9.49
N GLY A 18 -7.30 6.74 8.21
CA GLY A 18 -8.43 7.47 7.64
C GLY A 18 -8.85 7.00 6.25
N TYR A 19 -9.32 5.75 6.12
CA TYR A 19 -10.11 5.14 5.04
C TYR A 19 -10.01 5.79 3.65
N MET A 20 -9.40 5.08 2.68
CA MET A 20 -9.15 5.58 1.32
C MET A 20 -10.05 4.92 0.29
N ALA A 21 -10.27 3.61 0.40
CA ALA A 21 -11.05 2.78 -0.52
C ALA A 21 -11.27 1.42 0.15
N THR A 22 -12.18 0.61 -0.38
CA THR A 22 -12.49 -0.73 0.11
C THR A 22 -12.70 -1.64 -1.10
N ARG A 23 -11.79 -2.58 -1.31
CA ARG A 23 -11.79 -3.42 -2.52
C ARG A 23 -10.93 -4.66 -2.31
N ASP A 24 -10.86 -5.49 -3.34
CA ASP A 24 -9.79 -6.48 -3.42
C ASP A 24 -8.46 -5.73 -3.41
N VAL A 25 -7.47 -6.32 -2.77
CA VAL A 25 -6.08 -5.86 -2.78
C VAL A 25 -5.25 -7.12 -2.96
N THR A 26 -5.02 -7.51 -4.21
CA THR A 26 -4.19 -8.66 -4.55
C THR A 26 -2.76 -8.40 -4.08
N PHE A 27 -2.28 -9.19 -3.13
CA PHE A 27 -0.96 -9.14 -2.58
C PHE A 27 -0.11 -10.25 -3.22
N ASN A 28 1.18 -10.23 -2.92
CA ASN A 28 2.18 -11.21 -3.33
C ASN A 28 3.16 -11.34 -2.18
N THR A 29 3.89 -12.45 -2.20
CA THR A 29 4.93 -12.75 -1.22
C THR A 29 5.99 -11.67 -1.24
N GLY A 30 6.51 -11.31 -0.06
CA GLY A 30 7.51 -10.30 0.11
C GLY A 30 7.96 -10.25 1.55
N ASP A 31 8.87 -9.35 1.84
CA ASP A 31 9.47 -9.22 3.16
C ASP A 31 8.62 -8.26 3.99
N SER A 32 8.01 -8.76 5.05
CA SER A 32 7.13 -8.03 5.97
C SER A 32 7.06 -8.82 7.28
N GLU A 33 6.18 -8.44 8.20
CA GLU A 33 5.85 -9.29 9.35
C GLU A 33 5.20 -10.57 8.84
N GLN A 34 4.07 -10.46 8.13
CA GLN A 34 3.33 -11.67 7.75
C GLN A 34 3.95 -12.36 6.52
N GLY A 35 4.75 -11.63 5.75
CA GLY A 35 5.50 -12.14 4.62
C GLY A 35 4.83 -11.94 3.25
N ILE A 36 3.93 -10.96 3.13
CA ILE A 36 3.20 -10.62 1.91
C ILE A 36 2.96 -9.12 1.87
N VAL A 37 2.88 -8.55 0.66
CA VAL A 37 2.69 -7.13 0.40
C VAL A 37 1.54 -6.92 -0.61
N PRO A 38 0.61 -5.98 -0.36
CA PRO A 38 -0.47 -5.64 -1.30
C PRO A 38 0.09 -5.05 -2.60
N CYS A 39 -0.61 -5.26 -3.74
CA CYS A 39 -0.32 -4.57 -4.98
C CYS A 39 -0.80 -3.14 -4.82
N LEU A 40 0.12 -2.17 -4.84
CA LEU A 40 -0.18 -0.75 -4.70
C LEU A 40 0.44 -0.07 -5.92
N THR A 41 -0.35 0.10 -6.97
CA THR A 41 0.07 0.59 -8.27
C THR A 41 0.20 2.12 -8.23
N ARG A 42 0.89 2.73 -9.18
CA ARG A 42 0.93 4.19 -9.36
C ARG A 42 -0.46 4.79 -9.24
N ALA A 43 -1.46 4.13 -9.80
CA ALA A 43 -2.83 4.60 -9.70
C ALA A 43 -3.38 4.41 -8.28
N GLN A 44 -3.31 3.21 -7.69
CA GLN A 44 -3.79 2.93 -6.33
C GLN A 44 -3.22 3.95 -5.34
N LEU A 45 -1.94 4.23 -5.44
CA LEU A 45 -1.20 5.16 -4.61
C LEU A 45 -1.71 6.58 -4.85
N ALA A 46 -1.70 7.05 -6.09
CA ALA A 46 -2.16 8.39 -6.37
C ALA A 46 -3.65 8.55 -6.02
N SER A 47 -4.41 7.46 -5.96
CA SER A 47 -5.82 7.51 -5.54
C SER A 47 -5.88 7.97 -4.07
N MET A 48 -5.17 7.26 -3.18
CA MET A 48 -5.05 7.58 -1.74
C MET A 48 -4.23 8.86 -1.48
N GLY A 49 -3.86 9.65 -2.50
CA GLY A 49 -3.21 10.95 -2.30
C GLY A 49 -1.71 10.85 -2.05
N LEU A 50 -1.10 9.67 -2.24
CA LEU A 50 0.34 9.57 -2.28
C LEU A 50 0.87 10.41 -3.45
N ASN A 51 2.01 11.04 -3.23
CA ASN A 51 2.66 11.91 -4.20
C ASN A 51 3.70 11.13 -5.00
N THR A 52 3.37 10.63 -6.19
CA THR A 52 4.30 9.88 -7.03
C THR A 52 5.57 10.68 -7.31
N ALA A 53 5.47 12.01 -7.35
CA ALA A 53 6.58 12.89 -7.63
C ALA A 53 7.56 13.03 -6.46
N SER A 54 7.18 12.64 -5.24
CA SER A 54 8.08 12.65 -4.08
C SER A 54 9.14 11.53 -4.19
N VAL A 55 8.93 10.51 -5.05
CA VAL A 55 9.67 9.27 -4.99
C VAL A 55 10.41 9.08 -6.31
N ALA A 56 11.73 8.84 -6.22
CA ALA A 56 12.63 8.87 -7.37
C ALA A 56 12.21 7.90 -8.47
N GLY A 57 11.80 6.68 -8.12
CA GLY A 57 11.47 5.63 -9.07
C GLY A 57 10.00 5.26 -9.01
N MET A 58 9.07 6.22 -8.89
CA MET A 58 7.63 5.90 -8.82
C MET A 58 6.86 6.38 -10.02
N ASN A 59 7.07 7.64 -10.39
CA ASN A 59 6.39 8.35 -11.48
C ASN A 59 6.65 7.76 -12.87
N LEU A 60 7.25 6.58 -12.97
CA LEU A 60 7.62 5.87 -14.18
C LEU A 60 7.01 4.46 -14.25
N LEU A 61 6.45 3.90 -13.16
CA LEU A 61 5.83 2.57 -13.16
C LEU A 61 4.42 2.61 -13.74
N ALA A 62 3.92 1.46 -14.22
CA ALA A 62 2.59 1.34 -14.82
C ALA A 62 1.46 1.56 -13.83
N ASP A 63 0.26 1.86 -14.32
CA ASP A 63 -0.96 1.99 -13.54
C ASP A 63 -1.44 0.68 -12.92
N ASP A 64 -0.81 -0.44 -13.25
CA ASP A 64 -1.09 -1.74 -12.64
C ASP A 64 0.15 -2.53 -12.30
N ALA A 65 1.21 -1.84 -11.86
CA ALA A 65 2.44 -2.51 -11.50
C ALA A 65 2.55 -2.60 -9.98
N CYS A 66 3.05 -3.71 -9.43
CA CYS A 66 3.22 -3.93 -7.99
C CYS A 66 4.39 -3.09 -7.45
N VAL A 67 4.18 -1.80 -7.20
CA VAL A 67 5.25 -0.94 -6.71
C VAL A 67 5.70 -1.44 -5.33
N PRO A 68 7.01 -1.46 -5.04
CA PRO A 68 7.52 -1.81 -3.73
C PRO A 68 7.34 -0.64 -2.78
N LEU A 69 6.09 -0.38 -2.39
CA LEU A 69 5.73 0.72 -1.50
C LEU A 69 6.59 0.65 -0.25
N THR A 70 6.60 -0.50 0.40
CA THR A 70 7.26 -0.70 1.67
C THR A 70 8.80 -0.78 1.54
N THR A 71 9.37 -0.50 0.37
CA THR A 71 10.79 -0.19 0.19
C THR A 71 10.93 1.28 -0.23
N MET A 72 10.28 1.66 -1.32
CA MET A 72 10.43 2.97 -1.95
C MET A 72 9.92 4.11 -1.08
N VAL A 73 8.91 3.89 -0.23
CA VAL A 73 8.55 4.84 0.80
C VAL A 73 8.96 4.20 2.13
N GLN A 74 9.87 4.84 2.84
CA GLN A 74 10.24 4.47 4.20
C GLN A 74 9.27 5.14 5.17
N ASP A 75 9.04 4.55 6.35
CA ASP A 75 7.97 4.82 7.32
C ASP A 75 6.59 4.35 6.87
N ALA A 76 6.42 4.04 5.59
CA ALA A 76 5.25 3.34 5.08
C ALA A 76 5.43 1.85 5.30
N THR A 77 4.29 1.17 5.44
CA THR A 77 4.21 -0.24 5.77
C THR A 77 2.87 -0.78 5.29
N ALA A 78 2.73 -2.10 5.15
CA ALA A 78 1.49 -2.77 4.81
C ALA A 78 1.19 -3.91 5.78
N HIS A 79 0.14 -3.73 6.59
CA HIS A 79 -0.29 -4.68 7.63
C HIS A 79 -1.73 -5.07 7.33
N LEU A 80 -1.95 -6.26 6.77
CA LEU A 80 -3.29 -6.77 6.50
C LEU A 80 -3.89 -7.33 7.79
N ASP A 81 -4.84 -6.58 8.37
CA ASP A 81 -5.58 -6.93 9.57
C ASP A 81 -6.70 -7.91 9.22
N VAL A 82 -6.39 -9.16 8.88
CA VAL A 82 -7.44 -10.05 8.38
C VAL A 82 -8.57 -10.24 9.40
N GLY A 83 -8.29 -9.98 10.68
CA GLY A 83 -9.29 -10.06 11.72
C GLY A 83 -10.34 -8.97 11.54
N GLN A 84 -10.00 -7.79 11.01
CA GLN A 84 -10.94 -6.68 10.89
C GLN A 84 -11.32 -6.34 9.45
N GLN A 85 -10.76 -7.02 8.44
CA GLN A 85 -10.89 -6.65 7.02
C GLN A 85 -10.52 -5.17 6.81
N ARG A 86 -9.45 -4.73 7.47
CA ARG A 86 -8.77 -3.46 7.30
C ARG A 86 -7.37 -3.71 6.73
N LEU A 87 -6.94 -2.91 5.76
CA LEU A 87 -5.53 -2.72 5.47
C LEU A 87 -5.07 -1.69 6.50
N ASN A 88 -4.32 -2.06 7.54
CA ASN A 88 -3.59 -1.08 8.34
C ASN A 88 -2.44 -0.66 7.44
N LEU A 89 -2.71 0.36 6.65
CA LEU A 89 -1.76 0.93 5.72
C LEU A 89 -1.18 2.23 6.27
N THR A 90 0.04 2.59 5.87
CA THR A 90 0.67 3.79 6.41
C THR A 90 1.57 4.43 5.34
N ILE A 91 1.67 5.76 5.31
CA ILE A 91 2.62 6.57 4.52
C ILE A 91 2.95 7.86 5.31
N PRO A 92 4.22 8.28 5.38
CA PRO A 92 4.61 9.56 5.97
C PRO A 92 4.11 10.72 5.12
N GLN A 93 3.78 11.85 5.76
CA GLN A 93 3.21 13.03 5.12
C GLN A 93 4.08 13.56 3.96
N ALA A 94 5.40 13.40 4.03
CA ALA A 94 6.35 13.77 2.97
C ALA A 94 6.06 13.10 1.62
N PHE A 95 5.31 12.00 1.60
CA PHE A 95 4.99 11.30 0.37
C PHE A 95 3.47 11.38 0.16
N MET A 96 2.87 12.52 0.50
CA MET A 96 1.44 12.75 0.41
C MET A 96 1.24 14.14 -0.18
N SER A 97 0.28 14.25 -1.10
CA SER A 97 -0.11 15.48 -1.74
C SER A 97 -0.98 16.27 -0.78
N ASN A 98 -0.35 16.97 0.18
CA ASN A 98 -0.97 17.89 1.11
C ASN A 98 -1.98 17.18 2.03
N ARG A 99 -3.18 16.85 1.54
CA ARG A 99 -4.08 15.85 2.13
C ARG A 99 -4.58 14.92 1.04
N ALA A 100 -4.75 13.66 1.37
CA ALA A 100 -5.69 12.76 0.72
C ALA A 100 -7.10 13.19 1.08
N ARG A 101 -8.04 13.01 0.16
CA ARG A 101 -9.43 13.38 0.34
C ARG A 101 -10.26 12.32 -0.38
N GLY A 1 11.79 -14.55 7.51
CA GLY A 1 10.74 -14.97 8.45
C GLY A 1 9.40 -14.54 7.89
N GLN A 2 8.38 -15.38 7.99
CA GLN A 2 7.09 -15.14 7.34
C GLN A 2 6.02 -16.00 8.01
N GLU A 3 4.74 -15.68 7.76
CA GLU A 3 3.63 -16.29 8.49
C GLU A 3 2.28 -16.22 7.75
N LEU A 4 2.28 -15.91 6.45
CA LEU A 4 1.10 -15.99 5.58
C LEU A 4 1.46 -16.23 4.10
N PRO A 5 0.92 -17.28 3.44
CA PRO A 5 1.11 -17.50 2.00
C PRO A 5 0.34 -16.44 1.17
N PRO A 6 0.65 -16.25 -0.12
CA PRO A 6 0.10 -15.18 -1.00
C PRO A 6 -1.35 -15.43 -1.45
N GLY A 7 -1.96 -14.53 -2.25
CA GLY A 7 -3.36 -14.66 -2.66
C GLY A 7 -4.01 -13.31 -3.04
N THR A 8 -5.31 -13.15 -2.75
CA THR A 8 -6.02 -11.87 -2.74
C THR A 8 -6.95 -11.81 -1.52
N TYR A 9 -7.01 -10.67 -0.82
CA TYR A 9 -7.89 -10.44 0.32
C TYR A 9 -8.66 -9.14 0.15
N ARG A 10 -9.97 -9.17 0.45
CA ARG A 10 -10.87 -8.05 0.30
C ARG A 10 -10.87 -7.25 1.59
N VAL A 11 -10.29 -6.06 1.59
CA VAL A 11 -10.14 -5.25 2.80
C VAL A 11 -10.26 -3.78 2.49
N ASP A 12 -10.34 -2.97 3.55
CA ASP A 12 -10.46 -1.51 3.46
C ASP A 12 -9.05 -0.98 3.60
N ILE A 13 -8.57 -0.28 2.58
CA ILE A 13 -7.32 0.44 2.54
C ILE A 13 -7.50 1.64 3.48
N TYR A 14 -6.89 1.59 4.67
CA TYR A 14 -6.85 2.70 5.61
C TYR A 14 -5.45 3.27 5.52
N LEU A 15 -5.28 4.34 4.75
CA LEU A 15 -3.99 5.03 4.66
C LEU A 15 -3.97 6.15 5.68
N ASN A 16 -2.94 6.12 6.51
CA ASN A 16 -2.72 7.03 7.62
C ASN A 16 -3.98 7.18 8.45
N ASN A 17 -4.51 6.02 8.87
CA ASN A 17 -5.65 5.85 9.75
C ASN A 17 -6.98 6.36 9.16
N GLY A 18 -7.08 6.56 7.85
CA GLY A 18 -8.31 7.01 7.20
C GLY A 18 -8.59 6.12 6.01
N TYR A 19 -9.85 5.70 5.87
CA TYR A 19 -10.31 4.87 4.76
C TYR A 19 -10.06 5.62 3.46
N MET A 20 -9.57 4.93 2.44
CA MET A 20 -9.39 5.44 1.09
C MET A 20 -10.21 4.63 0.08
N ALA A 21 -10.17 3.29 0.14
CA ALA A 21 -10.84 2.40 -0.80
C ALA A 21 -11.10 1.06 -0.12
N THR A 22 -11.90 0.19 -0.74
CA THR A 22 -12.17 -1.17 -0.26
C THR A 22 -12.39 -2.03 -1.49
N ARG A 23 -11.60 -3.10 -1.66
CA ARG A 23 -11.71 -4.04 -2.76
C ARG A 23 -10.81 -5.22 -2.50
N ASP A 24 -10.79 -6.16 -3.43
CA ASP A 24 -9.91 -7.32 -3.37
C ASP A 24 -8.50 -6.85 -3.74
N VAL A 25 -7.63 -6.85 -2.75
CA VAL A 25 -6.26 -6.38 -2.84
C VAL A 25 -5.43 -7.65 -3.03
N THR A 26 -5.04 -7.97 -4.26
CA THR A 26 -4.17 -9.10 -4.54
C THR A 26 -2.81 -8.81 -3.93
N PHE A 27 -2.14 -9.80 -3.33
CA PHE A 27 -0.88 -9.65 -2.68
C PHE A 27 0.03 -10.78 -3.14
N ASN A 28 1.34 -10.52 -3.10
CA ASN A 28 2.34 -11.40 -3.66
C ASN A 28 3.42 -11.61 -2.62
N THR A 29 4.26 -12.62 -2.82
CA THR A 29 5.14 -13.15 -1.81
C THR A 29 6.37 -12.25 -1.67
N GLY A 30 6.54 -11.63 -0.50
CA GLY A 30 7.57 -10.63 -0.26
C GLY A 30 8.04 -10.67 1.19
N ASP A 31 8.20 -9.49 1.77
CA ASP A 31 9.02 -9.27 2.96
C ASP A 31 8.40 -8.17 3.82
N SER A 32 7.46 -8.57 4.68
CA SER A 32 6.87 -7.73 5.72
C SER A 32 6.53 -8.64 6.91
N GLU A 33 5.86 -8.07 7.93
CA GLU A 33 5.37 -8.74 9.12
C GLU A 33 4.82 -10.13 8.80
N GLN A 34 3.86 -10.21 7.88
CA GLN A 34 3.20 -11.46 7.57
C GLN A 34 3.89 -12.21 6.42
N GLY A 35 4.67 -11.52 5.57
CA GLY A 35 5.44 -12.13 4.50
C GLY A 35 4.90 -11.85 3.09
N ILE A 36 3.87 -11.01 2.97
CA ILE A 36 3.08 -10.78 1.77
C ILE A 36 2.77 -9.30 1.63
N VAL A 37 2.86 -8.79 0.40
CA VAL A 37 2.71 -7.36 0.15
C VAL A 37 1.54 -7.12 -0.82
N PRO A 38 0.57 -6.26 -0.50
CA PRO A 38 -0.56 -5.97 -1.37
C PRO A 38 -0.09 -5.29 -2.66
N CYS A 39 -0.87 -5.41 -3.72
CA CYS A 39 -0.69 -4.74 -4.99
C CYS A 39 -1.30 -3.35 -4.88
N LEU A 40 -0.56 -2.41 -4.32
CA LEU A 40 -0.90 -0.99 -4.39
C LEU A 40 -0.20 -0.42 -5.63
N THR A 41 -0.96 0.13 -6.58
CA THR A 41 -0.47 0.57 -7.86
C THR A 41 -0.21 2.08 -7.87
N ARG A 42 0.39 2.61 -8.95
CA ARG A 42 0.63 4.04 -9.10
C ARG A 42 -0.67 4.85 -9.09
N ALA A 43 -1.72 4.29 -9.68
CA ALA A 43 -3.07 4.82 -9.54
C ALA A 43 -3.47 4.82 -8.09
N GLN A 44 -3.51 3.63 -7.47
CA GLN A 44 -4.06 3.41 -6.13
C GLN A 44 -3.42 4.35 -5.10
N LEU A 45 -2.09 4.48 -5.14
CA LEU A 45 -1.37 5.27 -4.17
C LEU A 45 -1.68 6.75 -4.39
N ALA A 46 -1.53 7.23 -5.62
CA ALA A 46 -1.86 8.61 -5.93
C ALA A 46 -3.34 8.91 -5.74
N SER A 47 -4.21 7.89 -5.72
CA SER A 47 -5.64 8.06 -5.44
C SER A 47 -5.79 8.59 -4.01
N MET A 48 -5.02 8.02 -3.07
CA MET A 48 -4.97 8.46 -1.67
C MET A 48 -4.31 9.83 -1.52
N GLY A 49 -3.69 10.35 -2.58
CA GLY A 49 -2.81 11.50 -2.52
C GLY A 49 -1.39 11.13 -2.09
N LEU A 50 -0.93 9.87 -2.18
CA LEU A 50 0.50 9.59 -2.00
C LEU A 50 1.28 10.35 -3.07
N ASN A 51 2.32 11.05 -2.64
CA ASN A 51 3.15 11.91 -3.48
C ASN A 51 4.20 11.06 -4.18
N THR A 52 3.86 10.51 -5.34
CA THR A 52 4.74 9.69 -6.16
C THR A 52 5.96 10.49 -6.61
N ALA A 53 5.82 11.79 -6.84
CA ALA A 53 6.94 12.60 -7.31
C ALA A 53 7.92 12.91 -6.20
N SER A 54 7.54 12.74 -4.92
CA SER A 54 8.49 12.84 -3.83
C SER A 54 9.49 11.67 -3.81
N VAL A 55 9.26 10.60 -4.59
CA VAL A 55 10.03 9.38 -4.49
C VAL A 55 10.42 8.88 -5.88
N ALA A 56 11.71 8.90 -6.18
CA ALA A 56 12.26 8.51 -7.46
C ALA A 56 11.85 7.08 -7.82
N GLY A 57 11.80 6.80 -9.12
CA GLY A 57 11.38 5.50 -9.62
C GLY A 57 9.88 5.24 -9.45
N MET A 58 9.08 6.24 -9.08
CA MET A 58 7.64 6.05 -8.92
C MET A 58 6.85 6.56 -10.10
N ASN A 59 7.23 7.72 -10.64
CA ASN A 59 6.47 8.42 -11.67
C ASN A 59 6.42 7.70 -13.03
N LEU A 60 7.03 6.52 -13.12
CA LEU A 60 7.17 5.69 -14.30
C LEU A 60 6.51 4.32 -14.12
N LEU A 61 5.96 4.01 -12.94
CA LEU A 61 5.28 2.74 -12.69
C LEU A 61 3.86 2.77 -13.27
N ALA A 62 3.38 1.65 -13.79
CA ALA A 62 2.04 1.58 -14.37
C ALA A 62 0.97 1.70 -13.29
N ASP A 63 -0.22 2.11 -13.71
CA ASP A 63 -1.41 2.24 -12.88
C ASP A 63 -1.96 0.87 -12.45
N ASP A 64 -1.31 -0.21 -12.88
CA ASP A 64 -1.56 -1.59 -12.52
C ASP A 64 -0.27 -2.31 -12.14
N ALA A 65 0.64 -1.61 -11.48
CA ALA A 65 1.91 -2.20 -11.16
C ALA A 65 1.95 -2.55 -9.67
N CYS A 66 2.60 -3.65 -9.27
CA CYS A 66 2.86 -3.89 -7.86
C CYS A 66 4.00 -2.96 -7.41
N VAL A 67 3.69 -1.71 -7.04
CA VAL A 67 4.72 -0.76 -6.63
C VAL A 67 5.46 -1.33 -5.41
N PRO A 68 6.77 -1.10 -5.23
CA PRO A 68 7.45 -1.33 -3.96
C PRO A 68 6.95 -0.30 -2.93
N LEU A 69 5.79 -0.53 -2.34
CA LEU A 69 5.17 0.45 -1.46
C LEU A 69 6.03 0.67 -0.23
N THR A 70 6.54 -0.42 0.32
CA THR A 70 7.25 -0.43 1.59
C THR A 70 8.78 -0.45 1.42
N THR A 71 9.30 -0.75 0.22
CA THR A 71 10.72 -0.53 -0.05
C THR A 71 10.90 0.97 -0.34
N MET A 72 10.25 1.51 -1.38
CA MET A 72 10.60 2.84 -1.90
C MET A 72 10.20 3.98 -0.95
N VAL A 73 9.28 3.75 -0.02
CA VAL A 73 8.82 4.72 0.95
C VAL A 73 9.29 4.23 2.32
N GLN A 74 10.26 4.92 2.91
CA GLN A 74 10.64 4.70 4.31
C GLN A 74 9.45 5.08 5.21
N ASP A 75 9.43 4.59 6.44
CA ASP A 75 8.39 4.82 7.45
C ASP A 75 7.08 4.07 7.14
N ALA A 76 6.74 3.94 5.86
CA ALA A 76 5.53 3.28 5.38
C ALA A 76 5.51 1.79 5.71
N THR A 77 4.29 1.26 5.83
CA THR A 77 4.00 -0.16 6.00
C THR A 77 2.69 -0.50 5.28
N ALA A 78 2.46 -1.80 4.98
CA ALA A 78 1.26 -2.34 4.37
C ALA A 78 0.89 -3.64 5.11
N HIS A 79 0.02 -3.52 6.11
CA HIS A 79 -0.34 -4.55 7.06
C HIS A 79 -1.80 -4.94 6.86
N LEU A 80 -2.01 -6.14 6.35
CA LEU A 80 -3.33 -6.73 6.18
C LEU A 80 -3.78 -7.28 7.53
N ASP A 81 -4.72 -6.59 8.18
CA ASP A 81 -5.56 -7.13 9.24
C ASP A 81 -6.68 -7.96 8.61
N VAL A 82 -6.48 -9.27 8.42
CA VAL A 82 -7.59 -10.12 7.97
C VAL A 82 -8.73 -10.13 8.99
N GLY A 83 -8.43 -9.91 10.28
CA GLY A 83 -9.37 -10.05 11.38
C GLY A 83 -10.46 -9.01 11.34
N GLN A 84 -10.16 -7.78 10.93
CA GLN A 84 -11.14 -6.70 10.76
C GLN A 84 -11.24 -6.26 9.28
N GLN A 85 -10.71 -7.09 8.38
CA GLN A 85 -10.61 -6.83 6.95
C GLN A 85 -10.13 -5.41 6.68
N ARG A 86 -8.96 -5.07 7.24
CA ARG A 86 -8.42 -3.72 7.23
C ARG A 86 -6.98 -3.76 6.77
N LEU A 87 -6.72 -3.21 5.59
CA LEU A 87 -5.35 -2.98 5.17
C LEU A 87 -4.90 -1.70 5.89
N ASN A 88 -4.31 -1.88 7.07
CA ASN A 88 -3.59 -0.86 7.81
C ASN A 88 -2.42 -0.44 6.94
N LEU A 89 -2.43 0.80 6.46
CA LEU A 89 -1.49 1.31 5.48
C LEU A 89 -0.99 2.62 6.08
N THR A 90 0.31 2.88 6.06
CA THR A 90 0.86 4.09 6.65
C THR A 90 1.89 4.65 5.68
N ILE A 91 2.04 5.97 5.67
CA ILE A 91 2.99 6.72 4.84
C ILE A 91 3.41 7.98 5.62
N PRO A 92 4.68 8.40 5.53
CA PRO A 92 5.11 9.67 6.10
C PRO A 92 4.46 10.83 5.34
N GLN A 93 4.07 11.91 6.04
CA GLN A 93 3.43 13.08 5.41
C GLN A 93 4.34 13.76 4.37
N ALA A 94 5.65 13.54 4.45
CA ALA A 94 6.59 14.00 3.45
C ALA A 94 6.28 13.43 2.05
N PHE A 95 5.61 12.28 1.97
CA PHE A 95 5.20 11.66 0.72
C PHE A 95 3.67 11.76 0.60
N MET A 96 3.05 12.88 1.01
CA MET A 96 1.62 13.13 0.82
C MET A 96 1.47 14.42 0.02
N SER A 97 0.65 14.34 -1.02
CA SER A 97 0.41 15.32 -2.07
C SER A 97 -0.97 15.89 -1.84
N ASN A 98 -1.02 17.06 -1.19
CA ASN A 98 -2.25 17.73 -0.80
C ASN A 98 -3.06 16.86 0.16
N ARG A 99 -4.25 17.33 0.54
CA ARG A 99 -5.06 16.66 1.55
C ARG A 99 -5.91 15.54 0.99
N ALA A 100 -5.29 14.59 0.29
CA ALA A 100 -5.97 13.39 -0.24
C ALA A 100 -7.25 13.81 -0.96
N ARG A 101 -7.14 14.87 -1.76
CA ARG A 101 -8.24 15.64 -2.34
C ARG A 101 -8.96 14.79 -3.35
N GLY A 1 7.82 -12.18 9.73
CA GLY A 1 8.48 -13.35 9.14
C GLY A 1 7.70 -13.79 7.91
N GLN A 2 7.32 -15.07 7.82
CA GLN A 2 6.36 -15.57 6.84
C GLN A 2 5.48 -16.60 7.53
N GLU A 3 4.19 -16.31 7.54
CA GLU A 3 3.18 -17.03 8.28
C GLU A 3 1.83 -16.98 7.57
N LEU A 4 1.80 -16.58 6.31
CA LEU A 4 0.59 -16.25 5.57
C LEU A 4 0.85 -16.32 4.05
N PRO A 5 0.31 -17.32 3.33
CA PRO A 5 0.62 -17.58 1.93
C PRO A 5 -0.13 -16.61 1.01
N PRO A 6 0.38 -16.34 -0.23
CA PRO A 6 -0.11 -15.27 -1.12
C PRO A 6 -1.54 -15.49 -1.64
N GLY A 7 -2.10 -14.49 -2.35
CA GLY A 7 -3.54 -14.49 -2.71
C GLY A 7 -4.08 -13.10 -3.05
N THR A 8 -5.37 -12.87 -2.88
CA THR A 8 -5.97 -11.54 -2.86
C THR A 8 -6.93 -11.45 -1.67
N TYR A 9 -6.94 -10.34 -0.92
CA TYR A 9 -7.79 -10.17 0.26
C TYR A 9 -8.69 -8.95 0.05
N ARG A 10 -10.01 -9.14 0.15
CA ARG A 10 -10.97 -8.07 0.28
C ARG A 10 -10.72 -7.43 1.62
N VAL A 11 -10.30 -6.17 1.65
CA VAL A 11 -10.15 -5.37 2.86
C VAL A 11 -10.30 -3.90 2.52
N ASP A 12 -10.37 -3.09 3.58
CA ASP A 12 -10.50 -1.65 3.49
C ASP A 12 -9.10 -1.10 3.67
N ILE A 13 -8.56 -0.43 2.67
CA ILE A 13 -7.29 0.28 2.73
C ILE A 13 -7.52 1.49 3.64
N TYR A 14 -6.78 1.57 4.75
CA TYR A 14 -6.86 2.59 5.80
C TYR A 14 -5.50 3.27 5.86
N LEU A 15 -5.33 4.37 5.13
CA LEU A 15 -4.11 5.17 5.10
C LEU A 15 -4.12 6.14 6.26
N ASN A 16 -3.05 6.12 7.07
CA ASN A 16 -2.82 7.05 8.18
C ASN A 16 -4.07 7.14 9.05
N ASN A 17 -4.59 5.96 9.41
CA ASN A 17 -5.75 5.70 10.27
C ASN A 17 -7.09 5.95 9.58
N GLY A 18 -7.16 6.34 8.30
CA GLY A 18 -8.40 6.73 7.63
C GLY A 18 -8.64 5.89 6.37
N TYR A 19 -9.86 5.38 6.22
CA TYR A 19 -10.32 4.63 5.05
C TYR A 19 -10.06 5.44 3.76
N MET A 20 -9.60 4.79 2.69
CA MET A 20 -9.30 5.39 1.39
C MET A 20 -10.00 4.68 0.25
N ALA A 21 -10.00 3.35 0.23
CA ALA A 21 -10.68 2.51 -0.75
C ALA A 21 -10.93 1.15 -0.12
N THR A 22 -11.81 0.34 -0.69
CA THR A 22 -12.08 -1.03 -0.25
C THR A 22 -12.21 -1.85 -1.51
N ARG A 23 -11.35 -2.85 -1.68
CA ARG A 23 -11.45 -3.80 -2.77
C ARG A 23 -10.75 -5.08 -2.36
N ASP A 24 -10.74 -6.07 -3.23
CA ASP A 24 -9.76 -7.14 -3.18
C ASP A 24 -8.40 -6.57 -3.60
N VAL A 25 -7.38 -6.87 -2.78
CA VAL A 25 -6.03 -6.36 -2.88
C VAL A 25 -5.13 -7.59 -3.03
N THR A 26 -4.68 -7.83 -4.27
CA THR A 26 -3.87 -8.98 -4.60
C THR A 26 -2.50 -8.79 -3.97
N PHE A 27 -2.03 -9.74 -3.17
CA PHE A 27 -0.80 -9.69 -2.45
C PHE A 27 0.12 -10.83 -2.86
N ASN A 28 1.41 -10.58 -2.69
CA ASN A 28 2.52 -11.39 -3.18
C ASN A 28 3.48 -11.58 -2.02
N THR A 29 4.20 -12.68 -2.03
CA THR A 29 5.09 -13.06 -0.94
C THR A 29 6.26 -12.07 -0.87
N GLY A 30 6.66 -11.68 0.33
CA GLY A 30 7.55 -10.56 0.55
C GLY A 30 7.89 -10.45 2.02
N ASP A 31 8.31 -9.26 2.39
CA ASP A 31 9.12 -9.03 3.57
C ASP A 31 8.34 -8.07 4.44
N SER A 32 7.45 -8.60 5.26
CA SER A 32 6.80 -7.82 6.30
C SER A 32 6.46 -8.76 7.45
N GLU A 33 5.58 -8.34 8.36
CA GLU A 33 5.11 -9.13 9.50
C GLU A 33 4.62 -10.49 9.04
N GLN A 34 3.62 -10.55 8.15
CA GLN A 34 3.01 -11.84 7.80
C GLN A 34 3.72 -12.55 6.64
N GLY A 35 4.63 -11.86 5.94
CA GLY A 35 5.44 -12.44 4.87
C GLY A 35 4.87 -12.27 3.47
N ILE A 36 3.91 -11.37 3.31
CA ILE A 36 3.25 -11.04 2.05
C ILE A 36 3.02 -9.54 2.09
N VAL A 37 2.90 -8.92 0.92
CA VAL A 37 2.60 -7.51 0.77
C VAL A 37 1.56 -7.32 -0.35
N PRO A 38 0.66 -6.33 -0.23
CA PRO A 38 -0.33 -6.01 -1.26
C PRO A 38 0.35 -5.44 -2.50
N CYS A 39 -0.29 -5.62 -3.66
CA CYS A 39 -0.01 -4.90 -4.89
C CYS A 39 -0.72 -3.56 -4.76
N LEU A 40 0.04 -2.49 -4.55
CA LEU A 40 -0.43 -1.13 -4.68
C LEU A 40 0.19 -0.60 -5.96
N THR A 41 -0.62 -0.06 -6.86
CA THR A 41 -0.21 0.36 -8.18
C THR A 41 0.03 1.86 -8.20
N ARG A 42 0.45 2.42 -9.34
CA ARG A 42 0.57 3.86 -9.41
C ARG A 42 -0.75 4.54 -9.10
N ALA A 43 -1.79 4.12 -9.81
CA ALA A 43 -3.09 4.74 -9.67
C ALA A 43 -3.60 4.59 -8.24
N GLN A 44 -3.54 3.38 -7.64
CA GLN A 44 -4.04 3.16 -6.28
C GLN A 44 -3.41 4.14 -5.31
N LEU A 45 -2.09 4.34 -5.41
CA LEU A 45 -1.38 5.20 -4.48
C LEU A 45 -1.70 6.67 -4.72
N ALA A 46 -1.72 7.12 -5.98
CA ALA A 46 -2.15 8.48 -6.27
C ALA A 46 -3.62 8.71 -5.85
N SER A 47 -4.42 7.64 -5.77
CA SER A 47 -5.84 7.75 -5.41
C SER A 47 -5.97 8.10 -3.92
N MET A 48 -5.33 7.31 -3.04
CA MET A 48 -5.20 7.66 -1.62
C MET A 48 -4.38 8.95 -1.40
N GLY A 49 -3.82 9.56 -2.44
CA GLY A 49 -3.22 10.89 -2.39
C GLY A 49 -1.70 10.90 -2.25
N LEU A 50 -1.02 9.77 -2.43
CA LEU A 50 0.44 9.73 -2.39
C LEU A 50 1.03 10.53 -3.54
N ASN A 51 2.10 11.25 -3.21
CA ASN A 51 2.87 12.11 -4.11
C ASN A 51 3.92 11.30 -4.89
N THR A 52 3.60 10.87 -6.11
CA THR A 52 4.58 10.22 -6.99
C THR A 52 5.86 11.04 -7.13
N ALA A 53 5.74 12.35 -7.41
CA ALA A 53 6.87 13.20 -7.70
C ALA A 53 7.88 13.30 -6.55
N SER A 54 7.46 13.10 -5.30
CA SER A 54 8.40 13.12 -4.17
C SER A 54 9.47 12.03 -4.31
N VAL A 55 9.24 10.99 -5.13
CA VAL A 55 10.01 9.77 -5.15
C VAL A 55 10.62 9.61 -6.55
N ALA A 56 11.92 9.86 -6.66
CA ALA A 56 12.66 9.58 -7.88
C ALA A 56 12.54 8.08 -8.17
N GLY A 57 11.88 7.71 -9.27
CA GLY A 57 11.65 6.33 -9.67
C GLY A 57 10.25 5.83 -9.36
N MET A 58 9.33 6.68 -8.86
CA MET A 58 7.93 6.28 -8.72
C MET A 58 7.12 6.61 -9.97
N ASN A 59 7.39 7.76 -10.59
CA ASN A 59 6.54 8.41 -11.60
C ASN A 59 6.29 7.55 -12.84
N LEU A 60 7.14 6.55 -13.05
CA LEU A 60 7.30 5.76 -14.25
C LEU A 60 6.69 4.36 -14.07
N LEU A 61 6.24 4.00 -12.87
CA LEU A 61 5.62 2.69 -12.62
C LEU A 61 4.18 2.72 -13.13
N ALA A 62 3.67 1.57 -13.53
CA ALA A 62 2.40 1.48 -14.23
C ALA A 62 1.19 1.51 -13.27
N ASP A 63 0.01 1.73 -13.85
CA ASP A 63 -1.27 1.76 -13.13
C ASP A 63 -1.72 0.38 -12.66
N ASP A 64 -1.04 -0.68 -13.10
CA ASP A 64 -1.30 -2.06 -12.71
C ASP A 64 0.05 -2.77 -12.47
N ALA A 65 1.02 -2.07 -11.86
CA ALA A 65 2.30 -2.63 -11.45
C ALA A 65 2.35 -2.76 -9.92
N CYS A 66 3.01 -3.80 -9.41
CA CYS A 66 3.36 -3.89 -8.00
C CYS A 66 4.44 -2.85 -7.70
N VAL A 67 4.08 -1.68 -7.18
CA VAL A 67 5.05 -0.71 -6.70
C VAL A 67 5.69 -1.31 -5.43
N PRO A 68 6.99 -1.09 -5.15
CA PRO A 68 7.55 -1.31 -3.83
C PRO A 68 7.17 -0.14 -2.93
N LEU A 69 5.89 -0.01 -2.60
CA LEU A 69 5.41 1.06 -1.75
C LEU A 69 6.18 1.02 -0.44
N THR A 70 6.25 -0.14 0.19
CA THR A 70 6.81 -0.30 1.53
C THR A 70 8.34 -0.31 1.57
N THR A 71 9.04 -0.03 0.45
CA THR A 71 10.49 -0.04 0.40
C THR A 71 11.01 1.22 -0.27
N MET A 72 10.42 1.65 -1.39
CA MET A 72 10.82 2.91 -1.99
C MET A 72 10.33 4.09 -1.15
N VAL A 73 9.12 3.98 -0.58
CA VAL A 73 8.68 4.88 0.48
C VAL A 73 9.07 4.20 1.78
N GLN A 74 10.24 4.54 2.31
CA GLN A 74 10.61 4.15 3.67
C GLN A 74 9.60 4.82 4.63
N ASP A 75 9.38 4.23 5.80
CA ASP A 75 8.40 4.60 6.83
C ASP A 75 7.01 4.06 6.49
N ALA A 76 6.65 4.01 5.20
CA ALA A 76 5.39 3.41 4.79
C ALA A 76 5.39 1.92 5.07
N THR A 77 4.20 1.39 5.33
CA THR A 77 3.96 -0.01 5.64
C THR A 77 2.54 -0.38 5.20
N ALA A 78 2.27 -1.68 5.09
CA ALA A 78 1.05 -2.23 4.54
C ALA A 78 0.65 -3.50 5.30
N HIS A 79 0.20 -3.36 6.56
CA HIS A 79 -0.26 -4.47 7.38
C HIS A 79 -1.72 -4.82 7.05
N LEU A 80 -1.92 -5.98 6.43
CA LEU A 80 -3.25 -6.56 6.22
C LEU A 80 -3.69 -7.20 7.54
N ASP A 81 -4.59 -6.54 8.22
CA ASP A 81 -5.35 -6.99 9.39
C ASP A 81 -6.48 -7.88 8.90
N VAL A 82 -6.20 -9.16 8.62
CA VAL A 82 -7.24 -10.10 8.26
C VAL A 82 -8.31 -10.19 9.35
N GLY A 83 -7.94 -9.95 10.61
CA GLY A 83 -8.88 -10.08 11.70
C GLY A 83 -10.00 -9.05 11.58
N GLN A 84 -9.68 -7.84 11.10
CA GLN A 84 -10.64 -6.73 10.95
C GLN A 84 -10.94 -6.37 9.50
N GLN A 85 -10.49 -7.19 8.54
CA GLN A 85 -10.49 -6.95 7.10
C GLN A 85 -10.04 -5.51 6.78
N ARG A 86 -8.91 -5.11 7.35
CA ARG A 86 -8.35 -3.76 7.20
C ARG A 86 -6.96 -3.87 6.61
N LEU A 87 -6.72 -3.34 5.42
CA LEU A 87 -5.35 -3.10 5.00
C LEU A 87 -4.90 -1.80 5.67
N ASN A 88 -4.27 -1.90 6.84
CA ASN A 88 -3.57 -0.78 7.44
C ASN A 88 -2.52 -0.35 6.46
N LEU A 89 -2.45 0.95 6.20
CA LEU A 89 -1.54 1.55 5.28
C LEU A 89 -1.05 2.80 5.99
N THR A 90 0.24 3.09 5.92
CA THR A 90 0.80 4.31 6.46
C THR A 90 1.74 4.85 5.39
N ILE A 91 1.82 6.18 5.26
CA ILE A 91 2.77 6.90 4.42
C ILE A 91 3.20 8.13 5.21
N PRO A 92 4.50 8.45 5.26
CA PRO A 92 4.99 9.67 5.86
C PRO A 92 4.41 10.88 5.12
N GLN A 93 3.97 11.90 5.85
CA GLN A 93 3.34 13.11 5.29
C GLN A 93 4.23 13.85 4.28
N ALA A 94 5.54 13.55 4.19
CA ALA A 94 6.37 14.01 3.08
C ALA A 94 5.87 13.48 1.73
N PHE A 95 5.47 12.21 1.61
CA PHE A 95 5.19 11.58 0.33
C PHE A 95 3.68 11.66 0.07
N MET A 96 3.06 12.77 0.44
CA MET A 96 1.61 12.93 0.44
C MET A 96 1.29 14.24 -0.25
N SER A 97 0.24 14.22 -1.07
CA SER A 97 -0.23 15.34 -1.86
C SER A 97 -1.73 15.49 -1.62
N ASN A 98 -2.24 16.72 -1.74
CA ASN A 98 -3.61 17.12 -1.44
C ASN A 98 -3.92 16.81 0.04
N ARG A 99 -5.17 16.50 0.41
CA ARG A 99 -5.55 16.15 1.80
C ARG A 99 -5.34 14.67 2.10
N ALA A 100 -5.36 13.78 1.09
CA ALA A 100 -5.38 12.33 1.28
C ALA A 100 -6.46 11.94 2.31
N ARG A 101 -7.69 12.45 2.10
CA ARG A 101 -8.87 12.26 2.94
C ARG A 101 -10.07 12.03 2.05
N GLY A 1 9.38 -11.89 8.07
CA GLY A 1 9.48 -13.33 7.81
C GLY A 1 8.49 -13.69 6.71
N GLN A 2 8.14 -14.98 6.58
CA GLN A 2 7.13 -15.43 5.64
C GLN A 2 6.38 -16.61 6.26
N GLU A 3 5.11 -16.39 6.55
CA GLU A 3 4.26 -17.31 7.28
C GLU A 3 2.79 -17.21 6.85
N LEU A 4 2.55 -16.66 5.65
CA LEU A 4 1.22 -16.42 5.12
C LEU A 4 1.26 -16.37 3.58
N PRO A 5 0.71 -17.36 2.86
CA PRO A 5 0.92 -17.54 1.42
C PRO A 5 0.12 -16.54 0.58
N PRO A 6 0.58 -16.19 -0.65
CA PRO A 6 -0.02 -15.13 -1.48
C PRO A 6 -1.42 -15.49 -2.02
N GLY A 7 -2.16 -14.51 -2.52
CA GLY A 7 -3.60 -14.59 -2.79
C GLY A 7 -4.25 -13.23 -3.05
N THR A 8 -5.53 -13.04 -2.69
CA THR A 8 -6.20 -11.73 -2.65
C THR A 8 -7.11 -11.65 -1.41
N TYR A 9 -7.10 -10.52 -0.68
CA TYR A 9 -7.84 -10.37 0.57
C TYR A 9 -8.75 -9.13 0.51
N ARG A 10 -10.03 -9.27 0.83
CA ARG A 10 -11.01 -8.19 0.90
C ARG A 10 -10.70 -7.39 2.15
N VAL A 11 -10.28 -6.13 2.03
CA VAL A 11 -9.98 -5.28 3.17
C VAL A 11 -10.19 -3.82 2.82
N ASP A 12 -10.24 -2.98 3.86
CA ASP A 12 -10.37 -1.54 3.74
C ASP A 12 -8.97 -0.96 3.88
N ILE A 13 -8.55 -0.20 2.90
CA ILE A 13 -7.25 0.44 2.82
C ILE A 13 -7.30 1.68 3.71
N TYR A 14 -6.88 1.53 4.96
CA TYR A 14 -6.94 2.57 5.97
C TYR A 14 -5.59 3.28 6.00
N LEU A 15 -5.44 4.34 5.20
CA LEU A 15 -4.22 5.13 5.14
C LEU A 15 -4.24 6.19 6.24
N ASN A 16 -3.22 6.18 7.09
CA ASN A 16 -3.00 7.12 8.20
C ASN A 16 -4.28 7.38 8.98
N ASN A 17 -5.03 6.32 9.27
CA ASN A 17 -6.30 6.37 9.96
C ASN A 17 -7.31 7.22 9.18
N GLY A 18 -7.60 6.87 7.91
CA GLY A 18 -8.43 7.72 7.04
C GLY A 18 -9.39 7.04 6.05
N TYR A 19 -9.32 5.72 5.82
CA TYR A 19 -10.15 4.94 4.86
C TYR A 19 -10.14 5.48 3.41
N MET A 20 -9.48 4.79 2.48
CA MET A 20 -9.26 5.26 1.10
C MET A 20 -9.96 4.41 0.03
N ALA A 21 -10.29 3.14 0.30
CA ALA A 21 -10.83 2.14 -0.64
C ALA A 21 -11.16 0.87 0.17
N THR A 22 -11.98 -0.03 -0.37
CA THR A 22 -12.31 -1.33 0.18
C THR A 22 -12.46 -2.30 -1.00
N ARG A 23 -11.50 -3.17 -1.21
CA ARG A 23 -11.48 -4.10 -2.34
C ARG A 23 -10.75 -5.37 -1.97
N ASP A 24 -10.78 -6.38 -2.84
CA ASP A 24 -9.99 -7.59 -2.74
C ASP A 24 -8.61 -7.22 -3.26
N VAL A 25 -7.73 -6.84 -2.34
CA VAL A 25 -6.40 -6.34 -2.61
C VAL A 25 -5.53 -7.56 -2.88
N THR A 26 -5.22 -7.79 -4.15
CA THR A 26 -4.38 -8.90 -4.57
C THR A 26 -2.95 -8.61 -4.14
N PHE A 27 -2.48 -9.29 -3.11
CA PHE A 27 -1.11 -9.20 -2.64
C PHE A 27 -0.17 -10.02 -3.50
N ASN A 28 1.13 -9.90 -3.21
CA ASN A 28 2.22 -10.74 -3.66
C ASN A 28 2.89 -11.27 -2.40
N THR A 29 3.88 -12.13 -2.57
CA THR A 29 4.82 -12.45 -1.52
C THR A 29 5.68 -11.21 -1.20
N GLY A 30 6.32 -11.18 -0.04
CA GLY A 30 7.08 -10.07 0.49
C GLY A 30 7.87 -10.56 1.70
N ASP A 31 8.24 -9.63 2.59
CA ASP A 31 8.84 -9.95 3.88
C ASP A 31 8.42 -8.84 4.84
N SER A 32 7.54 -9.17 5.77
CA SER A 32 7.06 -8.26 6.82
C SER A 32 6.55 -9.15 7.96
N GLU A 33 5.67 -8.58 8.79
CA GLU A 33 4.82 -9.24 9.76
C GLU A 33 4.41 -10.65 9.31
N GLN A 34 3.73 -10.79 8.18
CA GLN A 34 3.21 -12.07 7.68
C GLN A 34 3.95 -12.53 6.43
N GLY A 35 4.62 -11.63 5.72
CA GLY A 35 5.46 -11.99 4.58
C GLY A 35 4.80 -11.84 3.22
N ILE A 36 3.70 -11.10 3.14
CA ILE A 36 3.00 -10.76 1.91
C ILE A 36 2.77 -9.25 1.93
N VAL A 37 2.70 -8.62 0.76
CA VAL A 37 2.37 -7.20 0.66
C VAL A 37 1.32 -6.99 -0.44
N PRO A 38 0.37 -6.06 -0.28
CA PRO A 38 -0.67 -5.78 -1.28
C PRO A 38 -0.05 -5.25 -2.58
N CYS A 39 -0.69 -5.53 -3.72
CA CYS A 39 -0.51 -4.76 -4.94
C CYS A 39 -1.20 -3.42 -4.72
N LEU A 40 -0.58 -2.39 -5.25
CA LEU A 40 -0.94 -1.00 -5.15
C LEU A 40 -0.19 -0.37 -6.31
N THR A 41 -0.89 0.30 -7.22
CA THR A 41 -0.32 0.70 -8.48
C THR A 41 -0.13 2.21 -8.51
N ARG A 42 0.49 2.75 -9.56
CA ARG A 42 0.62 4.21 -9.68
C ARG A 42 -0.73 4.89 -9.64
N ALA A 43 -1.77 4.26 -10.20
CA ALA A 43 -3.11 4.78 -10.06
C ALA A 43 -3.62 4.58 -8.64
N GLN A 44 -3.64 3.35 -8.11
CA GLN A 44 -4.25 3.05 -6.81
C GLN A 44 -3.66 3.89 -5.68
N LEU A 45 -2.40 4.29 -5.82
CA LEU A 45 -1.69 5.09 -4.84
C LEU A 45 -1.99 6.56 -5.03
N ALA A 46 -1.96 7.06 -6.26
CA ALA A 46 -2.42 8.42 -6.50
C ALA A 46 -3.93 8.57 -6.21
N SER A 47 -4.69 7.46 -6.12
CA SER A 47 -6.08 7.47 -5.67
C SER A 47 -6.16 7.91 -4.21
N MET A 48 -5.46 7.22 -3.29
CA MET A 48 -5.29 7.65 -1.89
C MET A 48 -4.46 8.95 -1.78
N GLY A 49 -3.96 9.50 -2.89
CA GLY A 49 -3.28 10.80 -2.92
C GLY A 49 -1.78 10.71 -2.67
N LEU A 50 -1.16 9.51 -2.70
CA LEU A 50 0.30 9.38 -2.64
C LEU A 50 0.92 10.19 -3.79
N ASN A 51 2.06 10.79 -3.50
CA ASN A 51 2.87 11.63 -4.39
C ASN A 51 4.04 10.84 -4.98
N THR A 52 3.93 10.37 -6.22
CA THR A 52 5.01 9.64 -6.86
C THR A 52 6.20 10.56 -7.21
N ALA A 53 6.04 11.89 -7.22
CA ALA A 53 7.13 12.80 -7.56
C ALA A 53 8.09 12.91 -6.38
N SER A 54 7.56 12.85 -5.15
CA SER A 54 8.36 12.93 -3.94
C SER A 54 9.41 11.81 -3.88
N VAL A 55 9.18 10.67 -4.54
CA VAL A 55 10.00 9.50 -4.46
C VAL A 55 10.57 9.23 -5.85
N ALA A 56 11.85 9.56 -6.03
CA ALA A 56 12.62 9.14 -7.20
C ALA A 56 12.46 7.62 -7.33
N GLY A 57 12.13 7.16 -8.54
CA GLY A 57 11.85 5.76 -8.79
C GLY A 57 10.39 5.39 -8.73
N MET A 58 9.47 6.29 -8.34
CA MET A 58 8.05 5.97 -8.41
C MET A 58 7.40 6.50 -9.68
N ASN A 59 7.80 7.69 -10.11
CA ASN A 59 7.20 8.43 -11.23
C ASN A 59 7.39 7.80 -12.61
N LEU A 60 8.01 6.61 -12.68
CA LEU A 60 8.37 5.85 -13.87
C LEU A 60 7.71 4.45 -13.87
N LEU A 61 6.97 4.10 -12.81
CA LEU A 61 6.23 2.86 -12.71
C LEU A 61 4.92 2.97 -13.48
N ALA A 62 4.21 1.85 -13.65
CA ALA A 62 2.97 1.80 -14.39
C ALA A 62 1.76 1.89 -13.47
N ASP A 63 0.63 2.26 -14.09
CA ASP A 63 -0.68 2.38 -13.46
C ASP A 63 -1.30 1.04 -13.11
N ASP A 64 -0.67 -0.08 -13.49
CA ASP A 64 -0.93 -1.41 -12.96
C ASP A 64 0.36 -2.21 -12.72
N ALA A 65 1.41 -1.52 -12.25
CA ALA A 65 2.57 -2.17 -11.68
C ALA A 65 2.37 -2.30 -10.17
N CYS A 66 2.80 -3.40 -9.54
CA CYS A 66 2.89 -3.53 -8.09
C CYS A 66 3.96 -2.55 -7.56
N VAL A 67 3.58 -1.31 -7.22
CA VAL A 67 4.55 -0.29 -6.86
C VAL A 67 5.21 -0.74 -5.55
N PRO A 68 6.53 -0.59 -5.38
CA PRO A 68 7.22 -0.99 -4.17
C PRO A 68 7.06 0.11 -3.11
N LEU A 69 5.80 0.42 -2.78
CA LEU A 69 5.35 1.50 -1.92
C LEU A 69 5.88 1.36 -0.50
N THR A 70 6.49 0.24 -0.13
CA THR A 70 7.08 0.04 1.19
C THR A 70 8.52 -0.47 1.09
N THR A 71 9.10 -0.48 -0.11
CA THR A 71 10.55 -0.53 -0.28
C THR A 71 11.04 0.90 -0.51
N MET A 72 10.59 1.55 -1.59
CA MET A 72 11.05 2.87 -2.02
C MET A 72 10.60 4.00 -1.09
N VAL A 73 9.71 3.74 -0.15
CA VAL A 73 9.29 4.66 0.86
C VAL A 73 9.59 3.99 2.19
N GLN A 74 10.43 4.64 3.00
CA GLN A 74 10.61 4.31 4.40
C GLN A 74 9.44 4.89 5.20
N ASP A 75 9.33 4.54 6.48
CA ASP A 75 8.33 4.95 7.48
C ASP A 75 6.91 4.45 7.22
N ALA A 76 6.55 4.20 5.96
CA ALA A 76 5.31 3.53 5.60
C ALA A 76 5.29 2.07 6.04
N THR A 77 4.18 1.38 5.75
CA THR A 77 3.97 -0.07 5.90
C THR A 77 2.59 -0.43 5.35
N ALA A 78 2.37 -1.68 4.93
CA ALA A 78 1.06 -2.21 4.54
C ALA A 78 0.85 -3.61 5.13
N HIS A 79 0.27 -3.68 6.33
CA HIS A 79 0.03 -4.93 7.05
C HIS A 79 -1.47 -5.25 6.93
N LEU A 80 -1.80 -6.51 6.61
CA LEU A 80 -3.18 -6.97 6.53
C LEU A 80 -3.61 -7.45 7.91
N ASP A 81 -4.68 -6.84 8.44
CA ASP A 81 -5.52 -7.35 9.51
C ASP A 81 -6.70 -8.10 8.88
N VAL A 82 -6.66 -9.42 8.75
CA VAL A 82 -7.86 -10.18 8.37
C VAL A 82 -8.95 -10.11 9.45
N GLY A 83 -8.58 -9.92 10.72
CA GLY A 83 -9.52 -9.95 11.83
C GLY A 83 -10.48 -8.76 11.82
N GLN A 84 -10.07 -7.61 11.30
CA GLN A 84 -10.95 -6.46 11.06
C GLN A 84 -11.14 -6.15 9.58
N GLN A 85 -10.51 -6.94 8.70
CA GLN A 85 -10.44 -6.73 7.28
C GLN A 85 -9.94 -5.32 6.98
N ARG A 86 -8.76 -5.03 7.52
CA ARG A 86 -8.17 -3.71 7.54
C ARG A 86 -6.76 -3.80 7.01
N LEU A 87 -6.54 -3.19 5.85
CA LEU A 87 -5.20 -3.01 5.34
C LEU A 87 -4.66 -1.78 6.03
N ASN A 88 -3.95 -2.03 7.12
CA ASN A 88 -3.28 -1.02 7.93
C ASN A 88 -2.20 -0.43 7.06
N LEU A 89 -2.42 0.81 6.62
CA LEU A 89 -1.61 1.55 5.67
C LEU A 89 -1.14 2.80 6.39
N THR A 90 0.15 3.05 6.42
CA THR A 90 0.68 4.33 6.87
C THR A 90 1.64 4.82 5.78
N ILE A 91 1.75 6.13 5.58
CA ILE A 91 2.74 6.78 4.73
C ILE A 91 3.17 8.05 5.46
N PRO A 92 4.48 8.41 5.46
CA PRO A 92 5.10 9.52 6.21
C PRO A 92 4.57 10.95 6.01
N GLN A 93 3.42 11.16 5.37
CA GLN A 93 2.79 12.39 4.98
C GLN A 93 3.58 13.17 3.95
N ALA A 94 4.91 13.05 3.91
CA ALA A 94 5.72 13.74 2.94
C ALA A 94 5.34 13.30 1.52
N PHE A 95 5.22 11.98 1.33
CA PHE A 95 4.87 11.35 0.07
C PHE A 95 3.34 11.42 -0.15
N MET A 96 2.68 12.52 0.22
CA MET A 96 1.24 12.71 0.07
C MET A 96 1.08 14.02 -0.68
N SER A 97 0.52 13.95 -1.88
CA SER A 97 0.28 15.10 -2.73
C SER A 97 -0.87 15.84 -2.07
N ASN A 98 -0.59 16.95 -1.39
CA ASN A 98 -1.52 18.00 -1.05
C ASN A 98 -2.40 17.74 0.17
N ARG A 99 -3.07 16.57 0.27
CA ARG A 99 -3.70 15.88 1.41
C ARG A 99 -4.96 15.06 1.07
N ALA A 100 -4.77 13.96 0.35
CA ALA A 100 -5.75 12.92 0.00
C ALA A 100 -7.16 13.48 -0.21
N ARG A 101 -7.24 14.60 -0.96
CA ARG A 101 -8.30 15.59 -0.84
C ARG A 101 -9.63 14.94 -1.17
N GLY A 1 7.40 -14.47 10.66
CA GLY A 1 8.28 -15.00 9.62
C GLY A 1 7.55 -15.07 8.29
N GLN A 2 7.04 -16.25 7.91
CA GLN A 2 6.12 -16.41 6.80
C GLN A 2 4.99 -17.27 7.33
N GLU A 3 3.83 -16.64 7.40
CA GLU A 3 2.72 -17.09 8.21
C GLU A 3 1.39 -16.73 7.55
N LEU A 4 1.46 -16.36 6.26
CA LEU A 4 0.33 -16.04 5.40
C LEU A 4 0.75 -16.20 3.94
N PRO A 5 0.27 -17.23 3.22
CA PRO A 5 0.60 -17.46 1.81
C PRO A 5 -0.24 -16.54 0.90
N PRO A 6 0.23 -16.20 -0.32
CA PRO A 6 -0.30 -15.10 -1.15
C PRO A 6 -1.71 -15.34 -1.74
N GLY A 7 -2.26 -14.32 -2.42
CA GLY A 7 -3.64 -14.35 -2.92
C GLY A 7 -4.17 -12.94 -3.23
N THR A 8 -5.47 -12.69 -3.04
CA THR A 8 -6.04 -11.34 -2.97
C THR A 8 -7.01 -11.28 -1.79
N TYR A 9 -7.01 -10.18 -1.01
CA TYR A 9 -7.85 -10.02 0.17
C TYR A 9 -8.70 -8.76 0.08
N ARG A 10 -9.99 -8.92 0.33
CA ARG A 10 -10.95 -7.85 0.51
C ARG A 10 -10.66 -7.17 1.84
N VAL A 11 -10.36 -5.87 1.82
CA VAL A 11 -10.20 -4.99 2.98
C VAL A 11 -10.53 -3.58 2.57
N ASP A 12 -10.62 -2.74 3.59
CA ASP A 12 -10.69 -1.32 3.42
C ASP A 12 -9.25 -0.86 3.57
N ILE A 13 -8.71 -0.15 2.58
CA ILE A 13 -7.38 0.45 2.64
C ILE A 13 -7.47 1.59 3.66
N TYR A 14 -6.98 1.37 4.89
CA TYR A 14 -6.83 2.43 5.88
C TYR A 14 -5.38 2.88 5.83
N LEU A 15 -5.12 3.87 4.98
CA LEU A 15 -3.83 4.52 4.90
C LEU A 15 -3.76 5.54 6.03
N ASN A 16 -2.73 5.48 6.88
CA ASN A 16 -2.51 6.47 7.94
C ASN A 16 -3.76 6.64 8.79
N ASN A 17 -4.31 5.48 9.19
CA ASN A 17 -5.54 5.33 9.95
C ASN A 17 -6.77 5.89 9.23
N GLY A 18 -6.72 6.18 7.93
CA GLY A 18 -7.77 6.82 7.18
C GLY A 18 -8.20 5.86 6.08
N TYR A 19 -9.43 5.37 6.19
CA TYR A 19 -10.14 4.68 5.13
C TYR A 19 -10.00 5.48 3.83
N MET A 20 -9.64 4.84 2.72
CA MET A 20 -9.43 5.47 1.43
C MET A 20 -10.22 4.74 0.33
N ALA A 21 -10.17 3.41 0.30
CA ALA A 21 -10.83 2.59 -0.72
C ALA A 21 -11.25 1.25 -0.11
N THR A 22 -12.13 0.53 -0.80
CA THR A 22 -12.64 -0.78 -0.42
C THR A 22 -12.51 -1.64 -1.67
N ARG A 23 -11.56 -2.57 -1.71
CA ARG A 23 -11.48 -3.51 -2.81
C ARG A 23 -10.74 -4.75 -2.35
N ASP A 24 -10.61 -5.71 -3.24
CA ASP A 24 -9.66 -6.79 -3.08
C ASP A 24 -8.29 -6.24 -3.45
N VAL A 25 -7.27 -6.60 -2.68
CA VAL A 25 -5.92 -6.14 -2.81
C VAL A 25 -5.09 -7.41 -2.99
N THR A 26 -4.69 -7.67 -4.23
CA THR A 26 -3.83 -8.79 -4.55
C THR A 26 -2.53 -8.60 -3.77
N PHE A 27 -2.08 -9.61 -3.01
CA PHE A 27 -0.85 -9.61 -2.31
C PHE A 27 -0.01 -10.79 -2.79
N ASN A 28 1.30 -10.62 -2.73
CA ASN A 28 2.29 -11.53 -3.26
C ASN A 28 3.34 -11.75 -2.18
N THR A 29 4.13 -12.80 -2.34
CA THR A 29 5.17 -13.16 -1.39
C THR A 29 6.14 -11.98 -1.31
N GLY A 30 6.58 -11.63 -0.12
CA GLY A 30 7.45 -10.49 0.13
C GLY A 30 7.95 -10.56 1.56
N ASP A 31 8.71 -9.56 1.99
CA ASP A 31 9.32 -9.59 3.32
C ASP A 31 8.54 -8.66 4.24
N SER A 32 7.72 -9.22 5.12
CA SER A 32 7.10 -8.51 6.22
C SER A 32 6.81 -9.52 7.34
N GLU A 33 6.11 -9.10 8.40
CA GLU A 33 5.62 -9.95 9.48
C GLU A 33 4.88 -11.17 8.92
N GLN A 34 3.88 -10.90 8.06
CA GLN A 34 3.04 -11.92 7.41
C GLN A 34 3.85 -12.76 6.41
N GLY A 35 4.85 -12.18 5.76
CA GLY A 35 5.56 -12.78 4.64
C GLY A 35 4.94 -12.48 3.26
N ILE A 36 4.07 -11.47 3.16
CA ILE A 36 3.36 -11.06 1.94
C ILE A 36 3.18 -9.55 1.95
N VAL A 37 3.01 -8.96 0.77
CA VAL A 37 2.82 -7.54 0.55
C VAL A 37 1.74 -7.29 -0.51
N PRO A 38 0.93 -6.22 -0.40
CA PRO A 38 -0.10 -5.86 -1.36
C PRO A 38 0.53 -5.26 -2.62
N CYS A 39 -0.07 -5.54 -3.77
CA CYS A 39 0.24 -4.96 -5.06
C CYS A 39 -0.44 -3.59 -5.10
N LEU A 40 0.21 -2.61 -4.50
CA LEU A 40 -0.22 -1.22 -4.60
C LEU A 40 0.35 -0.74 -5.93
N THR A 41 -0.52 -0.20 -6.78
CA THR A 41 -0.14 0.27 -8.10
C THR A 41 -0.10 1.79 -8.08
N ARG A 42 0.46 2.44 -9.10
CA ARG A 42 0.50 3.89 -9.06
C ARG A 42 -0.91 4.48 -9.05
N ALA A 43 -1.86 3.83 -9.71
CA ALA A 43 -3.24 4.26 -9.57
C ALA A 43 -3.68 4.13 -8.11
N GLN A 44 -3.60 2.92 -7.53
CA GLN A 44 -4.08 2.63 -6.17
C GLN A 44 -3.49 3.62 -5.15
N LEU A 45 -2.24 4.02 -5.31
CA LEU A 45 -1.61 4.96 -4.39
C LEU A 45 -2.10 6.37 -4.65
N ALA A 46 -2.12 6.79 -5.92
CA ALA A 46 -2.62 8.11 -6.28
C ALA A 46 -4.08 8.24 -5.85
N SER A 47 -4.80 7.12 -5.69
CA SER A 47 -6.19 7.12 -5.25
C SER A 47 -6.33 7.62 -3.81
N MET A 48 -5.24 7.64 -3.04
CA MET A 48 -5.21 8.08 -1.64
C MET A 48 -4.63 9.49 -1.52
N GLY A 49 -4.23 10.14 -2.62
CA GLY A 49 -3.50 11.40 -2.56
C GLY A 49 -2.01 11.13 -2.30
N LEU A 50 -1.51 9.94 -2.65
CA LEU A 50 -0.06 9.72 -2.74
C LEU A 50 0.51 10.75 -3.72
N ASN A 51 1.71 11.22 -3.44
CA ASN A 51 2.51 12.06 -4.33
C ASN A 51 3.55 11.23 -5.10
N THR A 52 3.35 10.90 -6.38
CA THR A 52 4.38 10.17 -7.13
C THR A 52 5.68 10.97 -7.29
N ALA A 53 5.59 12.31 -7.30
CA ALA A 53 6.70 13.19 -7.50
C ALA A 53 7.62 13.28 -6.27
N SER A 54 7.14 12.95 -5.06
CA SER A 54 8.02 12.95 -3.89
C SER A 54 9.04 11.82 -3.96
N VAL A 55 8.87 10.85 -4.88
CA VAL A 55 9.63 9.63 -4.92
C VAL A 55 10.47 9.66 -6.18
N ALA A 56 11.78 9.51 -5.99
CA ALA A 56 12.80 9.45 -7.03
C ALA A 56 12.75 8.11 -7.77
N GLY A 57 11.57 7.66 -8.21
CA GLY A 57 11.39 6.35 -8.81
C GLY A 57 9.99 5.76 -8.68
N MET A 58 8.92 6.57 -8.54
CA MET A 58 7.54 6.04 -8.53
C MET A 58 6.81 6.28 -9.85
N ASN A 59 7.05 7.42 -10.49
CA ASN A 59 6.39 7.93 -11.69
C ASN A 59 6.54 7.04 -12.92
N LEU A 60 7.30 5.94 -12.79
CA LEU A 60 7.74 5.08 -13.86
C LEU A 60 7.22 3.66 -13.64
N LEU A 61 6.46 3.45 -12.57
CA LEU A 61 5.59 2.30 -12.36
C LEU A 61 4.30 2.58 -13.14
N ALA A 62 3.65 1.51 -13.60
CA ALA A 62 2.35 1.63 -14.25
C ALA A 62 1.24 1.82 -13.21
N ASP A 63 0.07 2.18 -13.72
CA ASP A 63 -1.18 2.25 -12.98
C ASP A 63 -1.66 0.86 -12.55
N ASP A 64 -1.05 -0.21 -13.07
CA ASP A 64 -1.04 -1.54 -12.56
C ASP A 64 0.34 -2.14 -12.72
N ALA A 65 1.19 -1.86 -11.75
CA ALA A 65 2.42 -2.58 -11.51
C ALA A 65 2.68 -2.59 -10.01
N CYS A 66 3.41 -3.58 -9.51
CA CYS A 66 3.73 -3.69 -8.09
C CYS A 66 4.74 -2.60 -7.71
N VAL A 67 4.24 -1.44 -7.29
CA VAL A 67 5.08 -0.37 -6.77
C VAL A 67 5.80 -0.92 -5.52
N PRO A 68 7.13 -0.78 -5.37
CA PRO A 68 7.84 -1.16 -4.15
C PRO A 68 7.62 -0.10 -3.07
N LEU A 69 6.35 0.20 -2.78
CA LEU A 69 5.92 1.32 -1.97
C LEU A 69 6.63 1.26 -0.62
N THR A 70 6.73 0.06 -0.05
CA THR A 70 7.31 -0.16 1.26
C THR A 70 8.85 -0.22 1.23
N THR A 71 9.52 -0.16 0.07
CA THR A 71 10.97 -0.08 -0.03
C THR A 71 11.43 1.27 -0.60
N MET A 72 10.53 2.11 -1.11
CA MET A 72 10.84 3.43 -1.67
C MET A 72 10.36 4.57 -0.82
N VAL A 73 9.50 4.25 0.15
CA VAL A 73 8.88 5.23 0.98
C VAL A 73 9.19 4.85 2.43
N GLN A 74 10.26 5.41 2.98
CA GLN A 74 10.63 5.14 4.35
C GLN A 74 9.52 5.64 5.28
N ASP A 75 9.06 4.82 6.22
CA ASP A 75 7.95 5.02 7.19
C ASP A 75 6.64 4.43 6.67
N ALA A 76 6.52 4.11 5.38
CA ALA A 76 5.42 3.29 4.91
C ALA A 76 5.54 1.87 5.47
N THR A 77 4.39 1.19 5.53
CA THR A 77 4.28 -0.23 5.84
C THR A 77 3.05 -0.80 5.14
N ALA A 78 2.98 -2.13 4.99
CA ALA A 78 1.79 -2.86 4.61
C ALA A 78 1.49 -4.03 5.53
N HIS A 79 0.57 -3.81 6.47
CA HIS A 79 0.02 -4.85 7.37
C HIS A 79 -1.43 -5.03 6.94
N LEU A 80 -1.82 -6.25 6.57
CA LEU A 80 -3.20 -6.63 6.29
C LEU A 80 -3.79 -7.16 7.60
N ASP A 81 -4.68 -6.38 8.19
CA ASP A 81 -5.45 -6.76 9.37
C ASP A 81 -6.66 -7.59 8.92
N VAL A 82 -6.49 -8.88 8.64
CA VAL A 82 -7.59 -9.78 8.30
C VAL A 82 -8.61 -9.84 9.43
N GLY A 83 -8.18 -9.64 10.67
CA GLY A 83 -9.08 -9.70 11.81
C GLY A 83 -10.13 -8.60 11.70
N GLN A 84 -9.74 -7.41 11.23
CA GLN A 84 -10.66 -6.29 11.00
C GLN A 84 -11.16 -6.21 9.57
N GLN A 85 -10.51 -6.91 8.64
CA GLN A 85 -10.53 -6.62 7.21
C GLN A 85 -10.18 -5.17 6.93
N ARG A 86 -9.07 -4.76 7.53
CA ARG A 86 -8.51 -3.42 7.36
C ARG A 86 -7.10 -3.57 6.80
N LEU A 87 -6.74 -2.82 5.75
CA LEU A 87 -5.36 -2.71 5.36
C LEU A 87 -4.81 -1.70 6.35
N ASN A 88 -4.02 -2.13 7.33
CA ASN A 88 -3.28 -1.30 8.28
C ASN A 88 -2.10 -0.69 7.53
N LEU A 89 -2.42 0.15 6.55
CA LEU A 89 -1.48 0.70 5.60
C LEU A 89 -0.84 1.96 6.22
N THR A 90 0.29 2.47 5.71
CA THR A 90 0.84 3.77 6.11
C THR A 90 1.69 4.36 4.97
N ILE A 91 1.76 5.70 4.88
CA ILE A 91 2.72 6.52 4.14
C ILE A 91 2.93 7.84 4.91
N PRO A 92 4.18 8.30 5.07
CA PRO A 92 4.48 9.54 5.78
C PRO A 92 3.99 10.79 5.04
N GLN A 93 3.78 11.88 5.78
CA GLN A 93 3.26 13.14 5.26
C GLN A 93 4.07 13.75 4.11
N ALA A 94 5.37 13.43 4.00
CA ALA A 94 6.18 13.93 2.89
C ALA A 94 5.82 13.26 1.55
N PHE A 95 5.01 12.20 1.50
CA PHE A 95 4.65 11.53 0.26
C PHE A 95 3.13 11.58 0.13
N MET A 96 2.52 12.69 0.53
CA MET A 96 1.09 12.93 0.42
C MET A 96 0.94 14.30 -0.23
N SER A 97 -0.18 14.56 -0.90
CA SER A 97 -0.42 15.84 -1.54
C SER A 97 -0.88 16.87 -0.52
N ASN A 98 0.05 17.29 0.35
CA ASN A 98 -0.05 18.32 1.39
C ASN A 98 -1.08 17.98 2.48
N ARG A 99 -2.31 17.66 2.11
CA ARG A 99 -3.29 17.00 2.94
C ARG A 99 -3.64 15.62 2.42
N ALA A 100 -3.86 15.45 1.11
CA ALA A 100 -4.44 14.24 0.49
C ALA A 100 -5.88 13.89 0.90
N ARG A 101 -6.44 14.54 1.91
CA ARG A 101 -7.69 14.15 2.54
C ARG A 101 -8.35 15.35 3.19
N GLY A 1 8.06 -11.49 8.67
CA GLY A 1 8.21 -12.93 8.93
C GLY A 1 7.63 -13.73 7.79
N GLN A 2 7.03 -14.89 8.08
CA GLN A 2 6.35 -15.69 7.09
C GLN A 2 5.25 -16.53 7.74
N GLU A 3 4.01 -16.08 7.57
CA GLU A 3 2.84 -16.62 8.26
C GLU A 3 1.53 -16.47 7.48
N LEU A 4 1.64 -16.16 6.18
CA LEU A 4 0.57 -16.14 5.19
C LEU A 4 1.14 -16.44 3.78
N PRO A 5 0.51 -17.32 2.98
CA PRO A 5 0.85 -17.53 1.57
C PRO A 5 0.35 -16.34 0.74
N PRO A 6 0.80 -16.13 -0.51
CA PRO A 6 0.24 -15.10 -1.39
C PRO A 6 -1.14 -15.52 -1.94
N GLY A 7 -1.86 -14.59 -2.58
CA GLY A 7 -3.30 -14.73 -2.79
C GLY A 7 -3.95 -13.37 -3.02
N THR A 8 -5.24 -13.24 -2.71
CA THR A 8 -5.91 -11.95 -2.52
C THR A 8 -6.78 -12.03 -1.25
N TYR A 9 -7.28 -10.88 -0.80
CA TYR A 9 -8.09 -10.65 0.39
C TYR A 9 -9.19 -9.66 0.01
N ARG A 10 -10.08 -9.31 0.94
CA ARG A 10 -11.09 -8.26 0.79
C ARG A 10 -11.11 -7.47 2.08
N VAL A 11 -10.70 -6.21 2.06
CA VAL A 11 -10.53 -5.40 3.28
C VAL A 11 -10.70 -3.93 2.94
N ASP A 12 -10.49 -3.06 3.92
CA ASP A 12 -10.58 -1.62 3.74
C ASP A 12 -9.15 -1.09 3.90
N ILE A 13 -8.59 -0.43 2.87
CA ILE A 13 -7.29 0.25 2.92
C ILE A 13 -7.46 1.42 3.90
N TYR A 14 -6.70 1.42 5.01
CA TYR A 14 -6.86 2.39 6.09
C TYR A 14 -5.58 3.18 6.15
N LEU A 15 -5.45 4.19 5.29
CA LEU A 15 -4.20 4.96 5.20
C LEU A 15 -4.18 5.96 6.32
N ASN A 16 -3.08 6.03 7.07
CA ASN A 16 -2.93 6.86 8.27
C ASN A 16 -4.20 6.77 9.13
N ASN A 17 -4.76 5.57 9.24
CA ASN A 17 -5.94 5.21 10.03
C ASN A 17 -7.28 5.76 9.52
N GLY A 18 -7.40 6.17 8.25
CA GLY A 18 -8.45 7.08 7.79
C GLY A 18 -9.45 6.59 6.73
N TYR A 19 -9.36 5.35 6.23
CA TYR A 19 -10.15 4.75 5.12
C TYR A 19 -10.01 5.50 3.78
N MET A 20 -9.34 4.87 2.81
CA MET A 20 -9.22 5.40 1.44
C MET A 20 -10.16 4.69 0.45
N ALA A 21 -10.11 3.36 0.40
CA ALA A 21 -10.88 2.54 -0.53
C ALA A 21 -11.06 1.15 0.09
N THR A 22 -12.06 0.42 -0.40
CA THR A 22 -12.43 -0.90 0.08
C THR A 22 -12.54 -1.79 -1.15
N ARG A 23 -11.71 -2.83 -1.23
CA ARG A 23 -11.61 -3.68 -2.41
C ARG A 23 -10.87 -4.95 -2.04
N ASP A 24 -10.73 -5.83 -3.03
CA ASP A 24 -9.86 -6.97 -2.92
C ASP A 24 -8.49 -6.52 -3.42
N VAL A 25 -7.40 -6.89 -2.74
CA VAL A 25 -6.10 -6.30 -2.97
C VAL A 25 -5.14 -7.47 -3.16
N THR A 26 -4.97 -7.93 -4.41
CA THR A 26 -4.15 -9.08 -4.71
C THR A 26 -2.72 -8.79 -4.25
N PHE A 27 -2.23 -9.51 -3.27
CA PHE A 27 -0.89 -9.37 -2.75
C PHE A 27 0.02 -10.31 -3.50
N ASN A 28 1.32 -10.10 -3.35
CA ASN A 28 2.39 -10.98 -3.83
C ASN A 28 3.23 -11.29 -2.60
N THR A 29 4.18 -12.22 -2.72
CA THR A 29 5.18 -12.48 -1.70
C THR A 29 5.98 -11.20 -1.48
N GLY A 30 6.30 -10.87 -0.23
CA GLY A 30 7.14 -9.73 0.10
C GLY A 30 7.60 -9.86 1.54
N ASP A 31 8.79 -9.37 1.82
CA ASP A 31 9.40 -9.48 3.14
C ASP A 31 8.77 -8.43 4.04
N SER A 32 7.70 -8.77 4.74
CA SER A 32 7.15 -7.95 5.80
C SER A 32 6.49 -8.88 6.83
N GLU A 33 5.80 -8.34 7.84
CA GLU A 33 5.35 -9.07 9.03
C GLU A 33 4.73 -10.43 8.70
N GLN A 34 3.69 -10.43 7.85
CA GLN A 34 2.94 -11.63 7.51
C GLN A 34 3.61 -12.49 6.42
N GLY A 35 4.57 -11.96 5.66
CA GLY A 35 5.24 -12.64 4.55
C GLY A 35 4.67 -12.30 3.17
N ILE A 36 3.86 -11.25 3.05
CA ILE A 36 3.20 -10.82 1.81
C ILE A 36 3.06 -9.29 1.78
N VAL A 37 2.97 -8.70 0.58
CA VAL A 37 2.61 -7.29 0.45
C VAL A 37 1.57 -7.09 -0.66
N PRO A 38 0.61 -6.16 -0.50
CA PRO A 38 -0.44 -5.90 -1.49
C PRO A 38 0.11 -5.38 -2.80
N CYS A 39 -0.67 -5.55 -3.88
CA CYS A 39 -0.45 -4.85 -5.13
C CYS A 39 -1.03 -3.46 -4.90
N LEU A 40 -0.18 -2.44 -4.97
CA LEU A 40 -0.57 -1.04 -4.95
C LEU A 40 0.11 -0.49 -6.18
N THR A 41 -0.66 0.15 -7.05
CA THR A 41 -0.21 0.54 -8.38
C THR A 41 0.06 2.03 -8.41
N ARG A 42 0.70 2.55 -9.47
CA ARG A 42 0.90 3.99 -9.61
C ARG A 42 -0.41 4.74 -9.52
N ALA A 43 -1.45 4.21 -10.17
CA ALA A 43 -2.81 4.73 -10.04
C ALA A 43 -3.22 4.71 -8.58
N GLN A 44 -3.30 3.53 -7.95
CA GLN A 44 -3.87 3.33 -6.61
C GLN A 44 -3.24 4.29 -5.60
N LEU A 45 -1.91 4.40 -5.62
CA LEU A 45 -1.17 5.24 -4.69
C LEU A 45 -1.54 6.69 -4.92
N ALA A 46 -1.40 7.16 -6.17
CA ALA A 46 -1.81 8.51 -6.53
C ALA A 46 -3.29 8.73 -6.23
N SER A 47 -4.12 7.69 -6.24
CA SER A 47 -5.55 7.79 -5.94
C SER A 47 -5.80 8.02 -4.45
N MET A 48 -4.91 7.56 -3.54
CA MET A 48 -4.94 7.97 -2.13
C MET A 48 -4.46 9.42 -2.00
N GLY A 49 -3.75 9.94 -3.01
CA GLY A 49 -3.08 11.22 -2.97
C GLY A 49 -1.58 11.08 -2.77
N LEU A 50 -0.99 9.87 -2.83
CA LEU A 50 0.45 9.72 -2.71
C LEU A 50 1.13 10.66 -3.74
N ASN A 51 2.17 11.38 -3.32
CA ASN A 51 3.02 12.07 -4.28
C ASN A 51 4.02 11.09 -4.89
N THR A 52 3.81 10.69 -6.15
CA THR A 52 4.77 9.87 -6.87
C THR A 52 6.12 10.61 -6.97
N ALA A 53 6.11 11.95 -7.09
CA ALA A 53 7.31 12.73 -7.31
C ALA A 53 8.17 12.80 -6.06
N SER A 54 7.60 12.56 -4.87
CA SER A 54 8.39 12.44 -3.66
C SER A 54 9.22 11.14 -3.66
N VAL A 55 9.08 10.27 -4.67
CA VAL A 55 9.74 8.99 -4.74
C VAL A 55 10.56 8.96 -6.03
N ALA A 56 11.88 9.01 -5.87
CA ALA A 56 12.79 8.69 -6.95
C ALA A 56 12.44 7.30 -7.44
N GLY A 57 11.98 7.19 -8.68
CA GLY A 57 11.66 5.92 -9.30
C GLY A 57 10.20 5.52 -9.23
N MET A 58 9.25 6.34 -8.76
CA MET A 58 7.83 5.95 -8.84
C MET A 58 7.12 6.42 -10.09
N ASN A 59 7.47 7.59 -10.59
CA ASN A 59 6.78 8.34 -11.65
C ASN A 59 6.83 7.70 -13.03
N LEU A 60 7.47 6.54 -13.13
CA LEU A 60 7.82 5.82 -14.33
C LEU A 60 7.31 4.37 -14.26
N LEU A 61 6.70 3.97 -13.14
CA LEU A 61 6.09 2.65 -12.95
C LEU A 61 4.74 2.61 -13.64
N ALA A 62 4.28 1.42 -13.99
CA ALA A 62 2.97 1.25 -14.59
C ALA A 62 1.89 1.57 -13.57
N ASP A 63 0.79 2.13 -14.06
CA ASP A 63 -0.45 2.35 -13.30
C ASP A 63 -1.17 1.07 -12.91
N ASP A 64 -0.60 -0.08 -13.28
CA ASP A 64 -0.98 -1.40 -12.82
C ASP A 64 0.27 -2.25 -12.52
N ALA A 65 1.30 -1.62 -11.94
CA ALA A 65 2.48 -2.31 -11.42
C ALA A 65 2.23 -2.73 -9.97
N CYS A 66 2.90 -3.77 -9.49
CA CYS A 66 3.18 -3.89 -8.07
C CYS A 66 4.28 -2.87 -7.76
N VAL A 67 3.89 -1.64 -7.43
CA VAL A 67 4.84 -0.64 -6.98
C VAL A 67 5.40 -1.10 -5.62
N PRO A 68 6.69 -0.93 -5.34
CA PRO A 68 7.16 -0.95 -3.97
C PRO A 68 6.84 0.41 -3.35
N LEU A 69 5.75 0.51 -2.59
CA LEU A 69 5.61 1.60 -1.63
C LEU A 69 6.69 1.38 -0.59
N THR A 70 6.59 0.36 0.24
CA THR A 70 7.34 0.26 1.48
C THR A 70 8.82 -0.12 1.27
N THR A 71 9.18 -0.32 0.01
CA THR A 71 10.51 -0.69 -0.47
C THR A 71 11.03 0.37 -1.47
N MET A 72 10.32 1.49 -1.63
CA MET A 72 10.94 2.74 -2.08
C MET A 72 10.74 3.86 -1.05
N VAL A 73 9.78 3.77 -0.12
CA VAL A 73 9.46 4.81 0.84
C VAL A 73 9.87 4.34 2.24
N GLN A 74 10.42 5.24 3.07
CA GLN A 74 10.66 5.02 4.50
C GLN A 74 9.34 5.26 5.24
N ASP A 75 9.22 4.84 6.50
CA ASP A 75 8.16 5.11 7.49
C ASP A 75 6.75 4.62 7.13
N ALA A 76 6.47 4.30 5.87
CA ALA A 76 5.21 3.69 5.47
C ALA A 76 5.22 2.21 5.80
N THR A 77 4.03 1.62 5.89
CA THR A 77 3.85 0.18 5.97
C THR A 77 2.53 -0.16 5.26
N ALA A 78 2.34 -1.43 4.93
CA ALA A 78 1.07 -2.01 4.49
C ALA A 78 0.94 -3.36 5.19
N HIS A 79 0.00 -3.47 6.13
CA HIS A 79 -0.23 -4.66 6.92
C HIS A 79 -1.69 -5.09 6.72
N LEU A 80 -1.91 -6.31 6.24
CA LEU A 80 -3.22 -6.93 6.16
C LEU A 80 -3.54 -7.46 7.56
N ASP A 81 -4.44 -6.80 8.29
CA ASP A 81 -5.17 -7.41 9.42
C ASP A 81 -6.33 -8.20 8.82
N VAL A 82 -6.17 -9.49 8.58
CA VAL A 82 -7.28 -10.29 8.10
C VAL A 82 -8.40 -10.34 9.16
N GLY A 83 -8.07 -10.33 10.45
CA GLY A 83 -9.02 -10.60 11.52
C GLY A 83 -10.06 -9.50 11.68
N GLN A 84 -9.71 -8.25 11.38
CA GLN A 84 -10.63 -7.12 11.35
C GLN A 84 -10.85 -6.59 9.93
N GLN A 85 -10.37 -7.33 8.93
CA GLN A 85 -10.41 -6.98 7.52
C GLN A 85 -10.00 -5.52 7.30
N ARG A 86 -8.84 -5.17 7.87
CA ARG A 86 -8.31 -3.82 7.85
C ARG A 86 -6.92 -3.82 7.32
N LEU A 87 -6.72 -3.30 6.11
CA LEU A 87 -5.38 -3.14 5.59
C LEU A 87 -4.85 -1.88 6.24
N ASN A 88 -4.25 -2.05 7.42
CA ASN A 88 -3.58 -0.98 8.13
C ASN A 88 -2.52 -0.46 7.19
N LEU A 89 -2.54 0.83 6.88
CA LEU A 89 -1.63 1.39 5.92
C LEU A 89 -1.18 2.75 6.43
N THR A 90 0.08 3.11 6.25
CA THR A 90 0.60 4.33 6.84
C THR A 90 1.55 4.93 5.82
N ILE A 91 1.61 6.25 5.73
CA ILE A 91 2.55 6.96 4.87
C ILE A 91 3.02 8.22 5.62
N PRO A 92 4.34 8.53 5.58
CA PRO A 92 4.87 9.81 5.97
C PRO A 92 4.37 10.92 5.04
N GLN A 93 4.00 12.08 5.61
CA GLN A 93 3.47 13.24 4.91
C GLN A 93 4.39 13.74 3.78
N ALA A 94 5.68 13.45 3.86
CA ALA A 94 6.64 13.72 2.80
C ALA A 94 6.18 13.12 1.47
N PHE A 95 5.56 11.93 1.47
CA PHE A 95 5.11 11.28 0.26
C PHE A 95 3.60 11.49 0.08
N MET A 96 3.06 12.66 0.45
CA MET A 96 1.63 12.95 0.38
C MET A 96 1.45 14.35 -0.18
N SER A 97 1.15 14.40 -1.47
CA SER A 97 0.71 15.62 -2.13
C SER A 97 -0.60 16.12 -1.52
N ASN A 98 -1.01 17.31 -1.96
CA ASN A 98 -2.16 18.03 -1.42
C ASN A 98 -3.42 17.17 -1.52
N ARG A 99 -4.35 17.35 -0.57
CA ARG A 99 -5.64 16.66 -0.45
C ARG A 99 -5.53 15.17 -0.79
N ALA A 100 -5.05 14.38 0.17
CA ALA A 100 -5.17 12.92 0.15
C ALA A 100 -6.65 12.55 0.03
N ARG A 101 -7.03 11.93 -1.08
CA ARG A 101 -8.42 11.75 -1.51
C ARG A 101 -8.95 10.43 -1.03
N GLY A 1 10.63 -15.49 8.79
CA GLY A 1 9.23 -15.77 9.15
C GLY A 1 8.50 -16.41 7.98
N GLN A 2 7.66 -15.65 7.29
CA GLN A 2 6.57 -16.06 6.41
C GLN A 2 5.55 -16.92 7.16
N GLU A 3 4.34 -16.41 7.24
CA GLU A 3 3.23 -17.03 7.96
C GLU A 3 1.89 -16.61 7.38
N LEU A 4 1.87 -16.26 6.08
CA LEU A 4 0.65 -15.91 5.37
C LEU A 4 0.91 -16.03 3.86
N PRO A 5 0.34 -17.04 3.16
CA PRO A 5 0.66 -17.31 1.77
C PRO A 5 -0.04 -16.32 0.81
N PRO A 6 0.55 -15.98 -0.35
CA PRO A 6 0.09 -14.96 -1.30
C PRO A 6 -1.29 -15.26 -1.92
N GLY A 7 -1.97 -14.28 -2.51
CA GLY A 7 -3.41 -14.38 -2.78
C GLY A 7 -4.09 -13.03 -3.09
N THR A 8 -5.38 -12.88 -2.79
CA THR A 8 -6.08 -11.59 -2.79
C THR A 8 -7.06 -11.53 -1.62
N TYR A 9 -7.17 -10.40 -0.91
CA TYR A 9 -8.06 -10.21 0.24
C TYR A 9 -8.96 -8.99 -0.01
N ARG A 10 -10.25 -9.09 0.30
CA ARG A 10 -11.15 -7.95 0.36
C ARG A 10 -10.93 -7.34 1.73
N VAL A 11 -10.63 -6.04 1.83
CA VAL A 11 -10.41 -5.29 3.07
C VAL A 11 -10.60 -3.80 2.80
N ASP A 12 -10.47 -2.97 3.83
CA ASP A 12 -10.47 -1.51 3.69
C ASP A 12 -9.02 -1.05 3.71
N ILE A 13 -8.55 -0.39 2.67
CA ILE A 13 -7.24 0.25 2.61
C ILE A 13 -7.33 1.52 3.45
N TYR A 14 -6.54 1.58 4.52
CA TYR A 14 -6.64 2.58 5.58
C TYR A 14 -5.33 3.35 5.60
N LEU A 15 -5.21 4.45 4.85
CA LEU A 15 -4.02 5.30 4.96
C LEU A 15 -4.21 6.14 6.19
N ASN A 16 -3.20 6.21 7.08
CA ASN A 16 -3.15 7.21 8.14
C ASN A 16 -4.44 7.23 8.96
N ASN A 17 -5.07 6.06 9.15
CA ASN A 17 -6.29 5.88 9.91
C ASN A 17 -7.52 6.50 9.22
N GLY A 18 -7.54 6.61 7.88
CA GLY A 18 -8.46 7.50 7.16
C GLY A 18 -9.30 6.88 6.03
N TYR A 19 -9.41 5.54 5.92
CA TYR A 19 -10.23 4.76 4.96
C TYR A 19 -10.32 5.38 3.54
N MET A 20 -9.53 4.83 2.63
CA MET A 20 -9.27 5.40 1.30
C MET A 20 -10.08 4.69 0.23
N ALA A 21 -10.23 3.37 0.33
CA ALA A 21 -10.96 2.50 -0.59
C ALA A 21 -11.23 1.15 0.09
N THR A 22 -12.18 0.38 -0.43
CA THR A 22 -12.52 -0.96 0.04
C THR A 22 -12.75 -1.87 -1.16
N ARG A 23 -11.80 -2.76 -1.39
CA ARG A 23 -11.76 -3.67 -2.51
C ARG A 23 -10.95 -4.91 -2.16
N ASP A 24 -10.96 -5.83 -3.10
CA ASP A 24 -9.97 -6.87 -3.36
C ASP A 24 -8.61 -6.20 -3.53
N VAL A 25 -7.60 -6.74 -2.86
CA VAL A 25 -6.22 -6.31 -2.92
C VAL A 25 -5.41 -7.59 -3.08
N THR A 26 -4.94 -7.83 -4.30
CA THR A 26 -4.06 -8.93 -4.62
C THR A 26 -2.69 -8.64 -4.00
N PHE A 27 -2.10 -9.59 -3.30
CA PHE A 27 -0.87 -9.43 -2.55
C PHE A 27 0.09 -10.57 -2.90
N ASN A 28 1.37 -10.27 -2.78
CA ASN A 28 2.45 -11.05 -3.36
C ASN A 28 3.60 -11.13 -2.35
N THR A 29 4.60 -11.92 -2.67
CA THR A 29 5.57 -12.49 -1.77
C THR A 29 6.70 -11.48 -1.48
N GLY A 30 6.43 -10.55 -0.58
CA GLY A 30 7.36 -9.51 -0.12
C GLY A 30 7.44 -9.52 1.38
N ASP A 31 8.50 -8.94 1.93
CA ASP A 31 8.88 -9.25 3.29
C ASP A 31 8.14 -8.36 4.29
N SER A 32 7.22 -8.93 5.07
CA SER A 32 6.48 -8.24 6.11
C SER A 32 6.34 -9.16 7.32
N GLU A 33 5.63 -8.69 8.35
CA GLU A 33 5.18 -9.50 9.48
C GLU A 33 4.50 -10.77 8.94
N GLN A 34 3.57 -10.58 8.01
CA GLN A 34 2.83 -11.69 7.40
C GLN A 34 3.71 -12.49 6.42
N GLY A 35 4.62 -11.81 5.71
CA GLY A 35 5.43 -12.39 4.65
C GLY A 35 4.90 -12.12 3.25
N ILE A 36 3.99 -11.14 3.10
CA ILE A 36 3.32 -10.75 1.85
C ILE A 36 3.09 -9.24 1.90
N VAL A 37 2.86 -8.61 0.73
CA VAL A 37 2.54 -7.19 0.58
C VAL A 37 1.48 -7.00 -0.53
N PRO A 38 0.60 -5.99 -0.44
CA PRO A 38 -0.43 -5.71 -1.44
C PRO A 38 0.16 -5.12 -2.72
N CYS A 39 -0.48 -5.39 -3.85
CA CYS A 39 -0.23 -4.79 -5.15
C CYS A 39 -0.84 -3.40 -5.15
N LEU A 40 -0.08 -2.42 -4.69
CA LEU A 40 -0.43 -1.02 -4.84
C LEU A 40 0.16 -0.61 -6.19
N THR A 41 -0.57 0.20 -6.93
CA THR A 41 -0.23 0.58 -8.30
C THR A 41 -0.22 2.12 -8.35
N ARG A 42 0.23 2.70 -9.45
CA ARG A 42 0.29 4.17 -9.55
C ARG A 42 -1.08 4.79 -9.29
N ALA A 43 -2.15 4.17 -9.77
CA ALA A 43 -3.50 4.64 -9.52
C ALA A 43 -3.82 4.51 -8.03
N GLN A 44 -3.62 3.32 -7.45
CA GLN A 44 -4.07 3.02 -6.08
C GLN A 44 -3.48 4.03 -5.09
N LEU A 45 -2.21 4.37 -5.30
CA LEU A 45 -1.47 5.29 -4.47
C LEU A 45 -1.90 6.72 -4.75
N ALA A 46 -1.90 7.15 -6.02
CA ALA A 46 -2.37 8.49 -6.34
C ALA A 46 -3.81 8.71 -5.86
N SER A 47 -4.61 7.63 -5.73
CA SER A 47 -5.99 7.68 -5.28
C SER A 47 -6.04 8.11 -3.81
N MET A 48 -5.36 7.37 -2.93
CA MET A 48 -5.19 7.72 -1.51
C MET A 48 -4.39 9.02 -1.32
N GLY A 49 -3.99 9.74 -2.37
CA GLY A 49 -3.37 11.05 -2.25
C GLY A 49 -1.86 10.98 -2.07
N LEU A 50 -1.27 9.79 -2.19
CA LEU A 50 0.17 9.60 -2.22
C LEU A 50 0.74 10.31 -3.44
N ASN A 51 1.87 10.97 -3.22
CA ASN A 51 2.59 11.73 -4.23
C ASN A 51 3.59 10.84 -4.94
N THR A 52 3.20 10.25 -6.07
CA THR A 52 4.12 9.46 -6.88
C THR A 52 5.30 10.28 -7.42
N ALA A 53 5.23 11.61 -7.37
CA ALA A 53 6.31 12.47 -7.81
C ALA A 53 7.24 12.88 -6.68
N SER A 54 6.90 12.68 -5.41
CA SER A 54 7.85 12.93 -4.34
C SER A 54 9.01 11.94 -4.44
N VAL A 55 8.76 10.70 -4.91
CA VAL A 55 9.73 9.62 -4.81
C VAL A 55 10.45 9.51 -6.15
N ALA A 56 11.74 9.82 -6.13
CA ALA A 56 12.62 9.59 -7.27
C ALA A 56 12.57 8.10 -7.61
N GLY A 57 11.94 7.77 -8.73
CA GLY A 57 11.81 6.39 -9.18
C GLY A 57 10.43 5.77 -8.91
N MET A 58 9.40 6.55 -8.53
CA MET A 58 8.01 6.07 -8.55
C MET A 58 7.25 6.55 -9.78
N ASN A 59 7.57 7.75 -10.26
CA ASN A 59 6.91 8.45 -11.35
C ASN A 59 7.14 7.79 -12.74
N LEU A 60 7.59 6.54 -12.78
CA LEU A 60 7.85 5.76 -13.97
C LEU A 60 7.24 4.34 -13.86
N LEU A 61 6.48 4.05 -12.79
CA LEU A 61 5.88 2.72 -12.57
C LEU A 61 4.64 2.58 -13.44
N ALA A 62 4.24 1.34 -13.74
CA ALA A 62 3.01 1.06 -14.48
C ALA A 62 1.75 1.33 -13.67
N ASP A 63 0.63 1.24 -14.36
CA ASP A 63 -0.72 1.22 -13.80
C ASP A 63 -1.02 -0.08 -13.04
N ASP A 64 -0.10 -1.03 -12.95
CA ASP A 64 -0.38 -2.30 -12.33
C ASP A 64 0.88 -3.07 -11.95
N ALA A 65 1.89 -2.34 -11.49
CA ALA A 65 3.23 -2.91 -11.44
C ALA A 65 3.69 -3.32 -10.06
N CYS A 66 2.77 -3.44 -9.10
CA CYS A 66 3.11 -3.70 -7.72
C CYS A 66 4.20 -2.71 -7.23
N VAL A 67 3.98 -1.41 -7.39
CA VAL A 67 4.78 -0.31 -6.86
C VAL A 67 5.31 -0.72 -5.49
N PRO A 68 6.64 -0.84 -5.29
CA PRO A 68 7.20 -1.38 -4.07
C PRO A 68 7.13 -0.35 -2.96
N LEU A 69 5.94 -0.05 -2.43
CA LEU A 69 5.77 1.02 -1.47
C LEU A 69 6.73 0.76 -0.31
N THR A 70 6.69 -0.45 0.23
CA THR A 70 7.45 -0.90 1.40
C THR A 70 8.90 -1.26 1.07
N THR A 71 9.42 -0.80 -0.08
CA THR A 71 10.84 -0.84 -0.43
C THR A 71 11.31 0.49 -1.09
N MET A 72 10.44 1.49 -1.31
CA MET A 72 10.85 2.84 -1.73
C MET A 72 10.44 3.96 -0.76
N VAL A 73 9.52 3.67 0.17
CA VAL A 73 8.92 4.67 1.03
C VAL A 73 9.25 4.28 2.46
N GLN A 74 10.36 4.81 2.98
CA GLN A 74 10.74 4.65 4.36
C GLN A 74 9.74 5.43 5.23
N ASP A 75 9.20 4.78 6.28
CA ASP A 75 8.16 5.22 7.22
C ASP A 75 6.76 4.75 6.82
N ALA A 76 6.61 4.22 5.59
CA ALA A 76 5.37 3.64 5.12
C ALA A 76 5.39 2.12 5.29
N THR A 77 4.21 1.53 5.36
CA THR A 77 3.97 0.13 5.68
C THR A 77 2.65 -0.29 5.03
N ALA A 78 2.41 -1.61 4.93
CA ALA A 78 1.11 -2.20 4.62
C ALA A 78 0.93 -3.46 5.48
N HIS A 79 -0.04 -3.46 6.40
CA HIS A 79 -0.41 -4.59 7.27
C HIS A 79 -1.86 -4.91 6.94
N LEU A 80 -2.09 -6.06 6.31
CA LEU A 80 -3.40 -6.65 6.14
C LEU A 80 -3.73 -7.31 7.47
N ASP A 81 -4.57 -6.66 8.26
CA ASP A 81 -5.21 -7.22 9.43
C ASP A 81 -6.41 -8.05 8.94
N VAL A 82 -6.20 -9.31 8.54
CA VAL A 82 -7.30 -10.12 8.06
C VAL A 82 -8.38 -10.24 9.13
N GLY A 83 -8.00 -10.29 10.40
CA GLY A 83 -8.97 -10.39 11.49
C GLY A 83 -9.98 -9.25 11.44
N GLN A 84 -9.53 -8.04 11.12
CA GLN A 84 -10.38 -6.85 11.08
C GLN A 84 -10.88 -6.51 9.68
N GLN A 85 -10.52 -7.31 8.67
CA GLN A 85 -10.61 -6.96 7.27
C GLN A 85 -10.05 -5.54 7.03
N ARG A 86 -8.90 -5.23 7.62
CA ARG A 86 -8.36 -3.88 7.61
C ARG A 86 -6.95 -3.90 7.06
N LEU A 87 -6.77 -3.42 5.84
CA LEU A 87 -5.45 -3.16 5.31
C LEU A 87 -4.97 -1.83 5.87
N ASN A 88 -4.48 -1.89 7.11
CA ASN A 88 -3.79 -0.80 7.78
C ASN A 88 -2.63 -0.39 6.89
N LEU A 89 -2.49 0.91 6.65
CA LEU A 89 -1.47 1.48 5.80
C LEU A 89 -1.01 2.79 6.45
N THR A 90 0.20 3.21 6.17
CA THR A 90 0.75 4.48 6.61
C THR A 90 1.71 4.93 5.52
N ILE A 91 1.88 6.24 5.37
CA ILE A 91 2.94 6.86 4.59
C ILE A 91 3.42 8.08 5.41
N PRO A 92 4.67 8.52 5.21
CA PRO A 92 5.19 9.77 5.75
C PRO A 92 4.54 10.99 5.07
N GLN A 93 4.32 12.06 5.82
CA GLN A 93 3.68 13.28 5.33
C GLN A 93 4.40 13.90 4.12
N ALA A 94 5.71 13.70 4.02
CA ALA A 94 6.51 14.13 2.89
C ALA A 94 6.05 13.56 1.54
N PHE A 95 5.44 12.36 1.51
CA PHE A 95 5.10 11.72 0.26
C PHE A 95 3.59 11.97 0.02
N MET A 96 3.06 13.15 0.35
CA MET A 96 1.62 13.42 0.33
C MET A 96 1.39 14.71 -0.42
N SER A 97 0.66 14.62 -1.52
CA SER A 97 0.43 15.76 -2.41
C SER A 97 -0.50 16.77 -1.73
N ASN A 98 -1.53 16.28 -1.02
CA ASN A 98 -2.61 17.02 -0.38
C ASN A 98 -2.93 16.30 0.94
N ARG A 99 -4.00 16.74 1.64
CA ARG A 99 -4.62 16.08 2.81
C ARG A 99 -4.46 14.57 2.79
N ALA A 100 -4.84 13.96 1.67
CA ALA A 100 -4.78 12.53 1.43
C ALA A 100 -5.53 11.72 2.48
N ARG A 101 -6.48 12.34 3.18
CA ARG A 101 -7.50 11.71 4.01
C ARG A 101 -8.52 12.73 4.46
N GLY A 1 8.60 -12.69 9.99
CA GLY A 1 9.48 -13.44 9.08
C GLY A 1 8.79 -13.78 7.79
N GLN A 2 7.97 -14.83 7.79
CA GLN A 2 7.07 -15.18 6.73
C GLN A 2 5.99 -16.00 7.41
N GLU A 3 4.79 -15.42 7.47
CA GLU A 3 3.68 -15.91 8.30
C GLU A 3 2.34 -15.79 7.58
N LEU A 4 2.39 -15.57 6.27
CA LEU A 4 1.20 -15.32 5.48
C LEU A 4 1.51 -15.54 3.98
N PRO A 5 1.00 -16.62 3.35
CA PRO A 5 1.26 -16.95 1.94
C PRO A 5 0.44 -16.06 1.00
N PRO A 6 0.82 -15.89 -0.28
CA PRO A 6 0.22 -14.91 -1.17
C PRO A 6 -1.21 -15.27 -1.64
N GLY A 7 -1.84 -14.38 -2.42
CA GLY A 7 -3.18 -14.57 -2.98
C GLY A 7 -3.90 -13.25 -3.13
N THR A 8 -5.20 -13.20 -2.87
CA THR A 8 -5.94 -11.95 -2.66
C THR A 8 -6.79 -12.04 -1.40
N TYR A 9 -6.93 -10.88 -0.76
CA TYR A 9 -7.90 -10.58 0.27
C TYR A 9 -8.50 -9.27 -0.20
N ARG A 10 -9.82 -9.14 -0.14
CA ARG A 10 -10.35 -7.78 -0.06
C ARG A 10 -10.21 -7.26 1.33
N VAL A 11 -10.12 -5.95 1.48
CA VAL A 11 -10.09 -5.29 2.77
C VAL A 11 -10.28 -3.79 2.55
N ASP A 12 -10.43 -3.05 3.64
CA ASP A 12 -10.62 -1.62 3.65
C ASP A 12 -9.23 -1.02 3.86
N ILE A 13 -8.67 -0.39 2.84
CA ILE A 13 -7.37 0.26 2.90
C ILE A 13 -7.54 1.48 3.83
N TYR A 14 -6.68 1.63 4.83
CA TYR A 14 -6.81 2.58 5.93
C TYR A 14 -5.50 3.35 6.05
N LEU A 15 -5.29 4.38 5.23
CA LEU A 15 -4.05 5.13 5.23
C LEU A 15 -4.05 6.12 6.37
N ASN A 16 -2.98 6.13 7.15
CA ASN A 16 -2.76 7.10 8.24
C ASN A 16 -4.00 7.18 9.13
N ASN A 17 -4.60 6.01 9.39
CA ASN A 17 -5.74 5.77 10.29
C ASN A 17 -7.09 6.14 9.65
N GLY A 18 -7.15 6.36 8.32
CA GLY A 18 -8.32 6.82 7.60
C GLY A 18 -8.62 5.95 6.38
N TYR A 19 -9.87 5.52 6.25
CA TYR A 19 -10.38 4.69 5.17
C TYR A 19 -10.21 5.39 3.79
N MET A 20 -9.51 4.75 2.83
CA MET A 20 -9.19 5.27 1.50
C MET A 20 -10.04 4.63 0.41
N ALA A 21 -9.99 3.30 0.25
CA ALA A 21 -10.83 2.52 -0.67
C ALA A 21 -10.99 1.09 -0.13
N THR A 22 -11.84 0.27 -0.74
CA THR A 22 -12.17 -1.10 -0.35
C THR A 22 -12.25 -1.87 -1.64
N ARG A 23 -11.53 -2.98 -1.75
CA ARG A 23 -11.53 -3.86 -2.92
C ARG A 23 -10.58 -5.01 -2.62
N ASP A 24 -10.53 -5.97 -3.54
CA ASP A 24 -9.58 -7.06 -3.52
C ASP A 24 -8.21 -6.42 -3.72
N VAL A 25 -7.31 -6.54 -2.75
CA VAL A 25 -5.95 -6.02 -2.84
C VAL A 25 -5.04 -7.24 -3.02
N THR A 26 -5.01 -7.82 -4.23
CA THR A 26 -4.19 -8.98 -4.54
C THR A 26 -2.73 -8.67 -4.17
N PHE A 27 -2.04 -9.55 -3.46
CA PHE A 27 -0.76 -9.29 -2.86
C PHE A 27 0.25 -10.31 -3.37
N ASN A 28 1.51 -10.00 -3.17
CA ASN A 28 2.65 -10.75 -3.66
C ASN A 28 3.52 -11.09 -2.47
N THR A 29 4.35 -12.13 -2.60
CA THR A 29 5.28 -12.55 -1.57
C THR A 29 6.20 -11.36 -1.24
N GLY A 30 6.54 -11.17 0.04
CA GLY A 30 7.19 -9.94 0.44
C GLY A 30 7.74 -10.03 1.83
N ASP A 31 7.97 -8.85 2.40
CA ASP A 31 8.73 -8.64 3.61
C ASP A 31 8.02 -7.52 4.34
N SER A 32 7.41 -7.87 5.47
CA SER A 32 6.62 -7.05 6.37
C SER A 32 6.32 -7.93 7.62
N GLU A 33 5.43 -7.50 8.52
CA GLU A 33 5.00 -8.30 9.66
C GLU A 33 4.44 -9.66 9.24
N GLN A 34 3.74 -9.73 8.11
CA GLN A 34 3.09 -10.95 7.61
C GLN A 34 3.87 -11.62 6.48
N GLY A 35 4.73 -10.86 5.78
CA GLY A 35 5.61 -11.44 4.78
C GLY A 35 4.98 -11.45 3.37
N ILE A 36 4.08 -10.50 3.10
CA ILE A 36 3.40 -10.25 1.83
C ILE A 36 3.24 -8.73 1.72
N VAL A 37 3.13 -8.18 0.51
CA VAL A 37 2.78 -6.78 0.31
C VAL A 37 1.74 -6.64 -0.83
N PRO A 38 0.83 -5.65 -0.76
CA PRO A 38 -0.33 -5.57 -1.64
C PRO A 38 0.10 -5.01 -3.02
N CYS A 39 -0.59 -5.42 -4.10
CA CYS A 39 -0.44 -4.89 -5.44
C CYS A 39 -1.07 -3.50 -5.49
N LEU A 40 -0.45 -2.53 -4.85
CA LEU A 40 -0.88 -1.14 -4.92
C LEU A 40 -0.27 -0.61 -6.20
N THR A 41 -1.05 0.00 -7.08
CA THR A 41 -0.58 0.51 -8.36
C THR A 41 -0.19 1.97 -8.19
N ARG A 42 0.43 2.58 -9.20
CA ARG A 42 0.66 4.03 -9.18
C ARG A 42 -0.67 4.73 -8.97
N ALA A 43 -1.72 4.29 -9.67
CA ALA A 43 -3.02 4.91 -9.53
C ALA A 43 -3.62 4.71 -8.14
N GLN A 44 -3.56 3.50 -7.55
CA GLN A 44 -4.14 3.22 -6.23
C GLN A 44 -3.48 4.06 -5.14
N LEU A 45 -2.18 4.32 -5.28
CA LEU A 45 -1.45 5.13 -4.30
C LEU A 45 -1.74 6.61 -4.53
N ALA A 46 -1.69 7.06 -5.79
CA ALA A 46 -2.09 8.40 -6.15
C ALA A 46 -3.54 8.68 -5.71
N SER A 47 -4.38 7.64 -5.62
CA SER A 47 -5.77 7.74 -5.20
C SER A 47 -5.81 8.16 -3.72
N MET A 48 -5.23 7.36 -2.81
CA MET A 48 -5.12 7.67 -1.38
C MET A 48 -4.32 8.96 -1.09
N GLY A 49 -3.73 9.64 -2.08
CA GLY A 49 -3.19 11.00 -1.92
C GLY A 49 -1.67 11.03 -1.85
N LEU A 50 -1.03 9.96 -2.33
CA LEU A 50 0.42 9.87 -2.46
C LEU A 50 0.96 11.04 -3.30
N ASN A 51 2.26 11.28 -3.15
CA ASN A 51 3.12 11.95 -4.12
C ASN A 51 4.09 10.96 -4.79
N THR A 52 3.84 10.50 -6.01
CA THR A 52 4.78 9.66 -6.76
C THR A 52 6.12 10.36 -6.97
N ALA A 53 6.15 11.70 -7.09
CA ALA A 53 7.38 12.42 -7.38
C ALA A 53 8.35 12.39 -6.19
N SER A 54 7.85 12.34 -4.95
CA SER A 54 8.67 12.36 -3.75
C SER A 54 9.41 11.03 -3.52
N VAL A 55 9.03 9.94 -4.20
CA VAL A 55 9.75 8.69 -4.20
C VAL A 55 10.81 8.83 -5.28
N ALA A 56 11.79 7.94 -5.33
CA ALA A 56 12.69 7.82 -6.45
C ALA A 56 11.94 7.19 -7.64
N GLY A 57 12.01 5.86 -7.79
CA GLY A 57 11.53 5.15 -8.96
C GLY A 57 10.04 4.86 -8.89
N MET A 58 9.20 5.81 -8.51
CA MET A 58 7.74 5.59 -8.57
C MET A 58 7.09 6.26 -9.77
N ASN A 59 7.56 7.45 -10.16
CA ASN A 59 6.93 8.24 -11.23
C ASN A 59 6.99 7.58 -12.61
N LEU A 60 7.57 6.38 -12.72
CA LEU A 60 7.85 5.63 -13.94
C LEU A 60 7.17 4.24 -13.93
N LEU A 61 6.55 3.80 -12.83
CA LEU A 61 5.83 2.54 -12.77
C LEU A 61 4.45 2.74 -13.40
N ALA A 62 3.86 1.65 -13.87
CA ALA A 62 2.54 1.71 -14.47
C ALA A 62 1.46 2.02 -13.42
N ASP A 63 0.33 2.48 -13.94
CA ASP A 63 -0.93 2.70 -13.23
C ASP A 63 -1.60 1.40 -12.83
N ASP A 64 -1.01 0.27 -13.21
CA ASP A 64 -1.61 -1.06 -13.16
C ASP A 64 -0.52 -2.08 -12.85
N ALA A 65 0.43 -1.68 -12.00
CA ALA A 65 1.60 -2.49 -11.68
C ALA A 65 1.56 -2.84 -10.20
N CYS A 66 2.24 -3.90 -9.75
CA CYS A 66 2.67 -3.94 -8.36
C CYS A 66 3.71 -2.83 -8.18
N VAL A 67 3.34 -1.71 -7.58
CA VAL A 67 4.30 -0.72 -7.10
C VAL A 67 4.79 -1.20 -5.74
N PRO A 68 6.11 -1.28 -5.50
CA PRO A 68 6.61 -1.27 -4.14
C PRO A 68 6.38 0.13 -3.58
N LEU A 69 5.32 0.31 -2.80
CA LEU A 69 5.28 1.37 -1.81
C LEU A 69 6.32 1.01 -0.76
N THR A 70 6.04 0.05 0.11
CA THR A 70 6.78 -0.16 1.36
C THR A 70 8.16 -0.79 1.18
N THR A 71 8.55 -1.03 -0.07
CA THR A 71 9.83 -1.57 -0.47
C THR A 71 10.60 -0.56 -1.35
N MET A 72 10.05 0.64 -1.54
CA MET A 72 10.73 1.81 -2.05
C MET A 72 10.66 2.96 -1.05
N VAL A 73 9.62 2.99 -0.20
CA VAL A 73 9.38 4.06 0.74
C VAL A 73 9.57 3.52 2.14
N GLN A 74 10.20 4.33 2.99
CA GLN A 74 10.41 4.01 4.39
C GLN A 74 9.26 4.59 5.21
N ASP A 75 9.11 4.16 6.47
CA ASP A 75 8.11 4.58 7.46
C ASP A 75 6.69 4.12 7.10
N ALA A 76 6.38 4.04 5.81
CA ALA A 76 5.15 3.43 5.34
C ALA A 76 5.16 1.93 5.65
N THR A 77 3.96 1.40 5.83
CA THR A 77 3.70 -0.03 6.03
C THR A 77 2.29 -0.32 5.49
N ALA A 78 1.97 -1.58 5.15
CA ALA A 78 0.69 -2.01 4.61
C ALA A 78 0.16 -3.24 5.34
N HIS A 79 -0.13 -3.11 6.64
CA HIS A 79 -0.58 -4.20 7.50
C HIS A 79 -2.00 -4.66 7.13
N LEU A 80 -2.10 -5.85 6.54
CA LEU A 80 -3.37 -6.52 6.30
C LEU A 80 -3.84 -7.16 7.61
N ASP A 81 -4.90 -6.63 8.20
CA ASP A 81 -5.66 -7.20 9.31
C ASP A 81 -6.81 -8.05 8.74
N VAL A 82 -6.58 -9.32 8.39
CA VAL A 82 -7.68 -10.21 7.98
C VAL A 82 -8.61 -10.52 9.16
N GLY A 83 -8.17 -10.29 10.40
CA GLY A 83 -9.01 -10.32 11.59
C GLY A 83 -10.20 -9.38 11.44
N GLN A 84 -9.98 -8.17 10.91
CA GLN A 84 -10.96 -7.08 10.87
C GLN A 84 -11.24 -6.55 9.45
N GLN A 85 -10.76 -7.25 8.41
CA GLN A 85 -10.79 -6.83 7.01
C GLN A 85 -10.20 -5.44 6.80
N ARG A 86 -9.14 -5.07 7.52
CA ARG A 86 -8.62 -3.71 7.56
C ARG A 86 -7.19 -3.71 7.06
N LEU A 87 -6.94 -3.25 5.85
CA LEU A 87 -5.58 -3.03 5.38
C LEU A 87 -5.14 -1.71 5.99
N ASN A 88 -4.72 -1.77 7.25
CA ASN A 88 -4.06 -0.71 7.98
C ASN A 88 -2.86 -0.31 7.13
N LEU A 89 -2.77 0.96 6.78
CA LEU A 89 -1.72 1.45 5.90
C LEU A 89 -1.17 2.71 6.53
N THR A 90 0.08 3.01 6.28
CA THR A 90 0.71 4.22 6.76
C THR A 90 1.59 4.73 5.62
N ILE A 91 1.71 6.05 5.48
CA ILE A 91 2.68 6.71 4.61
C ILE A 91 3.16 7.96 5.36
N PRO A 92 4.49 8.20 5.41
CA PRO A 92 5.05 9.44 5.92
C PRO A 92 4.54 10.61 5.07
N GLN A 93 4.17 11.72 5.72
CA GLN A 93 3.71 12.97 5.10
C GLN A 93 4.65 13.44 3.97
N ALA A 94 5.94 13.15 4.05
CA ALA A 94 6.92 13.45 3.02
C ALA A 94 6.57 12.82 1.65
N PHE A 95 5.78 11.75 1.58
CA PHE A 95 5.38 11.13 0.33
C PHE A 95 3.88 11.35 0.12
N MET A 96 3.33 12.52 0.49
CA MET A 96 1.91 12.80 0.42
C MET A 96 1.69 14.18 -0.16
N SER A 97 0.85 14.27 -1.19
CA SER A 97 0.53 15.54 -1.83
C SER A 97 -0.63 16.21 -1.06
N ASN A 98 -0.68 16.07 0.27
CA ASN A 98 -1.80 16.40 1.15
C ASN A 98 -3.11 15.78 0.64
N ARG A 99 -4.26 16.28 1.11
CA ARG A 99 -5.62 15.85 0.81
C ARG A 99 -5.97 14.44 1.30
N ALA A 100 -5.14 13.43 1.06
CA ALA A 100 -5.27 12.05 1.52
C ALA A 100 -6.70 11.48 1.38
N ARG A 101 -7.04 10.97 0.18
CA ARG A 101 -8.42 10.97 -0.29
C ARG A 101 -9.09 9.62 -0.26
N GLY A 1 9.88 -13.91 9.18
CA GLY A 1 8.79 -14.89 9.23
C GLY A 1 8.06 -14.99 7.90
N GLN A 2 7.32 -16.08 7.70
CA GLN A 2 6.39 -16.29 6.61
C GLN A 2 5.23 -17.10 7.18
N GLU A 3 4.01 -16.57 7.21
CA GLU A 3 2.85 -17.29 7.79
C GLU A 3 1.52 -17.08 7.07
N LEU A 4 1.58 -16.54 5.87
CA LEU A 4 0.43 -16.22 5.05
C LEU A 4 0.87 -16.24 3.58
N PRO A 5 0.51 -17.27 2.80
CA PRO A 5 0.99 -17.45 1.42
C PRO A 5 0.29 -16.46 0.48
N PRO A 6 0.82 -16.17 -0.73
CA PRO A 6 0.29 -15.15 -1.61
C PRO A 6 -1.09 -15.50 -2.19
N GLY A 7 -1.82 -14.46 -2.63
CA GLY A 7 -3.24 -14.51 -3.00
C GLY A 7 -3.78 -13.09 -3.15
N THR A 8 -5.08 -12.88 -2.88
CA THR A 8 -5.71 -11.58 -2.69
C THR A 8 -6.63 -11.62 -1.45
N TYR A 9 -6.84 -10.49 -0.78
CA TYR A 9 -7.78 -10.36 0.34
C TYR A 9 -8.57 -9.06 0.22
N ARG A 10 -9.87 -9.12 0.53
CA ARG A 10 -10.81 -8.03 0.39
C ARG A 10 -10.78 -7.24 1.68
N VAL A 11 -10.18 -6.05 1.64
CA VAL A 11 -10.01 -5.22 2.82
C VAL A 11 -10.09 -3.75 2.46
N ASP A 12 -10.19 -2.92 3.50
CA ASP A 12 -10.34 -1.48 3.43
C ASP A 12 -8.94 -0.94 3.60
N ILE A 13 -8.36 -0.43 2.51
CA ILE A 13 -7.13 0.30 2.55
C ILE A 13 -7.40 1.54 3.40
N TYR A 14 -6.77 1.61 4.57
CA TYR A 14 -6.84 2.70 5.52
C TYR A 14 -5.47 3.35 5.46
N LEU A 15 -5.39 4.63 5.16
CA LEU A 15 -4.15 5.39 5.13
C LEU A 15 -4.20 6.43 6.23
N ASN A 16 -3.12 6.57 7.01
CA ASN A 16 -3.05 7.45 8.19
C ASN A 16 -4.33 7.29 9.01
N ASN A 17 -4.71 6.03 9.22
CA ASN A 17 -5.83 5.54 10.00
C ASN A 17 -7.20 5.99 9.48
N GLY A 18 -7.35 6.28 8.19
CA GLY A 18 -8.62 6.64 7.60
C GLY A 18 -8.82 5.93 6.26
N TYR A 19 -10.04 5.41 6.00
CA TYR A 19 -10.43 4.67 4.80
C TYR A 19 -10.12 5.44 3.51
N MET A 20 -9.56 4.76 2.50
CA MET A 20 -9.21 5.30 1.18
C MET A 20 -9.84 4.50 0.04
N ALA A 21 -9.86 3.16 0.11
CA ALA A 21 -10.51 2.28 -0.88
C ALA A 21 -10.82 0.94 -0.23
N THR A 22 -11.64 0.11 -0.88
CA THR A 22 -12.01 -1.23 -0.43
C THR A 22 -12.15 -2.04 -1.71
N ARG A 23 -11.34 -3.08 -1.85
CA ARG A 23 -11.38 -4.03 -2.95
C ARG A 23 -10.49 -5.21 -2.57
N ASP A 24 -10.43 -6.20 -3.45
CA ASP A 24 -9.57 -7.38 -3.32
C ASP A 24 -8.14 -6.91 -3.59
N VAL A 25 -7.28 -6.83 -2.58
CA VAL A 25 -5.90 -6.40 -2.71
C VAL A 25 -5.07 -7.65 -2.90
N THR A 26 -4.65 -7.91 -4.16
CA THR A 26 -3.61 -8.89 -4.42
C THR A 26 -2.36 -8.44 -3.69
N PHE A 27 -1.54 -9.39 -3.28
CA PHE A 27 -0.20 -9.21 -2.73
C PHE A 27 0.77 -10.13 -3.46
N ASN A 28 2.05 -9.97 -3.15
CA ASN A 28 3.15 -10.86 -3.53
C ASN A 28 3.85 -11.26 -2.24
N THR A 29 4.68 -12.29 -2.31
CA THR A 29 5.53 -12.73 -1.21
C THR A 29 6.53 -11.61 -0.89
N GLY A 30 6.84 -11.35 0.39
CA GLY A 30 7.88 -10.41 0.76
C GLY A 30 8.25 -10.55 2.21
N ASP A 31 9.45 -10.07 2.57
CA ASP A 31 9.90 -10.00 3.94
C ASP A 31 8.99 -9.01 4.65
N SER A 32 8.03 -9.48 5.44
CA SER A 32 7.05 -8.67 6.14
C SER A 32 6.35 -9.51 7.22
N GLU A 33 5.48 -8.88 8.02
CA GLU A 33 4.89 -9.45 9.23
C GLU A 33 4.13 -10.73 8.94
N GLN A 34 3.31 -10.75 7.88
CA GLN A 34 2.57 -11.95 7.49
C GLN A 34 3.34 -12.75 6.42
N GLY A 35 4.39 -12.17 5.83
CA GLY A 35 5.20 -12.79 4.78
C GLY A 35 4.86 -12.31 3.35
N ILE A 36 4.03 -11.27 3.23
CA ILE A 36 3.41 -10.84 1.98
C ILE A 36 3.19 -9.32 2.00
N VAL A 37 3.16 -8.68 0.81
CA VAL A 37 2.97 -7.24 0.66
C VAL A 37 1.97 -6.95 -0.49
N PRO A 38 0.98 -6.05 -0.31
CA PRO A 38 -0.06 -5.73 -1.30
C PRO A 38 0.54 -5.09 -2.56
N CYS A 39 -0.09 -5.42 -3.69
CA CYS A 39 0.19 -4.96 -5.04
C CYS A 39 -0.51 -3.62 -5.20
N LEU A 40 0.21 -2.53 -4.93
CA LEU A 40 -0.35 -1.19 -5.00
C LEU A 40 0.19 -0.56 -6.29
N THR A 41 -0.45 0.50 -6.79
CA THR A 41 -0.47 0.90 -8.21
C THR A 41 -0.38 2.42 -8.26
N ARG A 42 0.24 3.03 -9.28
CA ARG A 42 0.38 4.48 -9.35
C ARG A 42 -0.92 5.21 -9.08
N ALA A 43 -2.01 4.61 -9.54
CA ALA A 43 -3.34 5.17 -9.37
C ALA A 43 -3.87 4.95 -7.96
N GLN A 44 -3.76 3.75 -7.40
CA GLN A 44 -4.26 3.46 -6.06
C GLN A 44 -3.54 4.40 -5.08
N LEU A 45 -2.23 4.49 -5.24
CA LEU A 45 -1.37 5.39 -4.52
C LEU A 45 -1.81 6.84 -4.68
N ALA A 46 -1.81 7.37 -5.90
CA ALA A 46 -2.24 8.73 -6.13
C ALA A 46 -3.76 8.90 -5.91
N SER A 47 -4.49 7.87 -5.47
CA SER A 47 -5.87 7.99 -5.04
C SER A 47 -5.87 8.25 -3.54
N MET A 48 -5.16 7.43 -2.76
CA MET A 48 -4.94 7.68 -1.33
C MET A 48 -4.08 8.94 -1.11
N GLY A 49 -3.58 9.59 -2.17
CA GLY A 49 -3.02 10.93 -2.13
C GLY A 49 -1.50 10.97 -2.23
N LEU A 50 -0.84 9.82 -2.38
CA LEU A 50 0.60 9.67 -2.40
C LEU A 50 1.16 10.56 -3.50
N ASN A 51 2.19 11.30 -3.15
CA ASN A 51 2.92 12.14 -4.08
C ASN A 51 3.88 11.27 -4.88
N THR A 52 3.47 10.80 -6.05
CA THR A 52 4.31 10.00 -6.94
C THR A 52 5.67 10.68 -7.19
N ALA A 53 5.69 11.98 -7.49
CA ALA A 53 6.92 12.67 -7.87
C ALA A 53 7.85 12.93 -6.68
N SER A 54 7.41 12.67 -5.45
CA SER A 54 8.30 12.70 -4.29
C SER A 54 9.09 11.40 -4.15
N VAL A 55 8.83 10.36 -4.96
CA VAL A 55 9.45 9.05 -4.86
C VAL A 55 10.23 8.84 -6.16
N ALA A 56 11.56 8.89 -6.09
CA ALA A 56 12.48 9.09 -7.22
C ALA A 56 12.43 8.06 -8.35
N GLY A 57 11.67 6.97 -8.22
CA GLY A 57 11.39 5.99 -9.24
C GLY A 57 9.94 5.60 -9.15
N MET A 58 9.00 6.56 -9.24
CA MET A 58 7.58 6.27 -9.27
C MET A 58 6.90 6.78 -10.53
N ASN A 59 7.34 7.90 -11.12
CA ASN A 59 6.80 8.46 -12.36
C ASN A 59 6.87 7.52 -13.57
N LEU A 60 7.51 6.35 -13.40
CA LEU A 60 7.78 5.30 -14.37
C LEU A 60 6.98 4.01 -14.06
N LEU A 61 6.14 3.99 -13.02
CA LEU A 61 5.27 2.84 -12.68
C LEU A 61 3.91 2.99 -13.36
N ALA A 62 2.98 2.05 -13.11
CA ALA A 62 1.71 1.92 -13.81
C ALA A 62 0.51 1.85 -12.86
N ASP A 63 -0.68 1.97 -13.44
CA ASP A 63 -2.01 2.04 -12.82
C ASP A 63 -2.48 0.69 -12.29
N ASP A 64 -1.81 -0.39 -12.69
CA ASP A 64 -1.99 -1.75 -12.18
C ASP A 64 -0.59 -2.37 -11.98
N ALA A 65 0.37 -1.57 -11.50
CA ALA A 65 1.69 -2.04 -11.08
C ALA A 65 1.59 -2.82 -9.76
N CYS A 66 2.74 -3.30 -9.26
CA CYS A 66 2.90 -3.80 -7.90
C CYS A 66 4.02 -2.98 -7.23
N VAL A 67 3.77 -1.68 -7.14
CA VAL A 67 4.58 -0.66 -6.50
C VAL A 67 5.05 -1.20 -5.14
N PRO A 68 6.37 -1.34 -4.92
CA PRO A 68 6.91 -1.68 -3.62
C PRO A 68 6.85 -0.43 -2.78
N LEU A 69 5.64 -0.11 -2.30
CA LEU A 69 5.42 1.11 -1.56
C LEU A 69 6.30 1.10 -0.32
N THR A 70 6.27 0.00 0.42
CA THR A 70 7.01 -0.15 1.67
C THR A 70 8.52 -0.26 1.48
N THR A 71 9.02 -0.57 0.28
CA THR A 71 10.45 -0.43 -0.01
C THR A 71 10.72 1.06 -0.29
N MET A 72 10.10 1.60 -1.34
CA MET A 72 10.49 2.88 -1.91
C MET A 72 10.16 4.04 -0.96
N VAL A 73 8.97 4.05 -0.37
CA VAL A 73 8.59 4.98 0.68
C VAL A 73 9.08 4.35 1.98
N GLN A 74 10.18 4.87 2.53
CA GLN A 74 10.57 4.52 3.88
C GLN A 74 9.49 5.05 4.84
N ASP A 75 9.43 4.53 6.06
CA ASP A 75 8.48 4.90 7.13
C ASP A 75 7.04 4.50 6.85
N ALA A 76 6.73 4.03 5.63
CA ALA A 76 5.47 3.44 5.26
C ALA A 76 5.43 1.96 5.63
N THR A 77 4.23 1.44 5.92
CA THR A 77 3.97 0.03 6.22
C THR A 77 2.61 -0.39 5.63
N ALA A 78 2.41 -1.66 5.27
CA ALA A 78 1.13 -2.22 4.81
C ALA A 78 0.81 -3.54 5.51
N HIS A 79 0.04 -3.49 6.61
CA HIS A 79 -0.29 -4.67 7.41
C HIS A 79 -1.77 -5.02 7.20
N LEU A 80 -2.03 -6.26 6.78
CA LEU A 80 -3.39 -6.77 6.59
C LEU A 80 -3.93 -7.16 7.97
N ASP A 81 -4.88 -6.35 8.46
CA ASP A 81 -5.78 -6.69 9.55
C ASP A 81 -6.93 -7.49 8.96
N VAL A 82 -6.73 -8.79 8.74
CA VAL A 82 -7.81 -9.60 8.19
C VAL A 82 -9.01 -9.60 9.14
N GLY A 83 -8.76 -9.41 10.45
CA GLY A 83 -9.78 -9.44 11.46
C GLY A 83 -10.79 -8.33 11.26
N GLN A 84 -10.32 -7.09 11.07
CA GLN A 84 -11.19 -5.94 10.81
C GLN A 84 -11.49 -5.76 9.32
N GLN A 85 -10.97 -6.66 8.48
CA GLN A 85 -10.86 -6.50 7.04
C GLN A 85 -10.33 -5.11 6.68
N ARG A 86 -9.23 -4.71 7.34
CA ARG A 86 -8.52 -3.47 7.08
C ARG A 86 -7.16 -3.82 6.51
N LEU A 87 -6.60 -2.92 5.71
CA LEU A 87 -5.21 -2.90 5.37
C LEU A 87 -4.66 -1.62 5.99
N ASN A 88 -3.97 -1.76 7.13
CA ASN A 88 -3.31 -0.69 7.88
C ASN A 88 -2.15 -0.20 7.04
N LEU A 89 -2.42 0.81 6.23
CA LEU A 89 -1.49 1.46 5.32
C LEU A 89 -1.00 2.72 6.03
N THR A 90 0.31 2.91 6.11
CA THR A 90 0.88 4.13 6.66
C THR A 90 1.93 4.62 5.65
N ILE A 91 2.16 5.92 5.62
CA ILE A 91 3.08 6.72 4.81
C ILE A 91 3.47 7.94 5.67
N PRO A 92 4.71 8.44 5.58
CA PRO A 92 5.13 9.71 6.18
C PRO A 92 4.54 10.90 5.40
N GLN A 93 4.28 12.03 6.08
CA GLN A 93 3.70 13.23 5.45
C GLN A 93 4.60 13.78 4.33
N ALA A 94 5.90 13.46 4.36
CA ALA A 94 6.84 13.81 3.30
C ALA A 94 6.45 13.24 1.93
N PHE A 95 5.57 12.23 1.85
CA PHE A 95 5.19 11.61 0.58
C PHE A 95 3.68 11.75 0.39
N MET A 96 3.12 12.89 0.78
CA MET A 96 1.69 13.15 0.73
C MET A 96 1.52 14.46 -0.01
N SER A 97 0.94 14.41 -1.20
CA SER A 97 0.88 15.54 -2.12
C SER A 97 0.26 16.76 -1.42
N ASN A 98 -0.93 16.60 -0.85
CA ASN A 98 -1.54 17.37 0.24
C ASN A 98 -2.99 16.93 0.41
N ARG A 99 -3.59 17.31 1.53
CA ARG A 99 -4.91 16.91 2.02
C ARG A 99 -5.00 15.43 2.32
N ALA A 100 -4.84 14.58 1.29
CA ALA A 100 -5.05 13.13 1.29
C ALA A 100 -6.54 12.77 1.21
N ARG A 101 -7.43 13.75 1.02
CA ARG A 101 -8.88 13.70 1.24
C ARG A 101 -9.41 15.11 0.98
N GLY A 1 8.92 -13.43 9.65
CA GLY A 1 8.58 -14.85 9.58
C GLY A 1 7.35 -15.00 8.71
N GLN A 2 7.45 -15.79 7.64
CA GLN A 2 6.38 -15.96 6.68
C GLN A 2 5.26 -16.78 7.30
N GLU A 3 4.03 -16.23 7.32
CA GLU A 3 2.91 -16.91 7.95
C GLU A 3 1.55 -16.65 7.26
N LEU A 4 1.57 -16.20 6.01
CA LEU A 4 0.45 -16.26 5.07
C LEU A 4 1.00 -16.50 3.65
N PRO A 5 0.62 -17.58 2.95
CA PRO A 5 1.00 -17.77 1.55
C PRO A 5 0.25 -16.74 0.68
N PRO A 6 0.71 -16.41 -0.52
CA PRO A 6 0.19 -15.30 -1.32
C PRO A 6 -1.24 -15.56 -1.85
N GLY A 7 -1.91 -14.57 -2.45
CA GLY A 7 -3.34 -14.69 -2.75
C GLY A 7 -3.98 -13.35 -3.10
N THR A 8 -5.24 -13.14 -2.68
CA THR A 8 -5.90 -11.84 -2.69
C THR A 8 -6.86 -11.79 -1.49
N TYR A 9 -7.02 -10.63 -0.84
CA TYR A 9 -7.86 -10.50 0.35
C TYR A 9 -8.77 -9.27 0.23
N ARG A 10 -10.07 -9.42 0.45
CA ARG A 10 -11.03 -8.33 0.46
C ARG A 10 -10.91 -7.58 1.79
N VAL A 11 -10.46 -6.32 1.77
CA VAL A 11 -10.28 -5.49 2.97
C VAL A 11 -10.42 -4.00 2.62
N ASP A 12 -10.39 -3.15 3.65
CA ASP A 12 -10.47 -1.69 3.53
C ASP A 12 -9.07 -1.13 3.77
N ILE A 13 -8.55 -0.40 2.80
CA ILE A 13 -7.22 0.20 2.75
C ILE A 13 -7.29 1.48 3.60
N TYR A 14 -6.50 1.53 4.68
CA TYR A 14 -6.57 2.57 5.71
C TYR A 14 -5.24 3.27 5.75
N LEU A 15 -5.17 4.54 5.35
CA LEU A 15 -3.95 5.33 5.30
C LEU A 15 -3.95 6.34 6.43
N ASN A 16 -2.88 6.38 7.22
CA ASN A 16 -2.63 7.37 8.28
C ASN A 16 -3.86 7.52 9.16
N ASN A 17 -4.45 6.38 9.52
CA ASN A 17 -5.61 6.23 10.37
C ASN A 17 -6.87 6.75 9.65
N GLY A 18 -7.07 6.41 8.37
CA GLY A 18 -8.29 6.79 7.65
C GLY A 18 -8.51 5.92 6.41
N TYR A 19 -9.74 5.47 6.18
CA TYR A 19 -10.14 4.76 4.97
C TYR A 19 -9.78 5.58 3.73
N MET A 20 -9.42 4.89 2.64
CA MET A 20 -9.22 5.45 1.32
C MET A 20 -9.99 4.64 0.26
N ALA A 21 -9.81 3.32 0.24
CA ALA A 21 -10.32 2.40 -0.76
C ALA A 21 -10.73 1.11 -0.07
N THR A 22 -11.47 0.26 -0.77
CA THR A 22 -11.88 -1.06 -0.32
C THR A 22 -11.90 -1.92 -1.57
N ARG A 23 -11.28 -3.11 -1.50
CA ARG A 23 -11.27 -4.08 -2.59
C ARG A 23 -10.52 -5.35 -2.20
N ASP A 24 -10.55 -6.35 -3.08
CA ASP A 24 -9.73 -7.54 -3.05
C ASP A 24 -8.33 -7.10 -3.47
N VAL A 25 -7.48 -6.88 -2.48
CA VAL A 25 -6.10 -6.46 -2.65
C VAL A 25 -5.29 -7.74 -2.85
N THR A 26 -4.96 -8.03 -4.09
CA THR A 26 -4.04 -9.09 -4.47
C THR A 26 -2.68 -8.80 -3.82
N PHE A 27 -2.09 -9.74 -3.09
CA PHE A 27 -0.76 -9.68 -2.53
C PHE A 27 0.15 -10.78 -3.10
N ASN A 28 1.46 -10.57 -2.98
CA ASN A 28 2.54 -11.40 -3.48
C ASN A 28 3.45 -11.78 -2.31
N THR A 29 4.35 -12.73 -2.54
CA THR A 29 5.43 -13.08 -1.62
C THR A 29 6.23 -11.81 -1.33
N GLY A 30 6.51 -11.52 -0.06
CA GLY A 30 7.23 -10.31 0.31
C GLY A 30 7.62 -10.33 1.76
N ASP A 31 7.60 -9.15 2.35
CA ASP A 31 8.20 -8.87 3.63
C ASP A 31 7.22 -7.97 4.37
N SER A 32 6.69 -8.47 5.47
CA SER A 32 5.87 -7.80 6.45
C SER A 32 5.65 -8.82 7.59
N GLU A 33 4.82 -8.49 8.59
CA GLU A 33 4.43 -9.42 9.66
C GLU A 33 4.03 -10.78 9.10
N GLN A 34 3.18 -10.76 8.08
CA GLN A 34 2.58 -11.98 7.55
C GLN A 34 3.45 -12.62 6.45
N GLY A 35 4.47 -11.92 5.93
CA GLY A 35 5.38 -12.50 4.94
C GLY A 35 5.02 -12.21 3.47
N ILE A 36 4.14 -11.24 3.21
CA ILE A 36 3.50 -10.96 1.92
C ILE A 36 3.25 -9.45 1.84
N VAL A 37 3.12 -8.88 0.64
CA VAL A 37 2.72 -7.47 0.47
C VAL A 37 1.66 -7.31 -0.63
N PRO A 38 0.74 -6.33 -0.52
CA PRO A 38 -0.30 -6.03 -1.51
C PRO A 38 0.24 -5.39 -2.78
N CYS A 39 -0.54 -5.54 -3.85
CA CYS A 39 -0.40 -4.94 -5.16
C CYS A 39 -1.00 -3.54 -5.14
N LEU A 40 -0.32 -2.66 -4.44
CA LEU A 40 -0.59 -1.22 -4.50
C LEU A 40 0.11 -0.75 -5.77
N THR A 41 -0.58 -0.03 -6.64
CA THR A 41 -0.04 0.41 -7.92
C THR A 41 -0.06 1.93 -7.96
N ARG A 42 0.48 2.56 -9.02
CA ARG A 42 0.54 4.01 -9.03
C ARG A 42 -0.83 4.63 -8.88
N ALA A 43 -1.83 4.09 -9.59
CA ALA A 43 -3.19 4.57 -9.45
C ALA A 43 -3.65 4.41 -8.00
N GLN A 44 -3.53 3.21 -7.44
CA GLN A 44 -4.04 2.89 -6.10
C GLN A 44 -3.47 3.84 -5.05
N LEU A 45 -2.24 4.27 -5.23
CA LEU A 45 -1.55 5.14 -4.29
C LEU A 45 -1.88 6.60 -4.55
N ALA A 46 -1.81 7.05 -5.80
CA ALA A 46 -2.23 8.39 -6.16
C ALA A 46 -3.70 8.61 -5.77
N SER A 47 -4.50 7.54 -5.69
CA SER A 47 -5.88 7.55 -5.23
C SER A 47 -5.91 8.06 -3.76
N MET A 48 -5.29 7.33 -2.82
CA MET A 48 -5.12 7.68 -1.39
C MET A 48 -4.27 8.94 -1.14
N GLY A 49 -3.88 9.72 -2.15
CA GLY A 49 -3.21 10.99 -1.96
C GLY A 49 -1.70 10.89 -1.78
N LEU A 50 -1.09 9.73 -2.07
CA LEU A 50 0.35 9.58 -2.18
C LEU A 50 0.84 10.48 -3.32
N ASN A 51 2.00 11.07 -3.09
CA ASN A 51 2.73 11.92 -4.00
C ASN A 51 3.69 11.11 -4.86
N THR A 52 3.26 10.67 -6.05
CA THR A 52 4.12 9.93 -6.97
C THR A 52 5.34 10.77 -7.40
N ALA A 53 5.18 12.10 -7.43
CA ALA A 53 6.22 13.03 -7.81
C ALA A 53 7.27 13.21 -6.72
N SER A 54 7.00 12.85 -5.47
CA SER A 54 8.03 12.90 -4.43
C SER A 54 9.09 11.82 -4.64
N VAL A 55 8.87 10.79 -5.47
CA VAL A 55 9.72 9.61 -5.49
C VAL A 55 10.27 9.43 -6.90
N ALA A 56 11.56 9.75 -7.07
CA ALA A 56 12.38 9.19 -8.12
C ALA A 56 12.22 7.67 -8.02
N GLY A 57 11.61 7.08 -9.04
CA GLY A 57 11.33 5.68 -9.11
C GLY A 57 9.84 5.34 -9.07
N MET A 58 8.94 6.27 -8.72
CA MET A 58 7.50 5.97 -8.76
C MET A 58 6.82 6.60 -9.97
N ASN A 59 7.23 7.79 -10.37
CA ASN A 59 6.53 8.52 -11.42
C ASN A 59 6.82 7.99 -12.84
N LEU A 60 7.46 6.84 -12.93
CA LEU A 60 7.94 6.16 -14.13
C LEU A 60 7.48 4.69 -14.17
N LEU A 61 6.64 4.23 -13.23
CA LEU A 61 6.06 2.88 -13.24
C LEU A 61 4.61 2.87 -13.61
N ALA A 62 4.08 1.66 -13.80
CA ALA A 62 2.74 1.56 -14.33
C ALA A 62 1.69 1.86 -13.27
N ASP A 63 0.53 2.28 -13.72
CA ASP A 63 -0.65 2.47 -12.87
C ASP A 63 -1.27 1.17 -12.38
N ASP A 64 -0.81 0.03 -12.90
CA ASP A 64 -1.14 -1.28 -12.38
C ASP A 64 0.15 -2.11 -12.23
N ALA A 65 1.26 -1.48 -11.81
CA ALA A 65 2.48 -2.18 -11.44
C ALA A 65 2.68 -2.08 -9.93
N CYS A 66 2.89 -3.23 -9.30
CA CYS A 66 3.11 -3.39 -7.87
C CYS A 66 4.26 -2.49 -7.42
N VAL A 67 3.94 -1.42 -6.72
CA VAL A 67 4.92 -0.47 -6.19
C VAL A 67 5.55 -1.10 -4.93
N PRO A 68 6.88 -1.00 -4.75
CA PRO A 68 7.56 -1.32 -3.50
C PRO A 68 7.34 -0.18 -2.50
N LEU A 69 6.09 0.00 -2.09
CA LEU A 69 5.61 1.12 -1.28
C LEU A 69 6.19 1.11 0.13
N THR A 70 6.89 0.05 0.55
CA THR A 70 7.55 -0.01 1.85
C THR A 70 9.08 0.03 1.72
N THR A 71 9.60 0.31 0.51
CA THR A 71 11.04 0.34 0.23
C THR A 71 11.45 1.59 -0.56
N MET A 72 10.71 2.00 -1.60
CA MET A 72 10.90 3.32 -2.21
C MET A 72 10.25 4.43 -1.39
N VAL A 73 9.49 4.07 -0.36
CA VAL A 73 8.92 4.98 0.59
C VAL A 73 9.23 4.34 1.94
N GLN A 74 10.28 4.84 2.57
CA GLN A 74 10.57 4.55 3.97
C GLN A 74 9.36 4.94 4.83
N ASP A 75 9.22 4.35 6.01
CA ASP A 75 8.25 4.71 7.07
C ASP A 75 6.85 4.19 6.79
N ALA A 76 6.49 4.14 5.50
CA ALA A 76 5.26 3.54 5.04
C ALA A 76 5.21 2.06 5.39
N THR A 77 4.00 1.56 5.57
CA THR A 77 3.75 0.16 5.90
C THR A 77 2.46 -0.28 5.20
N ALA A 78 2.23 -1.58 5.08
CA ALA A 78 1.06 -2.18 4.44
C ALA A 78 0.77 -3.53 5.11
N HIS A 79 0.06 -3.51 6.24
CA HIS A 79 -0.29 -4.68 7.07
C HIS A 79 -1.74 -5.07 6.78
N LEU A 80 -1.99 -6.28 6.30
CA LEU A 80 -3.33 -6.85 6.17
C LEU A 80 -3.76 -7.37 7.54
N ASP A 81 -4.79 -6.77 8.12
CA ASP A 81 -5.53 -7.28 9.26
C ASP A 81 -6.71 -8.06 8.69
N VAL A 82 -6.57 -9.36 8.47
CA VAL A 82 -7.68 -10.21 8.08
C VAL A 82 -8.78 -10.19 9.13
N GLY A 83 -8.38 -10.07 10.41
CA GLY A 83 -9.25 -10.09 11.56
C GLY A 83 -10.37 -9.07 11.41
N GLN A 84 -10.01 -7.79 11.26
CA GLN A 84 -10.95 -6.68 11.09
C GLN A 84 -11.21 -6.37 9.61
N GLN A 85 -10.65 -7.16 8.70
CA GLN A 85 -10.63 -6.94 7.26
C GLN A 85 -10.16 -5.52 6.91
N ARG A 86 -8.99 -5.16 7.42
CA ARG A 86 -8.44 -3.83 7.37
C ARG A 86 -7.01 -3.90 6.87
N LEU A 87 -6.75 -3.44 5.66
CA LEU A 87 -5.39 -3.27 5.18
C LEU A 87 -4.90 -1.96 5.80
N ASN A 88 -4.38 -2.07 7.02
CA ASN A 88 -3.67 -1.03 7.73
C ASN A 88 -2.50 -0.60 6.85
N LEU A 89 -2.36 0.69 6.64
CA LEU A 89 -1.37 1.30 5.76
C LEU A 89 -0.91 2.61 6.41
N THR A 90 0.22 3.13 5.96
CA THR A 90 0.75 4.42 6.40
C THR A 90 1.61 4.97 5.26
N ILE A 91 1.70 6.29 5.13
CA ILE A 91 2.67 7.00 4.31
C ILE A 91 3.09 8.25 5.08
N PRO A 92 4.39 8.55 5.16
CA PRO A 92 4.87 9.76 5.80
C PRO A 92 4.54 11.01 4.97
N GLN A 93 4.44 12.16 5.64
CA GLN A 93 4.00 13.44 5.08
C GLN A 93 4.76 13.85 3.82
N ALA A 94 6.06 13.55 3.76
CA ALA A 94 6.89 13.90 2.62
C ALA A 94 6.42 13.26 1.31
N PHE A 95 5.64 12.17 1.37
CA PHE A 95 5.23 11.43 0.21
C PHE A 95 3.71 11.60 0.07
N MET A 96 3.21 12.79 0.36
CA MET A 96 1.80 13.15 0.25
C MET A 96 1.72 14.44 -0.57
N SER A 97 0.69 14.57 -1.40
CA SER A 97 0.60 15.70 -2.32
C SER A 97 0.17 16.94 -1.54
N ASN A 98 -0.92 16.83 -0.78
CA ASN A 98 -1.52 17.91 0.01
C ASN A 98 -2.63 17.30 0.82
N ARG A 99 -3.61 16.74 0.13
CA ARG A 99 -4.71 16.04 0.73
C ARG A 99 -4.83 14.66 0.13
N ALA A 100 -5.45 13.80 0.93
CA ALA A 100 -6.01 12.53 0.57
C ALA A 100 -7.51 12.72 0.80
N ARG A 101 -8.31 12.50 -0.24
CA ARG A 101 -9.74 12.74 -0.26
C ARG A 101 -10.41 11.55 -0.96
N GLY A 1 7.93 -13.03 10.16
CA GLY A 1 8.23 -14.40 9.73
C GLY A 1 7.10 -14.88 8.85
N GLN A 2 7.40 -15.48 7.70
CA GLN A 2 6.41 -15.85 6.70
C GLN A 2 5.35 -16.76 7.34
N GLU A 3 4.08 -16.39 7.29
CA GLU A 3 3.04 -17.15 7.97
C GLU A 3 1.67 -17.08 7.30
N LEU A 4 1.63 -16.61 6.07
CA LEU A 4 0.42 -16.42 5.28
C LEU A 4 0.73 -16.72 3.81
N PRO A 5 0.05 -17.69 3.17
CA PRO A 5 0.28 -18.00 1.76
C PRO A 5 -0.21 -16.83 0.91
N PRO A 6 0.47 -16.46 -0.19
CA PRO A 6 0.05 -15.40 -1.07
C PRO A 6 -1.31 -15.71 -1.74
N GLY A 7 -2.00 -14.68 -2.22
CA GLY A 7 -3.43 -14.78 -2.53
C GLY A 7 -4.08 -13.42 -2.78
N THR A 8 -5.38 -13.26 -2.47
CA THR A 8 -6.11 -12.00 -2.53
C THR A 8 -7.14 -11.96 -1.39
N TYR A 9 -7.09 -10.92 -0.55
CA TYR A 9 -8.04 -10.66 0.53
C TYR A 9 -9.02 -9.61 0.06
N ARG A 10 -10.04 -9.31 0.88
CA ARG A 10 -11.03 -8.29 0.77
C ARG A 10 -10.96 -7.47 2.05
N VAL A 11 -10.55 -6.20 1.95
CA VAL A 11 -10.41 -5.32 3.12
C VAL A 11 -10.58 -3.88 2.66
N ASP A 12 -10.49 -2.96 3.62
CA ASP A 12 -10.49 -1.54 3.34
C ASP A 12 -9.05 -1.12 3.43
N ILE A 13 -8.49 -0.59 2.33
CA ILE A 13 -7.23 0.12 2.31
C ILE A 13 -7.43 1.36 3.17
N TYR A 14 -6.65 1.44 4.24
CA TYR A 14 -6.76 2.42 5.30
C TYR A 14 -5.41 3.09 5.34
N LEU A 15 -5.28 4.28 4.75
CA LEU A 15 -4.01 4.98 4.79
C LEU A 15 -4.01 5.91 5.99
N ASN A 16 -2.96 5.86 6.80
CA ASN A 16 -2.71 6.82 7.89
C ASN A 16 -3.97 7.02 8.72
N ASN A 17 -4.66 5.92 8.99
CA ASN A 17 -5.89 5.85 9.77
C ASN A 17 -7.04 6.58 9.07
N GLY A 18 -7.28 6.27 7.79
CA GLY A 18 -8.40 6.78 7.03
C GLY A 18 -8.71 5.83 5.88
N TYR A 19 -9.95 5.36 5.75
CA TYR A 19 -10.38 4.51 4.64
C TYR A 19 -10.23 5.27 3.32
N MET A 20 -9.46 4.70 2.38
CA MET A 20 -9.20 5.26 1.07
C MET A 20 -9.94 4.51 -0.03
N ALA A 21 -9.90 3.18 -0.05
CA ALA A 21 -10.56 2.33 -1.04
C ALA A 21 -10.84 0.98 -0.40
N THR A 22 -11.77 0.20 -0.96
CA THR A 22 -12.16 -1.11 -0.45
C THR A 22 -12.44 -1.98 -1.67
N ARG A 23 -11.90 -3.20 -1.66
CA ARG A 23 -11.86 -4.13 -2.77
C ARG A 23 -11.03 -5.33 -2.35
N ASP A 24 -10.92 -6.32 -3.22
CA ASP A 24 -9.97 -7.40 -3.06
C ASP A 24 -8.58 -6.90 -3.47
N VAL A 25 -7.53 -7.15 -2.68
CA VAL A 25 -6.17 -6.70 -2.93
C VAL A 25 -5.36 -7.98 -3.02
N THR A 26 -4.83 -8.28 -4.21
CA THR A 26 -3.96 -9.43 -4.42
C THR A 26 -2.60 -9.10 -3.81
N PHE A 27 -1.92 -10.10 -3.23
CA PHE A 27 -0.66 -9.95 -2.54
C PHE A 27 0.21 -11.18 -2.83
N ASN A 28 1.53 -10.99 -2.78
CA ASN A 28 2.56 -11.97 -3.12
C ASN A 28 3.60 -12.02 -2.01
N THR A 29 4.37 -13.11 -1.96
CA THR A 29 5.36 -13.36 -0.94
C THR A 29 6.44 -12.27 -1.05
N GLY A 30 6.74 -11.62 0.06
CA GLY A 30 7.68 -10.52 0.16
C GLY A 30 8.30 -10.58 1.55
N ASP A 31 8.69 -9.43 2.09
CA ASP A 31 9.34 -9.34 3.38
C ASP A 31 8.68 -8.21 4.15
N SER A 32 7.73 -8.60 5.00
CA SER A 32 7.13 -7.84 6.08
C SER A 32 6.53 -8.89 7.04
N GLU A 33 5.84 -8.45 8.11
CA GLU A 33 5.50 -9.29 9.25
C GLU A 33 4.90 -10.63 8.84
N GLN A 34 3.76 -10.63 8.14
CA GLN A 34 3.06 -11.87 7.80
C GLN A 34 3.71 -12.60 6.62
N GLY A 35 4.60 -11.94 5.89
CA GLY A 35 5.40 -12.53 4.83
C GLY A 35 4.95 -12.16 3.41
N ILE A 36 3.96 -11.28 3.25
CA ILE A 36 3.24 -11.02 2.01
C ILE A 36 2.94 -9.54 1.84
N VAL A 37 2.88 -9.06 0.59
CA VAL A 37 2.74 -7.64 0.26
C VAL A 37 1.67 -7.45 -0.82
N PRO A 38 0.72 -6.51 -0.64
CA PRO A 38 -0.33 -6.21 -1.60
C PRO A 38 0.22 -5.56 -2.87
N CYS A 39 -0.55 -5.66 -3.95
CA CYS A 39 -0.34 -4.96 -5.20
C CYS A 39 -0.96 -3.58 -5.02
N LEU A 40 -0.14 -2.56 -4.72
CA LEU A 40 -0.55 -1.16 -4.70
C LEU A 40 0.00 -0.54 -5.96
N THR A 41 -0.87 -0.03 -6.84
CA THR A 41 -0.44 0.52 -8.13
C THR A 41 -0.12 2.01 -7.96
N ARG A 42 0.48 2.68 -8.96
CA ARG A 42 0.58 4.14 -8.89
C ARG A 42 -0.80 4.77 -8.75
N ALA A 43 -1.79 4.25 -9.47
CA ALA A 43 -3.12 4.80 -9.41
C ALA A 43 -3.68 4.67 -8.00
N GLN A 44 -3.46 3.53 -7.34
CA GLN A 44 -3.97 3.27 -6.00
C GLN A 44 -3.33 4.24 -5.02
N LEU A 45 -2.01 4.36 -5.04
CA LEU A 45 -1.30 5.25 -4.13
C LEU A 45 -1.76 6.69 -4.35
N ALA A 46 -1.78 7.16 -5.60
CA ALA A 46 -2.26 8.49 -5.92
C ALA A 46 -3.77 8.65 -5.68
N SER A 47 -4.52 7.55 -5.54
CA SER A 47 -5.93 7.59 -5.16
C SER A 47 -6.03 7.99 -3.68
N MET A 48 -5.05 7.59 -2.86
CA MET A 48 -4.91 8.04 -1.47
C MET A 48 -4.32 9.46 -1.39
N GLY A 49 -3.95 10.08 -2.52
CA GLY A 49 -3.27 11.35 -2.49
C GLY A 49 -1.79 11.20 -2.18
N LEU A 50 -1.20 10.00 -2.31
CA LEU A 50 0.25 9.87 -2.28
C LEU A 50 0.83 10.77 -3.37
N ASN A 51 1.92 11.47 -3.05
CA ASN A 51 2.67 12.24 -4.02
C ASN A 51 3.60 11.36 -4.85
N THR A 52 3.23 10.98 -6.07
CA THR A 52 4.09 10.16 -6.92
C THR A 52 5.40 10.90 -7.25
N ALA A 53 5.39 12.24 -7.30
CA ALA A 53 6.58 13.01 -7.61
C ALA A 53 7.56 13.07 -6.43
N SER A 54 7.12 12.78 -5.19
CA SER A 54 8.05 12.81 -4.07
C SER A 54 9.02 11.63 -4.13
N VAL A 55 8.75 10.63 -4.97
CA VAL A 55 9.51 9.40 -5.04
C VAL A 55 10.13 9.34 -6.42
N ALA A 56 11.42 9.68 -6.52
CA ALA A 56 12.23 9.25 -7.65
C ALA A 56 12.05 7.73 -7.74
N GLY A 57 11.52 7.25 -8.86
CA GLY A 57 11.23 5.85 -9.05
C GLY A 57 9.73 5.52 -9.00
N MET A 58 8.82 6.45 -8.68
CA MET A 58 7.39 6.16 -8.74
C MET A 58 6.73 6.79 -9.94
N ASN A 59 7.15 7.99 -10.30
CA ASN A 59 6.50 8.74 -11.33
C ASN A 59 6.85 8.31 -12.76
N LEU A 60 7.37 7.09 -12.92
CA LEU A 60 7.83 6.50 -14.18
C LEU A 60 7.36 5.04 -14.34
N LEU A 61 6.48 4.53 -13.47
CA LEU A 61 5.97 3.14 -13.49
C LEU A 61 4.48 3.05 -13.76
N ALA A 62 3.94 1.83 -13.72
CA ALA A 62 2.62 1.57 -14.25
C ALA A 62 1.49 1.99 -13.31
N ASP A 63 0.30 2.16 -13.88
CA ASP A 63 -0.94 2.41 -13.15
C ASP A 63 -1.59 1.12 -12.67
N ASP A 64 -1.07 -0.05 -13.05
CA ASP A 64 -1.49 -1.36 -12.54
C ASP A 64 -0.29 -2.11 -11.95
N ALA A 65 0.61 -1.34 -11.34
CA ALA A 65 1.90 -1.85 -10.95
C ALA A 65 1.80 -2.59 -9.62
N CYS A 66 2.75 -3.48 -9.36
CA CYS A 66 3.13 -3.81 -8.00
C CYS A 66 4.19 -2.78 -7.63
N VAL A 67 3.78 -1.58 -7.20
CA VAL A 67 4.74 -0.58 -6.74
C VAL A 67 5.36 -1.16 -5.48
N PRO A 68 6.68 -1.08 -5.28
CA PRO A 68 7.31 -1.56 -4.06
C PRO A 68 7.15 -0.48 -2.99
N LEU A 69 5.91 -0.18 -2.64
CA LEU A 69 5.49 0.95 -1.85
C LEU A 69 6.32 1.05 -0.57
N THR A 70 6.54 -0.08 0.09
CA THR A 70 7.19 -0.16 1.39
C THR A 70 8.73 -0.13 1.30
N THR A 71 9.30 -0.06 0.10
CA THR A 71 10.75 0.01 -0.10
C THR A 71 11.10 1.34 -0.80
N MET A 72 10.28 1.76 -1.76
CA MET A 72 10.39 3.07 -2.40
C MET A 72 9.92 4.19 -1.48
N VAL A 73 9.09 3.90 -0.48
CA VAL A 73 8.76 4.82 0.59
C VAL A 73 9.16 4.10 1.87
N GLN A 74 10.17 4.64 2.55
CA GLN A 74 10.53 4.21 3.88
C GLN A 74 9.43 4.66 4.86
N ASP A 75 9.42 4.09 6.07
CA ASP A 75 8.48 4.37 7.17
C ASP A 75 7.09 3.80 6.90
N ALA A 76 6.69 3.77 5.61
CA ALA A 76 5.49 3.17 5.08
C ALA A 76 5.36 1.70 5.51
N THR A 77 4.13 1.20 5.52
CA THR A 77 3.80 -0.20 5.78
C THR A 77 2.55 -0.60 4.99
N ALA A 78 2.31 -1.90 4.83
CA ALA A 78 1.18 -2.49 4.13
C ALA A 78 0.70 -3.74 4.91
N HIS A 79 0.29 -3.52 6.15
CA HIS A 79 -0.15 -4.53 7.11
C HIS A 79 -1.58 -4.96 6.76
N LEU A 80 -1.78 -6.19 6.28
CA LEU A 80 -3.10 -6.80 6.07
C LEU A 80 -3.57 -7.23 7.47
N ASP A 81 -4.42 -6.41 8.09
CA ASP A 81 -5.18 -6.81 9.27
C ASP A 81 -6.33 -7.64 8.75
N VAL A 82 -6.17 -8.94 8.64
CA VAL A 82 -7.28 -9.79 8.25
C VAL A 82 -8.34 -9.83 9.36
N GLY A 83 -7.94 -9.64 10.62
CA GLY A 83 -8.80 -9.78 11.77
C GLY A 83 -9.86 -8.69 11.82
N GLN A 84 -9.49 -7.45 11.49
CA GLN A 84 -10.40 -6.32 11.37
C GLN A 84 -10.85 -6.11 9.92
N GLN A 85 -10.25 -6.85 8.97
CA GLN A 85 -10.34 -6.59 7.53
C GLN A 85 -10.00 -5.13 7.20
N ARG A 86 -8.84 -4.67 7.70
CA ARG A 86 -8.38 -3.30 7.56
C ARG A 86 -6.91 -3.24 7.17
N LEU A 87 -6.63 -2.90 5.92
CA LEU A 87 -5.27 -2.89 5.42
C LEU A 87 -4.67 -1.60 5.94
N ASN A 88 -3.98 -1.68 7.09
CA ASN A 88 -3.35 -0.57 7.79
C ASN A 88 -2.12 -0.18 6.98
N LEU A 89 -2.37 0.65 5.98
CA LEU A 89 -1.42 1.26 5.08
C LEU A 89 -0.94 2.53 5.78
N THR A 90 0.34 2.85 5.69
CA THR A 90 0.89 4.04 6.31
C THR A 90 1.87 4.66 5.32
N ILE A 91 1.97 6.00 5.32
CA ILE A 91 2.93 6.75 4.53
C ILE A 91 3.36 7.98 5.34
N PRO A 92 4.68 8.27 5.37
CA PRO A 92 5.20 9.39 6.12
C PRO A 92 4.67 10.68 5.49
N GLN A 93 4.31 11.67 6.30
CA GLN A 93 3.51 12.80 5.85
C GLN A 93 4.20 13.73 4.85
N ALA A 94 5.51 13.59 4.62
CA ALA A 94 6.19 14.24 3.52
C ALA A 94 5.77 13.66 2.16
N PHE A 95 5.58 12.33 2.06
CA PHE A 95 5.35 11.62 0.81
C PHE A 95 3.85 11.68 0.42
N MET A 96 3.20 12.80 0.69
CA MET A 96 1.76 12.99 0.64
C MET A 96 1.56 14.33 -0.04
N SER A 97 0.92 14.31 -1.20
CA SER A 97 0.66 15.51 -1.99
C SER A 97 -0.27 16.41 -1.17
N ASN A 98 0.32 17.39 -0.49
CA ASN A 98 -0.26 18.19 0.59
C ASN A 98 -0.88 17.31 1.66
N ARG A 99 -2.16 16.97 1.55
CA ARG A 99 -2.87 16.13 2.50
C ARG A 99 -3.80 15.20 1.73
N ALA A 100 -3.86 13.96 2.19
CA ALA A 100 -4.90 13.01 1.83
C ALA A 100 -6.15 13.46 2.57
N ARG A 101 -6.92 14.39 1.99
CA ARG A 101 -8.05 15.07 2.61
C ARG A 101 -9.05 15.39 1.51
N GLY A 1 9.34 -14.02 10.54
CA GLY A 1 8.45 -13.50 9.49
C GLY A 1 8.02 -14.60 8.53
N GLN A 2 7.00 -14.31 7.70
CA GLN A 2 6.16 -15.29 6.99
C GLN A 2 5.42 -16.15 8.02
N GLU A 3 4.46 -17.02 7.65
CA GLU A 3 3.10 -17.24 8.21
C GLU A 3 1.88 -16.68 7.48
N LEU A 4 1.98 -16.44 6.17
CA LEU A 4 0.79 -16.07 5.41
C LEU A 4 1.00 -16.26 3.89
N PRO A 5 0.49 -17.34 3.27
CA PRO A 5 0.74 -17.65 1.86
C PRO A 5 -0.06 -16.69 0.94
N PRO A 6 0.41 -16.38 -0.27
CA PRO A 6 -0.11 -15.30 -1.11
C PRO A 6 -1.48 -15.62 -1.74
N GLY A 7 -2.13 -14.60 -2.33
CA GLY A 7 -3.50 -14.70 -2.84
C GLY A 7 -4.08 -13.32 -3.10
N THR A 8 -5.34 -13.08 -2.71
CA THR A 8 -5.95 -11.75 -2.71
C THR A 8 -6.91 -11.63 -1.51
N TYR A 9 -6.84 -10.52 -0.76
CA TYR A 9 -7.55 -10.35 0.52
C TYR A 9 -8.50 -9.14 0.41
N ARG A 10 -9.77 -9.32 0.78
CA ARG A 10 -10.83 -8.31 0.66
C ARG A 10 -10.85 -7.47 1.93
N VAL A 11 -10.46 -6.21 1.83
CA VAL A 11 -10.15 -5.34 2.96
C VAL A 11 -10.38 -3.88 2.62
N ASP A 12 -10.34 -3.05 3.66
CA ASP A 12 -10.48 -1.61 3.54
C ASP A 12 -9.10 -1.00 3.72
N ILE A 13 -8.58 -0.42 2.65
CA ILE A 13 -7.35 0.34 2.68
C ILE A 13 -7.58 1.50 3.63
N TYR A 14 -6.79 1.57 4.70
CA TYR A 14 -6.76 2.66 5.64
C TYR A 14 -5.38 3.26 5.55
N LEU A 15 -5.22 4.31 4.76
CA LEU A 15 -3.98 5.07 4.72
C LEU A 15 -4.02 6.09 5.82
N ASN A 16 -2.99 6.06 6.67
CA ASN A 16 -2.74 7.00 7.73
C ASN A 16 -4.03 7.41 8.45
N ASN A 17 -4.70 6.37 8.98
CA ASN A 17 -5.96 6.42 9.71
C ASN A 17 -7.07 7.08 8.89
N GLY A 18 -7.16 6.78 7.60
CA GLY A 18 -8.23 7.25 6.72
C GLY A 18 -8.59 6.15 5.73
N TYR A 19 -9.86 5.73 5.71
CA TYR A 19 -10.42 4.81 4.73
C TYR A 19 -10.22 5.41 3.33
N MET A 20 -9.63 4.66 2.40
CA MET A 20 -9.40 5.11 1.04
C MET A 20 -10.25 4.32 0.04
N ALA A 21 -10.33 3.00 0.14
CA ALA A 21 -11.20 2.16 -0.68
C ALA A 21 -11.38 0.79 -0.03
N THR A 22 -12.37 0.03 -0.50
CA THR A 22 -12.65 -1.35 -0.12
C THR A 22 -12.50 -2.18 -1.37
N ARG A 23 -11.63 -3.18 -1.39
CA ARG A 23 -11.49 -4.09 -2.52
C ARG A 23 -10.80 -5.35 -2.06
N ASP A 24 -10.69 -6.29 -2.98
CA ASP A 24 -9.75 -7.39 -2.93
C ASP A 24 -8.41 -6.85 -3.41
N VAL A 25 -7.39 -7.07 -2.60
CA VAL A 25 -6.06 -6.49 -2.74
C VAL A 25 -5.12 -7.68 -2.93
N THR A 26 -4.58 -7.82 -4.14
CA THR A 26 -3.89 -9.02 -4.56
C THR A 26 -2.44 -8.98 -4.08
N PHE A 27 -2.21 -9.54 -2.91
CA PHE A 27 -0.92 -9.64 -2.33
C PHE A 27 -0.10 -10.78 -2.93
N ASN A 28 1.19 -10.75 -2.63
CA ASN A 28 2.21 -11.61 -3.20
C ASN A 28 3.41 -11.64 -2.24
N THR A 29 4.29 -12.60 -2.45
CA THR A 29 5.30 -13.02 -1.50
C THR A 29 6.36 -11.91 -1.32
N GLY A 30 6.56 -11.46 -0.08
CA GLY A 30 7.37 -10.32 0.29
C GLY A 30 8.20 -10.61 1.55
N ASP A 31 8.72 -9.56 2.18
CA ASP A 31 9.67 -9.69 3.30
C ASP A 31 9.14 -9.13 4.62
N SER A 32 7.86 -8.75 4.63
CA SER A 32 7.20 -8.12 5.77
C SER A 32 6.82 -9.17 6.81
N GLU A 33 6.25 -8.72 7.92
CA GLU A 33 5.71 -9.47 9.07
C GLU A 33 5.06 -10.78 8.60
N GLN A 34 3.90 -10.66 7.95
CA GLN A 34 3.09 -11.78 7.47
C GLN A 34 3.77 -12.54 6.33
N GLY A 35 4.82 -11.98 5.74
CA GLY A 35 5.57 -12.56 4.64
C GLY A 35 5.06 -12.17 3.26
N ILE A 36 4.14 -11.21 3.17
CA ILE A 36 3.40 -10.85 1.96
C ILE A 36 3.17 -9.35 1.93
N VAL A 37 2.95 -8.82 0.74
CA VAL A 37 2.68 -7.42 0.48
C VAL A 37 1.54 -7.31 -0.54
N PRO A 38 0.65 -6.31 -0.43
CA PRO A 38 -0.48 -6.11 -1.34
C PRO A 38 -0.01 -5.63 -2.70
N CYS A 39 -0.88 -5.73 -3.72
CA CYS A 39 -0.74 -4.95 -4.94
C CYS A 39 -1.25 -3.55 -4.64
N LEU A 40 -0.39 -2.56 -4.89
CA LEU A 40 -0.66 -1.14 -4.81
C LEU A 40 -0.05 -0.58 -6.08
N THR A 41 -0.75 0.28 -6.80
CA THR A 41 -0.37 0.76 -8.12
C THR A 41 -0.28 2.29 -8.07
N ARG A 42 0.32 2.94 -9.05
CA ARG A 42 0.42 4.40 -9.04
C ARG A 42 -0.95 5.03 -8.91
N ALA A 43 -1.93 4.43 -9.58
CA ALA A 43 -3.32 4.80 -9.46
C ALA A 43 -3.83 4.59 -8.03
N GLN A 44 -3.76 3.38 -7.47
CA GLN A 44 -4.27 3.09 -6.13
C GLN A 44 -3.67 4.04 -5.09
N LEU A 45 -2.39 4.35 -5.21
CA LEU A 45 -1.66 5.19 -4.28
C LEU A 45 -2.09 6.63 -4.47
N ALA A 46 -1.99 7.15 -5.69
CA ALA A 46 -2.43 8.50 -5.96
C ALA A 46 -3.94 8.67 -5.78
N SER A 47 -4.72 7.59 -5.68
CA SER A 47 -6.13 7.70 -5.29
C SER A 47 -6.20 8.25 -3.86
N MET A 48 -5.32 7.76 -2.98
CA MET A 48 -5.15 8.23 -1.60
C MET A 48 -4.46 9.60 -1.55
N GLY A 49 -4.08 10.15 -2.70
CA GLY A 49 -3.31 11.38 -2.75
C GLY A 49 -1.81 11.19 -2.55
N LEU A 50 -1.29 9.94 -2.55
CA LEU A 50 0.15 9.69 -2.40
C LEU A 50 0.93 10.48 -3.46
N ASN A 51 1.99 11.14 -3.02
CA ASN A 51 2.84 12.00 -3.82
C ASN A 51 3.91 11.19 -4.56
N THR A 52 3.63 10.77 -5.79
CA THR A 52 4.59 10.01 -6.60
C THR A 52 5.86 10.83 -6.87
N ALA A 53 5.75 12.16 -7.01
CA ALA A 53 6.87 13.01 -7.37
C ALA A 53 7.88 13.10 -6.23
N SER A 54 7.43 12.96 -4.97
CA SER A 54 8.32 12.94 -3.81
C SER A 54 9.34 11.80 -3.91
N VAL A 55 9.09 10.76 -4.73
CA VAL A 55 9.88 9.56 -4.84
C VAL A 55 10.51 9.54 -6.25
N ALA A 56 11.83 9.77 -6.32
CA ALA A 56 12.60 9.83 -7.57
C ALA A 56 12.70 8.44 -8.23
N GLY A 57 11.61 7.99 -8.84
CA GLY A 57 11.48 6.64 -9.38
C GLY A 57 10.11 6.00 -9.19
N MET A 58 9.04 6.77 -8.97
CA MET A 58 7.68 6.21 -8.86
C MET A 58 6.83 6.50 -10.10
N ASN A 59 7.08 7.65 -10.71
CA ASN A 59 6.42 8.29 -11.85
C ASN A 59 6.68 7.57 -13.18
N LEU A 60 7.18 6.35 -13.12
CA LEU A 60 7.61 5.54 -14.25
C LEU A 60 7.10 4.08 -14.15
N LEU A 61 6.32 3.76 -13.12
CA LEU A 61 5.57 2.50 -13.01
C LEU A 61 4.22 2.65 -13.74
N ALA A 62 3.47 1.57 -13.95
CA ALA A 62 2.14 1.63 -14.59
C ALA A 62 1.02 1.83 -13.58
N ASP A 63 -0.20 2.10 -14.06
CA ASP A 63 -1.40 2.29 -13.25
C ASP A 63 -1.90 0.99 -12.63
N ASP A 64 -1.32 -0.14 -13.04
CA ASP A 64 -1.61 -1.47 -12.55
C ASP A 64 -0.32 -2.24 -12.33
N ALA A 65 0.70 -1.53 -11.86
CA ALA A 65 1.96 -2.17 -11.59
C ALA A 65 2.19 -2.17 -10.09
N CYS A 66 2.60 -3.30 -9.53
CA CYS A 66 2.87 -3.48 -8.12
C CYS A 66 4.03 -2.60 -7.66
N VAL A 67 3.75 -1.39 -7.17
CA VAL A 67 4.75 -0.52 -6.57
C VAL A 67 5.32 -1.23 -5.35
N PRO A 68 6.64 -1.17 -5.12
CA PRO A 68 7.18 -1.59 -3.84
C PRO A 68 6.95 -0.49 -2.80
N LEU A 69 5.71 -0.36 -2.32
CA LEU A 69 5.35 0.68 -1.35
C LEU A 69 6.27 0.59 -0.15
N THR A 70 6.35 -0.58 0.47
CA THR A 70 7.06 -0.75 1.73
C THR A 70 8.59 -0.75 1.56
N THR A 71 9.14 -0.60 0.34
CA THR A 71 10.58 -0.54 0.15
C THR A 71 10.95 0.85 -0.37
N MET A 72 10.25 1.32 -1.40
CA MET A 72 10.51 2.61 -2.02
C MET A 72 9.97 3.77 -1.17
N VAL A 73 9.17 3.48 -0.13
CA VAL A 73 8.77 4.43 0.88
C VAL A 73 9.16 3.80 2.22
N GLN A 74 10.15 4.39 2.89
CA GLN A 74 10.52 4.07 4.27
C GLN A 74 9.40 4.56 5.21
N ASP A 75 9.39 4.08 6.46
CA ASP A 75 8.34 4.28 7.50
C ASP A 75 7.02 3.61 7.14
N ALA A 76 6.67 3.61 5.86
CA ALA A 76 5.44 3.10 5.30
C ALA A 76 5.34 1.59 5.46
N THR A 77 4.11 1.12 5.51
CA THR A 77 3.77 -0.25 5.86
C THR A 77 2.49 -0.66 5.12
N ALA A 78 2.28 -1.96 4.97
CA ALA A 78 1.12 -2.59 4.38
C ALA A 78 0.70 -3.81 5.20
N HIS A 79 0.44 -3.58 6.49
CA HIS A 79 -0.03 -4.59 7.43
C HIS A 79 -1.46 -4.95 7.06
N LEU A 80 -1.70 -6.20 6.66
CA LEU A 80 -3.04 -6.73 6.48
C LEU A 80 -3.56 -7.21 7.84
N ASP A 81 -4.60 -6.57 8.33
CA ASP A 81 -5.44 -7.04 9.42
C ASP A 81 -6.57 -7.91 8.84
N VAL A 82 -6.39 -9.22 8.78
CA VAL A 82 -7.44 -10.16 8.41
C VAL A 82 -8.51 -10.28 9.51
N GLY A 83 -8.26 -9.84 10.74
CA GLY A 83 -9.24 -9.83 11.80
C GLY A 83 -10.37 -8.86 11.44
N GLN A 84 -10.00 -7.60 11.19
CA GLN A 84 -10.91 -6.51 10.92
C GLN A 84 -11.19 -6.34 9.44
N GLN A 85 -10.43 -7.02 8.57
CA GLN A 85 -10.39 -6.78 7.14
C GLN A 85 -10.00 -5.32 6.87
N ARG A 86 -8.91 -4.89 7.48
CA ARG A 86 -8.31 -3.57 7.31
C ARG A 86 -6.95 -3.75 6.68
N LEU A 87 -6.58 -2.89 5.73
CA LEU A 87 -5.24 -2.84 5.17
C LEU A 87 -4.60 -1.58 5.70
N ASN A 88 -3.87 -1.77 6.78
CA ASN A 88 -3.24 -0.80 7.62
C ASN A 88 -2.06 -0.26 6.83
N LEU A 89 -2.31 0.82 6.11
CA LEU A 89 -1.42 1.44 5.16
C LEU A 89 -0.92 2.71 5.84
N THR A 90 0.36 2.97 5.79
CA THR A 90 0.94 4.19 6.36
C THR A 90 1.93 4.72 5.36
N ILE A 91 2.08 6.05 5.28
CA ILE A 91 3.07 6.75 4.50
C ILE A 91 3.46 8.00 5.31
N PRO A 92 4.75 8.29 5.47
CA PRO A 92 5.22 9.52 6.07
C PRO A 92 4.80 10.70 5.18
N GLN A 93 4.32 11.78 5.79
CA GLN A 93 3.66 12.88 5.08
C GLN A 93 4.55 13.56 4.03
N ALA A 94 5.88 13.39 4.08
CA ALA A 94 6.78 13.82 3.01
C ALA A 94 6.41 13.22 1.65
N PHE A 95 5.85 12.01 1.62
CA PHE A 95 5.45 11.33 0.40
C PHE A 95 3.93 11.48 0.29
N MET A 96 3.38 12.61 0.70
CA MET A 96 1.99 12.97 0.52
C MET A 96 1.96 14.37 -0.07
N SER A 97 0.79 14.77 -0.51
CA SER A 97 0.53 16.02 -1.19
C SER A 97 -0.24 16.88 -0.17
N ASN A 98 0.46 17.37 0.86
CA ASN A 98 -0.04 18.22 1.95
C ASN A 98 -0.99 17.51 2.92
N ARG A 99 -1.46 16.30 2.60
CA ARG A 99 -2.27 15.31 3.33
C ARG A 99 -3.17 14.65 2.30
N ALA A 100 -3.53 13.38 2.53
CA ALA A 100 -4.66 12.79 1.85
C ALA A 100 -5.88 13.65 2.16
N ARG A 101 -6.67 14.02 1.16
CA ARG A 101 -7.89 14.80 1.31
C ARG A 101 -8.99 14.12 0.55
N GLY A 1 7.14 -12.32 9.67
CA GLY A 1 7.28 -13.77 9.60
C GLY A 1 6.55 -14.29 8.37
N GLN A 2 6.95 -15.43 7.82
CA GLN A 2 6.26 -16.02 6.67
C GLN A 2 5.16 -16.93 7.18
N GLU A 3 3.91 -16.47 7.10
CA GLU A 3 2.81 -17.15 7.76
C GLU A 3 1.45 -16.85 7.12
N LEU A 4 1.44 -16.40 5.86
CA LEU A 4 0.27 -16.44 4.98
C LEU A 4 0.65 -16.86 3.56
N PRO A 5 -0.13 -17.73 2.89
CA PRO A 5 0.06 -18.06 1.48
C PRO A 5 -0.47 -16.91 0.61
N PRO A 6 0.20 -16.52 -0.49
CA PRO A 6 -0.26 -15.43 -1.34
C PRO A 6 -1.63 -15.77 -2.00
N GLY A 7 -2.35 -14.77 -2.54
CA GLY A 7 -3.63 -15.02 -3.22
C GLY A 7 -4.85 -14.12 -2.98
N THR A 8 -4.69 -12.80 -2.81
CA THR A 8 -5.74 -11.75 -2.79
C THR A 8 -6.77 -11.83 -1.65
N TYR A 9 -6.82 -10.76 -0.84
CA TYR A 9 -7.73 -10.62 0.29
C TYR A 9 -8.77 -9.57 -0.03
N ARG A 10 -9.76 -9.40 0.84
CA ARG A 10 -10.84 -8.41 0.76
C ARG A 10 -10.84 -7.57 2.03
N VAL A 11 -10.42 -6.31 1.99
CA VAL A 11 -10.33 -5.43 3.16
C VAL A 11 -10.50 -3.97 2.74
N ASP A 12 -10.42 -3.08 3.72
CA ASP A 12 -10.47 -1.65 3.53
C ASP A 12 -9.04 -1.16 3.67
N ILE A 13 -8.47 -0.56 2.61
CA ILE A 13 -7.18 0.14 2.63
C ILE A 13 -7.35 1.34 3.55
N TYR A 14 -6.43 1.50 4.50
CA TYR A 14 -6.54 2.45 5.60
C TYR A 14 -5.20 3.15 5.62
N LEU A 15 -5.11 4.33 5.00
CA LEU A 15 -3.88 5.08 5.01
C LEU A 15 -3.87 6.00 6.22
N ASN A 16 -2.79 5.96 7.00
CA ASN A 16 -2.54 6.90 8.09
C ASN A 16 -3.75 6.97 9.03
N ASN A 17 -4.34 5.79 9.26
CA ASN A 17 -5.50 5.54 10.09
C ASN A 17 -6.78 6.21 9.58
N GLY A 18 -6.94 6.35 8.26
CA GLY A 18 -8.18 6.76 7.61
C GLY A 18 -8.46 5.86 6.42
N TYR A 19 -9.70 5.42 6.24
CA TYR A 19 -10.12 4.58 5.11
C TYR A 19 -9.93 5.38 3.82
N MET A 20 -9.44 4.72 2.77
CA MET A 20 -9.19 5.36 1.47
C MET A 20 -9.87 4.62 0.33
N ALA A 21 -9.93 3.29 0.35
CA ALA A 21 -10.66 2.49 -0.64
C ALA A 21 -10.94 1.12 -0.03
N THR A 22 -11.95 0.42 -0.53
CA THR A 22 -12.25 -0.97 -0.16
C THR A 22 -12.31 -1.75 -1.45
N ARG A 23 -11.61 -2.88 -1.48
CA ARG A 23 -11.54 -3.74 -2.65
C ARG A 23 -10.87 -5.04 -2.20
N ASP A 24 -10.65 -5.94 -3.14
CA ASP A 24 -9.64 -6.96 -2.95
C ASP A 24 -8.24 -6.34 -3.17
N VAL A 25 -7.18 -6.89 -2.56
CA VAL A 25 -5.83 -6.43 -2.78
C VAL A 25 -5.06 -7.72 -2.95
N THR A 26 -4.59 -7.96 -4.17
CA THR A 26 -3.72 -9.08 -4.46
C THR A 26 -2.42 -8.84 -3.72
N PHE A 27 -1.76 -9.88 -3.22
CA PHE A 27 -0.51 -9.80 -2.49
C PHE A 27 0.31 -11.01 -2.90
N ASN A 28 1.63 -10.84 -2.88
CA ASN A 28 2.59 -11.85 -3.30
C ASN A 28 3.63 -12.00 -2.19
N THR A 29 4.36 -13.11 -2.23
CA THR A 29 5.32 -13.52 -1.22
C THR A 29 6.52 -12.58 -1.18
N GLY A 30 6.75 -11.97 -0.02
CA GLY A 30 7.79 -11.00 0.26
C GLY A 30 8.06 -11.05 1.74
N ASP A 31 7.92 -9.92 2.41
CA ASP A 31 8.37 -9.76 3.78
C ASP A 31 7.57 -8.63 4.42
N SER A 32 7.10 -8.88 5.65
CA SER A 32 6.21 -8.13 6.52
C SER A 32 5.78 -9.10 7.64
N GLU A 33 4.91 -8.63 8.54
CA GLU A 33 4.27 -9.38 9.61
C GLU A 33 3.91 -10.80 9.18
N GLN A 34 3.22 -10.90 8.03
CA GLN A 34 2.63 -12.14 7.53
C GLN A 34 3.36 -12.71 6.31
N GLY A 35 4.41 -12.05 5.84
CA GLY A 35 5.34 -12.56 4.85
C GLY A 35 4.94 -12.25 3.40
N ILE A 36 3.93 -11.40 3.21
CA ILE A 36 3.31 -11.12 1.93
C ILE A 36 3.08 -9.62 1.86
N VAL A 37 3.19 -9.01 0.69
CA VAL A 37 2.93 -7.58 0.52
C VAL A 37 1.97 -7.33 -0.65
N PRO A 38 1.03 -6.38 -0.50
CA PRO A 38 0.00 -6.09 -1.50
C PRO A 38 0.56 -5.47 -2.79
N CYS A 39 -0.16 -5.77 -3.87
CA CYS A 39 -0.17 -5.08 -5.14
C CYS A 39 -0.74 -3.70 -4.83
N LEU A 40 0.08 -2.66 -4.91
CA LEU A 40 -0.36 -1.27 -4.78
C LEU A 40 0.22 -0.56 -5.98
N THR A 41 -0.64 -0.13 -6.88
CA THR A 41 -0.23 0.38 -8.17
C THR A 41 0.08 1.87 -8.05
N ARG A 42 0.63 2.48 -9.10
CA ARG A 42 0.79 3.93 -9.07
C ARG A 42 -0.56 4.60 -8.87
N ALA A 43 -1.59 4.13 -9.59
CA ALA A 43 -2.91 4.73 -9.46
C ALA A 43 -3.40 4.59 -8.03
N GLN A 44 -3.36 3.38 -7.47
CA GLN A 44 -3.90 3.06 -6.16
C GLN A 44 -3.29 3.95 -5.07
N LEU A 45 -1.98 4.14 -5.10
CA LEU A 45 -1.32 5.00 -4.11
C LEU A 45 -1.74 6.44 -4.31
N ALA A 46 -1.71 6.93 -5.56
CA ALA A 46 -2.18 8.27 -5.87
C ALA A 46 -3.67 8.44 -5.52
N SER A 47 -4.45 7.36 -5.43
CA SER A 47 -5.87 7.46 -5.07
C SER A 47 -6.02 7.86 -3.59
N MET A 48 -5.09 7.45 -2.74
CA MET A 48 -4.99 7.89 -1.34
C MET A 48 -4.42 9.30 -1.26
N GLY A 49 -3.98 9.87 -2.39
CA GLY A 49 -3.33 11.16 -2.46
C GLY A 49 -1.81 11.06 -2.49
N LEU A 50 -1.19 9.88 -2.58
CA LEU A 50 0.28 9.80 -2.54
C LEU A 50 0.89 10.71 -3.61
N ASN A 51 1.92 11.48 -3.26
CA ASN A 51 2.73 12.28 -4.18
C ASN A 51 3.83 11.43 -4.82
N THR A 52 3.60 10.86 -6.00
CA THR A 52 4.62 10.10 -6.72
C THR A 52 5.84 10.97 -7.08
N ALA A 53 5.67 12.29 -7.21
CA ALA A 53 6.79 13.17 -7.50
C ALA A 53 7.79 13.21 -6.35
N SER A 54 7.37 12.99 -5.09
CA SER A 54 8.27 13.13 -3.95
C SER A 54 9.38 12.08 -3.96
N VAL A 55 9.16 10.97 -4.66
CA VAL A 55 9.94 9.77 -4.59
C VAL A 55 10.45 9.53 -6.01
N ALA A 56 11.65 10.03 -6.30
CA ALA A 56 12.19 10.28 -7.63
C ALA A 56 12.45 8.99 -8.41
N GLY A 57 11.40 8.42 -9.00
CA GLY A 57 11.38 7.06 -9.51
C GLY A 57 10.08 6.34 -9.22
N MET A 58 9.04 7.03 -8.71
CA MET A 58 7.70 6.46 -8.65
C MET A 58 6.86 6.85 -9.85
N ASN A 59 7.08 8.03 -10.43
CA ASN A 59 6.23 8.56 -11.49
C ASN A 59 6.30 7.78 -12.81
N LEU A 60 6.98 6.62 -12.85
CA LEU A 60 7.22 5.82 -14.03
C LEU A 60 6.77 4.37 -13.82
N LEU A 61 6.15 4.07 -12.67
CA LEU A 61 5.53 2.78 -12.39
C LEU A 61 4.17 2.76 -13.08
N ALA A 62 3.76 1.57 -13.54
CA ALA A 62 2.50 1.40 -14.23
C ALA A 62 1.29 1.51 -13.29
N ASP A 63 0.12 1.65 -13.91
CA ASP A 63 -1.20 1.73 -13.29
C ASP A 63 -1.65 0.39 -12.75
N ASP A 64 -0.94 -0.70 -13.06
CA ASP A 64 -1.17 -2.04 -12.54
C ASP A 64 0.18 -2.61 -12.08
N ALA A 65 1.04 -1.79 -11.47
CA ALA A 65 2.35 -2.23 -10.97
C ALA A 65 2.30 -2.68 -9.51
N CYS A 66 3.36 -3.35 -9.04
CA CYS A 66 3.55 -3.68 -7.63
C CYS A 66 4.58 -2.71 -7.01
N VAL A 67 4.30 -1.41 -7.05
CA VAL A 67 5.15 -0.34 -6.56
C VAL A 67 5.73 -0.71 -5.17
N PRO A 68 7.04 -0.49 -4.93
CA PRO A 68 7.70 -0.77 -3.66
C PRO A 68 7.29 0.22 -2.55
N LEU A 69 6.05 0.14 -2.08
CA LEU A 69 5.49 1.01 -1.04
C LEU A 69 6.17 0.84 0.31
N THR A 70 6.90 -0.24 0.50
CA THR A 70 7.59 -0.53 1.76
C THR A 70 9.10 -0.69 1.54
N THR A 71 9.60 -0.14 0.44
CA THR A 71 11.01 0.02 0.17
C THR A 71 11.26 1.49 -0.21
N MET A 72 10.74 1.99 -1.35
CA MET A 72 11.02 3.37 -1.80
C MET A 72 10.44 4.44 -0.86
N VAL A 73 9.44 4.09 -0.05
CA VAL A 73 8.80 5.02 0.85
C VAL A 73 9.23 4.60 2.25
N GLN A 74 10.10 5.39 2.89
CA GLN A 74 10.49 5.16 4.28
C GLN A 74 9.28 5.47 5.18
N ASP A 75 9.30 5.00 6.43
CA ASP A 75 8.24 5.12 7.44
C ASP A 75 6.95 4.36 7.10
N ALA A 76 6.68 4.17 5.81
CA ALA A 76 5.49 3.53 5.29
C ALA A 76 5.48 2.03 5.60
N THR A 77 4.28 1.48 5.57
CA THR A 77 4.00 0.05 5.75
C THR A 77 2.75 -0.31 4.94
N ALA A 78 2.53 -1.61 4.72
CA ALA A 78 1.27 -2.18 4.27
C ALA A 78 1.09 -3.51 5.02
N HIS A 79 0.05 -3.61 5.82
CA HIS A 79 -0.20 -4.63 6.84
C HIS A 79 -1.65 -5.09 6.65
N LEU A 80 -1.86 -6.34 6.22
CA LEU A 80 -3.20 -6.94 6.17
C LEU A 80 -3.57 -7.37 7.59
N ASP A 81 -4.56 -6.71 8.19
CA ASP A 81 -5.30 -7.18 9.34
C ASP A 81 -6.50 -7.96 8.81
N VAL A 82 -6.37 -9.26 8.58
CA VAL A 82 -7.53 -10.08 8.22
C VAL A 82 -8.52 -10.19 9.38
N GLY A 83 -8.07 -9.91 10.61
CA GLY A 83 -8.91 -10.03 11.77
C GLY A 83 -9.93 -8.90 11.80
N GLN A 84 -9.53 -7.70 11.37
CA GLN A 84 -10.41 -6.52 11.31
C GLN A 84 -10.79 -6.14 9.88
N GLN A 85 -10.43 -6.95 8.89
CA GLN A 85 -10.51 -6.64 7.47
C GLN A 85 -10.02 -5.23 7.17
N ARG A 86 -8.81 -4.94 7.64
CA ARG A 86 -8.20 -3.63 7.52
C ARG A 86 -6.82 -3.80 6.92
N LEU A 87 -6.61 -3.31 5.71
CA LEU A 87 -5.26 -3.15 5.22
C LEU A 87 -4.74 -1.86 5.86
N ASN A 88 -4.15 -1.97 7.04
CA ASN A 88 -3.43 -0.87 7.66
C ASN A 88 -2.30 -0.48 6.74
N LEU A 89 -2.17 0.81 6.50
CA LEU A 89 -1.22 1.38 5.57
C LEU A 89 -0.71 2.68 6.16
N THR A 90 0.55 3.01 5.94
CA THR A 90 1.11 4.27 6.42
C THR A 90 1.99 4.85 5.31
N ILE A 91 2.05 6.18 5.20
CA ILE A 91 2.98 6.94 4.34
C ILE A 91 3.29 8.22 5.10
N PRO A 92 4.56 8.68 5.11
CA PRO A 92 4.93 9.99 5.64
C PRO A 92 4.37 11.11 4.75
N GLN A 93 3.97 12.24 5.33
CA GLN A 93 3.36 13.37 4.63
C GLN A 93 4.22 13.91 3.48
N ALA A 94 5.55 13.71 3.51
CA ALA A 94 6.41 14.08 2.40
C ALA A 94 5.99 13.38 1.10
N PHE A 95 5.38 12.19 1.14
CA PHE A 95 4.98 11.47 -0.06
C PHE A 95 3.46 11.52 -0.14
N MET A 96 2.86 12.64 0.24
CA MET A 96 1.42 12.86 0.23
C MET A 96 1.18 14.19 -0.46
N SER A 97 0.49 14.14 -1.59
CA SER A 97 0.05 15.33 -2.28
C SER A 97 -1.06 15.99 -1.47
N ASN A 98 -1.49 17.14 -1.98
CA ASN A 98 -2.65 17.87 -1.51
C ASN A 98 -3.93 17.05 -1.75
N ARG A 99 -5.02 17.49 -1.11
CA ARG A 99 -6.37 16.92 -1.14
C ARG A 99 -6.47 15.51 -0.58
N ALA A 100 -5.84 14.51 -1.17
CA ALA A 100 -6.16 13.07 -1.02
C ALA A 100 -7.56 12.64 -1.46
N ARG A 101 -8.51 13.58 -1.48
CA ARG A 101 -9.92 13.43 -1.79
C ARG A 101 -10.58 12.61 -0.70
N GLY A 1 9.04 -13.69 9.34
CA GLY A 1 9.33 -14.70 8.31
C GLY A 1 8.25 -14.73 7.24
N GLN A 2 7.48 -15.82 7.16
CA GLN A 2 6.30 -15.92 6.31
C GLN A 2 5.37 -16.93 6.95
N GLU A 3 4.07 -16.64 6.85
CA GLU A 3 3.02 -17.39 7.50
C GLU A 3 1.64 -17.03 6.95
N LEU A 4 1.61 -16.46 5.75
CA LEU A 4 0.40 -16.09 5.06
C LEU A 4 0.64 -16.20 3.55
N PRO A 5 0.26 -17.29 2.89
CA PRO A 5 0.62 -17.54 1.50
C PRO A 5 -0.12 -16.57 0.55
N PRO A 6 0.44 -16.27 -0.63
CA PRO A 6 0.01 -15.18 -1.51
C PRO A 6 -1.40 -15.40 -2.11
N GLY A 7 -1.95 -14.38 -2.79
CA GLY A 7 -3.34 -14.42 -3.23
C GLY A 7 -4.00 -13.03 -3.19
N THR A 8 -5.28 -12.95 -2.83
CA THR A 8 -6.00 -11.69 -2.63
C THR A 8 -6.87 -11.82 -1.36
N TYR A 9 -7.28 -10.69 -0.79
CA TYR A 9 -8.10 -10.59 0.42
C TYR A 9 -9.31 -9.70 0.13
N ARG A 10 -10.09 -9.30 1.14
CA ARG A 10 -11.06 -8.21 1.10
C ARG A 10 -10.97 -7.44 2.41
N VAL A 11 -10.64 -6.16 2.36
CA VAL A 11 -10.50 -5.30 3.55
C VAL A 11 -10.75 -3.86 3.15
N ASP A 12 -10.72 -3.00 4.16
CA ASP A 12 -10.79 -1.58 3.98
C ASP A 12 -9.35 -1.09 3.94
N ILE A 13 -8.91 -0.52 2.84
CA ILE A 13 -7.68 0.27 2.73
C ILE A 13 -7.87 1.40 3.76
N TYR A 14 -7.01 1.51 4.77
CA TYR A 14 -7.03 2.63 5.70
C TYR A 14 -5.64 3.26 5.68
N LEU A 15 -5.50 4.41 5.02
CA LEU A 15 -4.27 5.20 5.08
C LEU A 15 -4.33 6.10 6.28
N ASN A 16 -3.32 6.09 7.15
CA ASN A 16 -3.13 7.07 8.22
C ASN A 16 -4.41 7.29 9.02
N ASN A 17 -5.13 6.20 9.29
CA ASN A 17 -6.35 6.12 10.10
C ASN A 17 -7.56 6.73 9.38
N GLY A 18 -7.61 6.62 8.05
CA GLY A 18 -8.76 6.98 7.24
C GLY A 18 -8.92 6.02 6.07
N TYR A 19 -10.16 5.56 5.84
CA TYR A 19 -10.61 4.73 4.75
C TYR A 19 -10.20 5.35 3.41
N MET A 20 -9.66 4.54 2.50
CA MET A 20 -9.37 4.94 1.11
C MET A 20 -9.77 3.79 0.17
N ALA A 21 -11.03 3.38 0.31
CA ALA A 21 -11.79 2.33 -0.39
C ALA A 21 -11.81 1.02 0.40
N THR A 22 -12.76 0.15 0.07
CA THR A 22 -12.79 -1.22 0.57
C THR A 22 -13.05 -2.11 -0.64
N ARG A 23 -12.13 -3.02 -0.88
CA ARG A 23 -12.09 -3.87 -2.05
C ARG A 23 -11.18 -5.04 -1.79
N ASP A 24 -11.09 -5.93 -2.76
CA ASP A 24 -10.01 -6.88 -2.81
C ASP A 24 -8.70 -6.15 -3.02
N VAL A 25 -7.58 -6.67 -2.49
CA VAL A 25 -6.24 -6.20 -2.78
C VAL A 25 -5.44 -7.48 -2.96
N THR A 26 -5.07 -7.81 -4.19
CA THR A 26 -4.14 -8.90 -4.45
C THR A 26 -2.82 -8.56 -3.76
N PHE A 27 -2.09 -9.54 -3.26
CA PHE A 27 -0.81 -9.42 -2.59
C PHE A 27 0.08 -10.55 -3.09
N ASN A 28 1.38 -10.37 -2.96
CA ASN A 28 2.36 -11.30 -3.49
C ASN A 28 3.35 -11.66 -2.40
N THR A 29 4.06 -12.74 -2.65
CA THR A 29 5.20 -13.24 -1.92
C THR A 29 6.14 -12.06 -1.64
N GLY A 30 6.31 -11.71 -0.37
CA GLY A 30 6.94 -10.49 0.07
C GLY A 30 7.75 -10.77 1.32
N ASP A 31 8.23 -9.73 2.00
CA ASP A 31 8.88 -9.86 3.30
C ASP A 31 8.29 -8.77 4.16
N SER A 32 7.47 -9.15 5.12
CA SER A 32 6.95 -8.34 6.19
C SER A 32 6.48 -9.34 7.26
N GLU A 33 5.81 -8.88 8.31
CA GLU A 33 5.24 -9.68 9.40
C GLU A 33 4.58 -10.97 8.87
N GLN A 34 3.63 -10.82 7.94
CA GLN A 34 2.86 -11.93 7.36
C GLN A 34 3.66 -12.72 6.32
N GLY A 35 4.66 -12.10 5.69
CA GLY A 35 5.38 -12.67 4.57
C GLY A 35 4.79 -12.33 3.19
N ILE A 36 3.84 -11.39 3.10
CA ILE A 36 3.16 -10.97 1.86
C ILE A 36 2.85 -9.48 1.94
N VAL A 37 2.79 -8.79 0.79
CA VAL A 37 2.43 -7.36 0.75
C VAL A 37 1.49 -7.07 -0.43
N PRO A 38 0.52 -6.13 -0.29
CA PRO A 38 -0.51 -5.79 -1.29
C PRO A 38 0.07 -5.19 -2.58
N CYS A 39 -0.64 -5.38 -3.68
CA CYS A 39 -0.31 -4.88 -5.00
C CYS A 39 -0.87 -3.47 -5.11
N LEU A 40 -0.14 -2.49 -4.59
CA LEU A 40 -0.52 -1.09 -4.63
C LEU A 40 0.12 -0.53 -5.88
N THR A 41 -0.67 -0.21 -6.90
CA THR A 41 -0.15 0.22 -8.20
C THR A 41 -0.03 1.75 -8.20
N ARG A 42 0.59 2.34 -9.23
CA ARG A 42 0.75 3.79 -9.27
C ARG A 42 -0.59 4.49 -9.19
N ALA A 43 -1.57 3.97 -9.92
CA ALA A 43 -2.92 4.52 -9.86
C ALA A 43 -3.43 4.44 -8.43
N GLN A 44 -3.43 3.25 -7.82
CA GLN A 44 -3.98 3.01 -6.50
C GLN A 44 -3.36 3.96 -5.47
N LEU A 45 -2.06 4.19 -5.56
CA LEU A 45 -1.36 5.10 -4.65
C LEU A 45 -1.81 6.54 -4.84
N ALA A 46 -1.78 7.04 -6.07
CA ALA A 46 -2.31 8.36 -6.36
C ALA A 46 -3.82 8.43 -6.03
N SER A 47 -4.51 7.28 -5.93
CA SER A 47 -5.93 7.19 -5.57
C SER A 47 -6.15 7.42 -4.08
N MET A 48 -5.09 7.50 -3.28
CA MET A 48 -5.07 7.95 -1.89
C MET A 48 -4.10 9.13 -1.76
N GLY A 49 -3.78 9.83 -2.86
CA GLY A 49 -3.03 11.07 -2.87
C GLY A 49 -1.55 10.90 -2.50
N LEU A 50 -1.02 9.68 -2.63
CA LEU A 50 0.42 9.46 -2.57
C LEU A 50 1.07 10.23 -3.72
N ASN A 51 2.12 10.91 -3.35
CA ASN A 51 2.90 11.85 -4.12
C ASN A 51 4.01 11.12 -4.87
N THR A 52 3.76 10.52 -6.04
CA THR A 52 4.82 9.81 -6.76
C THR A 52 5.92 10.79 -7.23
N ALA A 53 5.63 12.09 -7.18
CA ALA A 53 6.51 13.17 -7.56
C ALA A 53 7.38 13.63 -6.39
N SER A 54 7.19 13.06 -5.20
CA SER A 54 8.14 13.21 -4.13
C SER A 54 9.32 12.29 -4.48
N VAL A 55 9.04 11.00 -4.58
CA VAL A 55 9.99 9.92 -4.61
C VAL A 55 10.50 9.72 -6.03
N ALA A 56 11.73 10.19 -6.24
CA ALA A 56 12.49 9.91 -7.43
C ALA A 56 12.51 8.40 -7.64
N GLY A 57 12.11 7.96 -8.83
CA GLY A 57 11.99 6.56 -9.16
C GLY A 57 10.61 5.96 -8.96
N MET A 58 9.56 6.75 -8.64
CA MET A 58 8.18 6.23 -8.57
C MET A 58 7.30 6.67 -9.73
N ASN A 59 7.45 7.93 -10.17
CA ASN A 59 6.69 8.59 -11.24
C ASN A 59 6.89 8.00 -12.65
N LEU A 60 7.42 6.79 -12.76
CA LEU A 60 7.73 6.05 -13.98
C LEU A 60 7.18 4.60 -13.93
N LEU A 61 6.58 4.18 -12.81
CA LEU A 61 6.02 2.84 -12.64
C LEU A 61 4.65 2.73 -13.31
N ALA A 62 4.24 1.52 -13.67
CA ALA A 62 3.03 1.25 -14.43
C ALA A 62 1.75 1.45 -13.63
N ASP A 63 0.60 1.24 -14.27
CA ASP A 63 -0.72 1.17 -13.65
C ASP A 63 -0.96 -0.15 -12.91
N ASP A 64 -0.04 -1.10 -13.07
CA ASP A 64 0.00 -2.38 -12.39
C ASP A 64 1.42 -2.94 -12.41
N ALA A 65 2.29 -2.29 -11.65
CA ALA A 65 3.62 -2.74 -11.30
C ALA A 65 3.83 -2.53 -9.80
N CYS A 66 2.89 -3.06 -9.03
CA CYS A 66 3.10 -3.59 -7.69
C CYS A 66 4.15 -2.80 -6.88
N VAL A 67 3.90 -1.52 -6.64
CA VAL A 67 4.94 -0.52 -6.39
C VAL A 67 5.74 -0.92 -5.14
N PRO A 68 7.05 -0.63 -5.09
CA PRO A 68 7.83 -0.74 -3.87
C PRO A 68 7.46 0.39 -2.88
N LEU A 69 6.18 0.45 -2.47
CA LEU A 69 5.63 1.50 -1.62
C LEU A 69 6.25 1.46 -0.22
N THR A 70 6.93 0.38 0.17
CA THR A 70 7.58 0.26 1.46
C THR A 70 9.08 -0.06 1.28
N THR A 71 9.60 0.03 0.05
CA THR A 71 10.99 -0.29 -0.29
C THR A 71 11.67 0.92 -0.97
N MET A 72 10.94 1.77 -1.67
CA MET A 72 11.42 3.07 -2.15
C MET A 72 11.05 4.22 -1.21
N VAL A 73 10.17 3.96 -0.24
CA VAL A 73 9.75 4.91 0.76
C VAL A 73 10.22 4.36 2.10
N GLN A 74 10.43 5.27 3.04
CA GLN A 74 10.65 4.93 4.44
C GLN A 74 9.41 5.37 5.23
N ASP A 75 9.23 4.85 6.44
CA ASP A 75 8.16 5.16 7.41
C ASP A 75 6.82 4.52 7.05
N ALA A 76 6.47 4.45 5.76
CA ALA A 76 5.26 3.76 5.31
C ALA A 76 5.32 2.27 5.64
N THR A 77 4.14 1.63 5.63
CA THR A 77 3.98 0.21 5.92
C THR A 77 2.67 -0.31 5.26
N ALA A 78 2.50 -1.64 5.12
CA ALA A 78 1.28 -2.28 4.61
C ALA A 78 0.97 -3.62 5.31
N HIS A 79 0.28 -3.57 6.45
CA HIS A 79 -0.14 -4.73 7.23
C HIS A 79 -1.59 -5.08 6.88
N LEU A 80 -1.81 -6.24 6.25
CA LEU A 80 -3.12 -6.82 6.02
C LEU A 80 -3.57 -7.47 7.33
N ASP A 81 -4.56 -6.86 7.97
CA ASP A 81 -5.17 -7.29 9.23
C ASP A 81 -6.45 -8.01 8.85
N VAL A 82 -6.33 -9.25 8.37
CA VAL A 82 -7.48 -10.03 7.91
C VAL A 82 -8.55 -10.12 8.98
N GLY A 83 -8.14 -10.21 10.25
CA GLY A 83 -9.07 -10.32 11.35
C GLY A 83 -9.84 -9.03 11.59
N GLN A 84 -9.27 -7.86 11.29
CA GLN A 84 -10.03 -6.61 11.41
C GLN A 84 -10.75 -6.24 10.11
N GLN A 85 -10.54 -7.04 9.05
CA GLN A 85 -10.78 -6.67 7.66
C GLN A 85 -10.29 -5.25 7.36
N ARG A 86 -9.10 -4.91 7.85
CA ARG A 86 -8.46 -3.62 7.60
C ARG A 86 -7.13 -3.89 6.95
N LEU A 87 -6.83 -3.19 5.85
CA LEU A 87 -5.48 -3.02 5.40
C LEU A 87 -4.94 -1.80 6.14
N ASN A 88 -4.15 -2.03 7.19
CA ASN A 88 -3.40 -0.99 7.85
C ASN A 88 -2.36 -0.51 6.85
N LEU A 89 -2.43 0.76 6.49
CA LEU A 89 -1.54 1.38 5.53
C LEU A 89 -1.11 2.69 6.17
N THR A 90 0.17 3.02 6.09
CA THR A 90 0.66 4.33 6.49
C THR A 90 1.48 4.84 5.32
N ILE A 91 1.49 6.16 5.09
CA ILE A 91 2.48 6.84 4.28
C ILE A 91 2.81 8.14 5.01
N PRO A 92 4.11 8.49 5.13
CA PRO A 92 4.55 9.73 5.74
C PRO A 92 4.05 10.93 4.94
N GLN A 93 3.89 12.06 5.63
CA GLN A 93 3.47 13.32 5.00
C GLN A 93 4.43 13.77 3.90
N ALA A 94 5.66 13.30 3.90
CA ALA A 94 6.61 13.55 2.82
C ALA A 94 6.11 13.00 1.49
N PHE A 95 5.49 11.80 1.45
CA PHE A 95 5.12 11.16 0.20
C PHE A 95 3.60 11.34 0.03
N MET A 96 3.07 12.51 0.41
CA MET A 96 1.65 12.82 0.34
C MET A 96 1.49 14.13 -0.43
N SER A 97 0.32 14.34 -1.01
CA SER A 97 0.04 15.53 -1.81
C SER A 97 -1.03 16.40 -1.11
N ASN A 98 -0.84 16.66 0.19
CA ASN A 98 -1.63 17.58 1.04
C ASN A 98 -3.16 17.43 0.86
N ARG A 99 -3.63 16.18 0.68
CA ARG A 99 -5.04 15.90 0.46
C ARG A 99 -5.40 14.52 0.93
N ALA A 100 -4.78 13.48 0.38
CA ALA A 100 -5.26 12.09 0.36
C ALA A 100 -6.64 11.89 -0.32
N ARG A 101 -7.40 12.97 -0.51
CA ARG A 101 -8.78 13.05 -0.94
C ARG A 101 -9.66 12.27 0.02
N GLY A 1 9.55 -16.03 9.21
CA GLY A 1 8.55 -14.96 9.25
C GLY A 1 7.64 -15.01 8.03
N GLN A 2 6.91 -16.11 7.83
CA GLN A 2 5.88 -16.25 6.81
C GLN A 2 4.75 -17.00 7.50
N GLU A 3 3.63 -16.32 7.69
CA GLU A 3 2.51 -16.79 8.50
C GLU A 3 1.17 -16.52 7.84
N LEU A 4 1.21 -16.21 6.54
CA LEU A 4 0.09 -15.70 5.76
C LEU A 4 0.41 -15.95 4.27
N PRO A 5 -0.03 -17.07 3.69
CA PRO A 5 0.42 -17.51 2.37
C PRO A 5 -0.16 -16.61 1.28
N PRO A 6 0.57 -16.30 0.19
CA PRO A 6 0.19 -15.31 -0.81
C PRO A 6 -1.11 -15.69 -1.54
N GLY A 7 -1.72 -14.74 -2.25
CA GLY A 7 -3.11 -14.88 -2.66
C GLY A 7 -3.83 -13.53 -2.66
N THR A 8 -5.12 -13.50 -2.32
CA THR A 8 -5.86 -12.27 -2.12
C THR A 8 -6.74 -12.42 -0.86
N TYR A 9 -7.19 -11.27 -0.36
CA TYR A 9 -7.99 -10.93 0.81
C TYR A 9 -9.03 -9.92 0.33
N ARG A 10 -9.89 -9.45 1.22
CA ARG A 10 -10.91 -8.46 0.96
C ARG A 10 -11.01 -7.53 2.19
N VAL A 11 -10.67 -6.24 2.03
CA VAL A 11 -10.57 -5.27 3.12
C VAL A 11 -10.85 -3.87 2.62
N ASP A 12 -10.75 -2.95 3.57
CA ASP A 12 -10.76 -1.54 3.32
C ASP A 12 -9.32 -1.08 3.47
N ILE A 13 -8.77 -0.50 2.41
CA ILE A 13 -7.49 0.16 2.37
C ILE A 13 -7.63 1.38 3.26
N TYR A 14 -6.78 1.47 4.28
CA TYR A 14 -6.87 2.41 5.37
C TYR A 14 -5.49 2.98 5.56
N LEU A 15 -5.25 4.14 4.98
CA LEU A 15 -3.98 4.80 5.08
C LEU A 15 -3.96 5.66 6.32
N ASN A 16 -2.91 5.57 7.14
CA ASN A 16 -2.67 6.47 8.27
C ASN A 16 -3.93 6.61 9.13
N ASN A 17 -4.62 5.48 9.37
CA ASN A 17 -5.88 5.35 10.11
C ASN A 17 -7.09 6.01 9.43
N GLY A 18 -7.18 5.97 8.09
CA GLY A 18 -8.29 6.57 7.37
C GLY A 18 -8.58 5.78 6.09
N TYR A 19 -9.83 5.38 5.88
CA TYR A 19 -10.33 4.70 4.67
C TYR A 19 -9.91 5.46 3.42
N MET A 20 -9.45 4.75 2.39
CA MET A 20 -9.14 5.29 1.07
C MET A 20 -9.80 4.46 -0.05
N ALA A 21 -9.98 3.14 0.11
CA ALA A 21 -10.61 2.25 -0.88
C ALA A 21 -11.15 0.99 -0.20
N THR A 22 -11.99 0.21 -0.90
CA THR A 22 -12.48 -1.10 -0.50
C THR A 22 -12.32 -1.99 -1.73
N ARG A 23 -11.62 -3.13 -1.61
CA ARG A 23 -11.46 -4.10 -2.70
C ARG A 23 -10.61 -5.25 -2.21
N ASP A 24 -10.48 -6.26 -3.07
CA ASP A 24 -9.50 -7.32 -2.90
C ASP A 24 -8.16 -6.79 -3.44
N VAL A 25 -7.04 -7.18 -2.83
CA VAL A 25 -5.73 -6.55 -3.01
C VAL A 25 -4.66 -7.65 -3.12
N THR A 26 -4.61 -8.34 -4.25
CA THR A 26 -3.76 -9.51 -4.43
C THR A 26 -2.35 -9.25 -3.88
N PHE A 27 -1.80 -10.16 -3.10
CA PHE A 27 -0.56 -10.02 -2.41
C PHE A 27 0.28 -11.25 -2.69
N ASN A 28 1.58 -11.06 -2.65
CA ASN A 28 2.60 -11.98 -3.15
C ASN A 28 3.71 -12.04 -2.13
N THR A 29 4.57 -13.03 -2.25
CA THR A 29 5.67 -13.25 -1.33
C THR A 29 6.50 -11.96 -1.28
N GLY A 30 6.86 -11.51 -0.08
CA GLY A 30 7.54 -10.24 0.11
C GLY A 30 8.02 -10.16 1.54
N ASP A 31 8.54 -9.00 1.92
CA ASP A 31 8.91 -8.78 3.30
C ASP A 31 7.80 -7.96 3.94
N SER A 32 6.99 -8.57 4.79
CA SER A 32 6.31 -7.88 5.88
C SER A 32 6.25 -8.90 7.00
N GLU A 33 5.67 -8.50 8.13
CA GLU A 33 5.56 -9.33 9.32
C GLU A 33 4.83 -10.64 8.98
N GLN A 34 3.83 -10.56 8.12
CA GLN A 34 3.06 -11.69 7.62
C GLN A 34 3.81 -12.55 6.57
N GLY A 35 4.84 -12.01 5.92
CA GLY A 35 5.63 -12.69 4.89
C GLY A 35 5.22 -12.37 3.44
N ILE A 36 4.32 -11.40 3.23
CA ILE A 36 3.67 -11.09 1.95
C ILE A 36 3.51 -9.57 1.80
N VAL A 37 3.28 -9.07 0.59
CA VAL A 37 2.99 -7.66 0.32
C VAL A 37 1.86 -7.50 -0.70
N PRO A 38 0.96 -6.51 -0.55
CA PRO A 38 -0.15 -6.21 -1.46
C PRO A 38 0.29 -5.47 -2.73
N CYS A 39 -0.48 -5.70 -3.80
CA CYS A 39 -0.41 -5.03 -5.09
C CYS A 39 -1.14 -3.69 -5.01
N LEU A 40 -0.37 -2.59 -4.98
CA LEU A 40 -0.85 -1.20 -4.92
C LEU A 40 -0.15 -0.51 -6.09
N THR A 41 -0.91 0.05 -7.02
CA THR A 41 -0.39 0.51 -8.29
C THR A 41 -0.09 2.01 -8.24
N ARG A 42 0.43 2.61 -9.33
CA ARG A 42 0.65 4.03 -9.36
C ARG A 42 -0.63 4.79 -9.07
N ALA A 43 -1.72 4.38 -9.73
CA ALA A 43 -3.00 4.98 -9.47
C ALA A 43 -3.38 4.83 -8.00
N GLN A 44 -3.41 3.59 -7.51
CA GLN A 44 -3.94 3.25 -6.20
C GLN A 44 -3.30 4.08 -5.10
N LEU A 45 -1.99 4.32 -5.20
CA LEU A 45 -1.27 5.06 -4.18
C LEU A 45 -1.55 6.55 -4.37
N ALA A 46 -1.58 7.05 -5.61
CA ALA A 46 -1.99 8.43 -5.86
C ALA A 46 -3.41 8.67 -5.32
N SER A 47 -4.27 7.64 -5.34
CA SER A 47 -5.66 7.75 -4.92
C SER A 47 -5.80 7.93 -3.40
N MET A 48 -4.80 7.51 -2.63
CA MET A 48 -4.71 7.73 -1.18
C MET A 48 -3.83 8.96 -0.88
N GLY A 49 -3.47 9.78 -1.88
CA GLY A 49 -2.88 11.08 -1.67
C GLY A 49 -1.37 11.09 -1.78
N LEU A 50 -0.75 9.95 -2.08
CA LEU A 50 0.70 9.78 -2.18
C LEU A 50 1.21 10.68 -3.29
N ASN A 51 2.34 11.32 -3.02
CA ASN A 51 2.97 12.29 -3.92
C ASN A 51 4.05 11.61 -4.75
N THR A 52 3.71 11.14 -5.95
CA THR A 52 4.62 10.41 -6.84
C THR A 52 5.91 11.19 -7.11
N ALA A 53 5.83 12.51 -7.22
CA ALA A 53 6.99 13.34 -7.51
C ALA A 53 7.95 13.46 -6.31
N SER A 54 7.50 13.14 -5.09
CA SER A 54 8.35 13.10 -3.92
C SER A 54 9.24 11.86 -3.87
N VAL A 55 9.04 10.88 -4.76
CA VAL A 55 9.79 9.64 -4.73
C VAL A 55 10.67 9.62 -5.97
N ALA A 56 11.73 8.82 -5.99
CA ALA A 56 12.46 8.58 -7.23
C ALA A 56 11.76 7.44 -7.97
N GLY A 57 11.77 7.48 -9.30
CA GLY A 57 11.31 6.38 -10.13
C GLY A 57 9.87 5.96 -9.84
N MET A 58 8.97 6.90 -9.55
CA MET A 58 7.58 6.60 -9.27
C MET A 58 6.62 7.23 -10.27
N ASN A 59 6.86 8.49 -10.65
CA ASN A 59 6.05 9.27 -11.58
C ASN A 59 6.12 8.78 -13.04
N LEU A 60 6.48 7.52 -13.23
CA LEU A 60 6.62 6.81 -14.48
C LEU A 60 6.08 5.37 -14.37
N LEU A 61 5.61 4.91 -13.20
CA LEU A 61 5.18 3.52 -13.05
C LEU A 61 3.79 3.36 -13.65
N ALA A 62 3.52 2.16 -14.19
CA ALA A 62 2.25 1.86 -14.83
C ALA A 62 1.09 1.92 -13.83
N ASP A 63 -0.11 1.99 -14.39
CA ASP A 63 -1.36 1.97 -13.65
C ASP A 63 -1.69 0.62 -13.03
N ASP A 64 -0.88 -0.39 -13.36
CA ASP A 64 -0.67 -1.60 -12.59
C ASP A 64 0.75 -2.08 -12.83
N ALA A 65 1.68 -1.45 -12.12
CA ALA A 65 3.05 -1.92 -11.96
C ALA A 65 3.35 -2.00 -10.47
N CYS A 66 2.49 -2.71 -9.73
CA CYS A 66 2.80 -3.41 -8.48
C CYS A 66 3.87 -2.71 -7.64
N VAL A 67 3.60 -1.45 -7.28
CA VAL A 67 4.64 -0.48 -6.98
C VAL A 67 5.40 -1.02 -5.77
N PRO A 68 6.74 -0.94 -5.73
CA PRO A 68 7.44 -1.27 -4.51
C PRO A 68 7.21 -0.14 -3.51
N LEU A 69 6.06 -0.11 -2.84
CA LEU A 69 5.73 1.04 -2.01
C LEU A 69 6.86 1.23 -1.02
N THR A 70 7.12 0.20 -0.24
CA THR A 70 7.98 0.30 0.94
C THR A 70 9.44 0.43 0.50
N THR A 71 9.80 -0.18 -0.63
CA THR A 71 11.19 -0.28 -1.08
C THR A 71 11.66 1.05 -1.69
N MET A 72 10.73 1.95 -2.03
CA MET A 72 10.96 3.28 -2.55
C MET A 72 10.47 4.37 -1.59
N VAL A 73 9.58 4.04 -0.64
CA VAL A 73 9.04 4.95 0.35
C VAL A 73 9.30 4.29 1.70
N GLN A 74 10.42 4.63 2.32
CA GLN A 74 10.66 4.20 3.68
C GLN A 74 9.57 4.78 4.59
N ASP A 75 9.36 4.15 5.75
CA ASP A 75 8.37 4.50 6.78
C ASP A 75 6.96 4.07 6.38
N ALA A 76 6.70 3.83 5.08
CA ALA A 76 5.51 3.15 4.63
C ALA A 76 5.61 1.64 4.91
N THR A 77 4.47 0.98 5.02
CA THR A 77 4.34 -0.47 5.19
C THR A 77 3.00 -0.92 4.57
N ALA A 78 2.75 -2.24 4.57
CA ALA A 78 1.46 -2.89 4.45
C ALA A 78 1.27 -3.84 5.63
N HIS A 79 0.17 -3.72 6.35
CA HIS A 79 -0.33 -4.68 7.33
C HIS A 79 -1.76 -5.01 6.91
N LEU A 80 -2.00 -6.23 6.44
CA LEU A 80 -3.36 -6.72 6.24
C LEU A 80 -3.83 -7.12 7.63
N ASP A 81 -4.78 -6.37 8.18
CA ASP A 81 -5.51 -6.79 9.36
C ASP A 81 -6.68 -7.63 8.86
N VAL A 82 -6.51 -8.95 8.73
CA VAL A 82 -7.64 -9.77 8.32
C VAL A 82 -8.74 -9.76 9.39
N GLY A 83 -8.38 -9.53 10.65
CA GLY A 83 -9.32 -9.59 11.76
C GLY A 83 -10.36 -8.48 11.65
N GLN A 84 -9.90 -7.25 11.42
CA GLN A 84 -10.77 -6.10 11.22
C GLN A 84 -11.18 -5.97 9.75
N GLN A 85 -10.60 -6.78 8.87
CA GLN A 85 -10.64 -6.62 7.42
C GLN A 85 -10.26 -5.19 7.05
N ARG A 86 -9.12 -4.74 7.58
CA ARG A 86 -8.57 -3.43 7.32
C ARG A 86 -7.17 -3.62 6.79
N LEU A 87 -6.88 -3.15 5.58
CA LEU A 87 -5.50 -3.04 5.16
C LEU A 87 -4.95 -1.78 5.81
N ASN A 88 -4.31 -1.94 6.96
CA ASN A 88 -3.62 -0.89 7.69
C ASN A 88 -2.36 -0.53 6.89
N LEU A 89 -2.50 0.47 6.04
CA LEU A 89 -1.47 0.99 5.15
C LEU A 89 -0.89 2.23 5.81
N THR A 90 0.40 2.51 5.61
CA THR A 90 1.05 3.68 6.19
C THR A 90 1.85 4.37 5.10
N ILE A 91 1.94 5.70 5.13
CA ILE A 91 2.89 6.52 4.39
C ILE A 91 3.29 7.70 5.28
N PRO A 92 4.57 8.08 5.31
CA PRO A 92 5.03 9.26 6.03
C PRO A 92 4.50 10.53 5.36
N GLN A 93 4.17 11.55 6.15
CA GLN A 93 3.60 12.80 5.64
C GLN A 93 4.48 13.48 4.59
N ALA A 94 5.80 13.28 4.63
CA ALA A 94 6.72 13.81 3.65
C ALA A 94 6.50 13.25 2.24
N PHE A 95 5.68 12.20 2.04
CA PHE A 95 5.41 11.65 0.71
C PHE A 95 3.92 11.80 0.44
N MET A 96 3.30 12.90 0.86
CA MET A 96 1.87 13.10 0.70
C MET A 96 1.65 14.45 0.05
N SER A 97 0.55 14.56 -0.68
CA SER A 97 0.07 15.80 -1.24
C SER A 97 -0.46 16.69 -0.12
N ASN A 98 -1.01 17.86 -0.45
CA ASN A 98 -1.73 18.69 0.53
C ASN A 98 -2.78 17.89 1.27
N ARG A 99 -3.63 17.16 0.57
CA ARG A 99 -4.76 16.47 1.17
C ARG A 99 -5.00 15.15 0.45
N ALA A 100 -4.79 14.05 1.16
CA ALA A 100 -5.47 12.79 0.87
C ALA A 100 -6.95 13.00 1.21
N ARG A 101 -7.84 12.69 0.27
CA ARG A 101 -9.28 12.90 0.36
C ARG A 101 -9.95 11.66 -0.20
#